data_7L8D
#
_entry.id   7L8D
#
loop_
_entity.id
_entity.type
_entity.pdbx_description
1 polymer 'Rh.33104 pAbC-3 - Heavy Chain'
2 polymer 'Rh.33104 pAbC-3 - Light Chain'
3 polymer 'BG505 SOSIP MD39 - gp120'
4 polymer 'BG505 SOSIP MD39 - gp41'
5 branched 2-acetamido-2-deoxy-beta-D-glucopyranose-(1-4)-2-acetamido-2-deoxy-beta-D-glucopyranose
6 branched alpha-D-mannopyranose-(1-3)-[alpha-D-mannopyranose-(1-6)]beta-D-mannopyranose-(1-4)-2-acetamido-2-deoxy-beta-D-glucopyranose-(1-4)-2-acetamido-2-deoxy-beta-D-glucopyranose
7 branched beta-D-mannopyranose-(1-4)-2-acetamido-2-deoxy-beta-D-glucopyranose-(1-4)-2-acetamido-2-deoxy-beta-D-glucopyranose
8 non-polymer 2-acetamido-2-deoxy-beta-D-glucopyranose
#
loop_
_entity_poly.entity_id
_entity_poly.type
_entity_poly.pdbx_seq_one_letter_code
_entity_poly.pdbx_strand_id
1 'polypeptide(L)'
;(UNK)(UNK)(UNK)(UNK)(UNK)(UNK)(UNK)(UNK)(UNK)(UNK)(UNK)(UNK)(UNK)(UNK)(UNK)(UNK)
(UNK)(UNK)(UNK)(UNK)(UNK)(UNK)(UNK)(UNK)(UNK)(UNK)(UNK)(UNK)(UNK)(UNK)(UNK)(UNK)
(UNK)(UNK)(UNK)(UNK)(UNK)(UNK)(UNK)(UNK)(UNK)(UNK)(UNK)(UNK)(UNK)(UNK)(UNK)(UNK)
(UNK)(UNK)(UNK)(UNK)(UNK)(UNK)(UNK)(UNK)(UNK)(UNK)(UNK)(UNK)(UNK)(UNK)(UNK)(UNK)
(UNK)(UNK)(UNK)(UNK)(UNK)(UNK)(UNK)(UNK)(UNK)(UNK)(UNK)(UNK)(UNK)(UNK)(UNK)(UNK)
(UNK)(UNK)(UNK)(UNK)(UNK)(UNK)(UNK)(UNK)(UNK)(UNK)(UNK)(UNK)(UNK)(UNK)(UNK)(UNK)
(UNK)(UNK)(UNK)(UNK)(UNK)(UNK)(UNK)(UNK)(UNK)(UNK)(UNK)
;
H
2 'polypeptide(L)'
;(UNK)(UNK)(UNK)(UNK)(UNK)(UNK)(UNK)(UNK)(UNK)(UNK)(UNK)(UNK)(UNK)(UNK)(UNK)(UNK)
(UNK)(UNK)(UNK)(UNK)(UNK)(UNK)(UNK)(UNK)(UNK)(UNK)(UNK)(UNK)(UNK)(UNK)(UNK)(UNK)
(UNK)(UNK)(UNK)(UNK)(UNK)(UNK)(UNK)(UNK)(UNK)(UNK)(UNK)(UNK)(UNK)(UNK)(UNK)(UNK)
(UNK)(UNK)(UNK)(UNK)(UNK)(UNK)(UNK)(UNK)(UNK)(UNK)(UNK)(UNK)(UNK)(UNK)(UNK)(UNK)
(UNK)(UNK)(UNK)(UNK)(UNK)(UNK)(UNK)(UNK)(UNK)(UNK)(UNK)(UNK)(UNK)(UNK)(UNK)(UNK)
(UNK)(UNK)(UNK)(UNK)(UNK)(UNK)(UNK)(UNK)(UNK)(UNK)(UNK)(UNK)(UNK)(UNK)(UNK)(UNK)
(UNK)(UNK)(UNK)(UNK)(UNK)(UNK)
;
L
3 'polypeptide(L)'
;NLWVTVYYGVPVWKDAETTLFCASDAKAYETEKHNVWATHACVPTDPNPQEIHLENVTEEFNMWKNNMVEQMHEDIISLW
DQSLKPCVKLTPLCVTLQCTNVTNNITDDMRGELKNCSFNMTTELRDKKQKVYSLFYRLDVVQINENQGNRSNNSNKEYR
LINCNTSAITQACPKVSFEPIPIHYCAPAGFAILKCKDKKFNGTGPCPSVSTVQCTHGIKPVVSTQLLLNGSLAEEEVII
RSENITNNAKNILVQLNTPVQINCTRPNNNTVKSIRIGPGQAFYYTGDIIGDIRQAHCNVSKATWNETLGKVVKQLRKHF
GNNTIIRFAQSSGGDLEVTTHSFNCGGEFFYCNTSGLFNSTWISNTSVQGSNSTGSNDSITLPCRIKQIINMWQRIGQAM
YAPPIQGVIRCVSNITGLILTRDGGSTNSTTETFRPGGGDMRDNWRSELYKYKVVKIEPLGVAPTRCKR
;
A,C,D
4 'polypeptide(L)'
;SLGFLGAAGSTMGAASMTLTVQARNLLSGIVQQQSNLLRAPEPQQHLLKDTHWGIKQLQARVLAVEHYLRDQQLLGIWGC
SGKLICCTNVPWNSSWSNRNLSEIWDNMTWLQWDKEISNYTQIIYGLLEESQNQQEKNEQDLLALD
;
B,E,F
#
# COMPACT_ATOMS: atom_id res chain seq x y z
N UNK A 1 -30.69 -48.63 -1.16
CA UNK A 1 -30.10 -48.50 0.18
C UNK A 1 -30.91 -49.31 1.23
N UNK A 2 -31.09 -50.63 0.95
CA UNK A 2 -31.74 -51.59 1.85
C UNK A 2 -30.82 -51.84 3.05
N UNK A 3 -31.39 -51.95 4.24
CA UNK A 3 -30.55 -52.19 5.40
C UNK A 3 -31.18 -53.15 6.40
N UNK A 4 -31.63 -54.31 5.91
CA UNK A 4 -32.20 -55.30 6.80
C UNK A 4 -31.06 -55.81 7.66
N UNK A 5 -31.34 -56.12 8.91
CA UNK A 5 -30.30 -56.61 9.79
C UNK A 5 -30.92 -57.46 10.89
N UNK A 6 -30.11 -58.30 11.52
CA UNK A 6 -30.61 -59.15 12.60
C UNK A 6 -31.25 -58.34 13.72
N UNK A 7 -32.39 -58.85 14.19
CA UNK A 7 -33.16 -58.24 15.26
C UNK A 7 -33.94 -59.32 15.97
N UNK A 8 -34.42 -59.03 17.17
CA UNK A 8 -35.18 -60.00 17.95
C UNK A 8 -36.28 -59.30 18.74
N UNK A 9 -37.31 -60.06 19.12
CA UNK A 9 -38.39 -59.51 19.89
C UNK A 9 -38.00 -59.17 21.31
N UNK A 10 -38.59 -58.09 21.85
CA UNK A 10 -38.34 -57.77 23.24
C UNK A 10 -38.80 -58.93 24.11
N UNK A 11 -37.96 -59.33 25.06
CA UNK A 11 -38.25 -60.42 25.96
C UNK A 11 -39.14 -59.98 27.09
N UNK A 12 -39.96 -60.90 27.59
CA UNK A 12 -40.82 -60.64 28.75
C UNK A 12 -39.97 -60.55 30.01
N UNK A 13 -38.75 -61.02 29.88
CA UNK A 13 -37.76 -61.06 30.92
C UNK A 13 -37.03 -59.74 31.08
N UNK A 14 -37.26 -58.77 30.19
CA UNK A 14 -36.52 -57.52 30.23
C UNK A 14 -35.04 -57.80 30.17
N UNK A 15 -34.68 -58.69 29.26
CA UNK A 15 -33.32 -59.06 29.02
C UNK A 15 -32.58 -57.94 28.34
N UNK A 16 -31.29 -57.83 28.60
CA UNK A 16 -30.49 -56.89 27.85
C UNK A 16 -30.49 -57.39 26.44
N UNK A 17 -30.55 -56.50 25.48
CA UNK A 17 -30.58 -56.91 24.09
C UNK A 17 -30.08 -55.80 23.21
N UNK A 18 -29.82 -56.14 21.95
CA UNK A 18 -29.37 -55.20 20.93
C UNK A 18 -29.78 -55.71 19.56
N UNK A 19 -29.80 -54.81 18.58
CA UNK A 19 -30.11 -55.16 17.19
C UNK A 19 -29.01 -54.67 16.25
N UNK A 20 -28.81 -55.41 15.19
CA UNK A 20 -27.82 -55.14 14.18
C UNK A 20 -28.24 -54.05 13.22
N UNK A 21 -27.26 -53.55 12.48
CA UNK A 21 -27.50 -52.57 11.43
C UNK A 21 -26.68 -52.97 10.22
N UNK A 22 -27.16 -52.62 9.02
CA UNK A 22 -26.44 -52.97 7.80
C UNK A 22 -26.70 -51.98 6.67
N UNK A 23 -26.22 -50.75 6.80
CA UNK A 23 -26.55 -49.74 5.80
C UNK A 23 -25.91 -50.09 4.47
N UNK A 24 -26.58 -49.75 3.37
CA UNK A 24 -26.11 -50.30 2.06
C UNK A 24 -26.37 -49.29 0.94
N UNK A 25 -25.46 -49.23 -0.05
CA UNK A 25 -25.64 -48.33 -1.21
C UNK A 25 -25.87 -46.91 -0.69
N UNK A 26 -25.19 -46.54 0.40
CA UNK A 26 -25.39 -45.22 1.04
C UNK A 26 -24.42 -45.12 2.22
N UNK A 27 -23.87 -43.94 2.47
CA UNK A 27 -22.54 -43.88 3.14
C UNK A 27 -22.69 -44.14 4.64
N UNK A 28 -21.62 -44.61 5.27
CA UNK A 28 -21.68 -45.37 6.55
C UNK A 28 -22.16 -44.47 7.69
N UNK A 29 -23.19 -44.90 8.43
CA UNK A 29 -23.66 -44.14 9.62
C UNK A 29 -23.99 -42.69 9.25
N UNK A 30 -24.64 -42.47 8.11
CA UNK A 30 -25.05 -41.10 7.73
C UNK A 30 -26.52 -40.90 8.09
N UNK A 31 -26.83 -39.97 8.99
CA UNK A 31 -28.23 -39.67 9.36
C UNK A 31 -28.95 -40.96 9.80
N UNK A 32 -28.26 -41.83 10.54
CA UNK A 32 -28.88 -43.12 10.92
C UNK A 32 -30.13 -42.85 11.77
N UNK A 33 -31.23 -43.53 11.47
CA UNK A 33 -32.50 -43.30 12.22
C UNK A 33 -33.01 -44.63 12.78
N UNK A 34 -33.41 -44.63 14.06
CA UNK A 34 -33.95 -45.86 14.69
C UNK A 34 -35.25 -45.52 15.42
N UNK A 35 -36.35 -46.17 15.04
CA UNK A 35 -37.63 -45.93 15.66
C UNK A 35 -37.78 -46.59 17.01
N UNK A 36 -38.59 -45.97 17.84
CA UNK A 36 -39.00 -46.50 19.12
C UNK A 36 -40.01 -47.63 18.94
N UNK A 37 -40.13 -48.50 19.91
CA UNK A 37 -41.20 -49.48 19.82
C UNK A 37 -42.54 -48.76 19.94
N UNK A 38 -43.53 -49.19 19.16
CA UNK A 38 -44.87 -48.65 19.23
C UNK A 38 -45.86 -49.74 18.83
N UNK A 39 -46.99 -49.81 19.52
CA UNK A 39 -48.01 -50.80 19.23
C UNK A 39 -49.04 -50.38 18.18
N UNK A 40 -49.57 -51.37 17.46
CA UNK A 40 -50.67 -51.21 16.51
C UNK A 40 -50.42 -50.10 15.49
N UNK A 41 -51.35 -49.14 15.41
CA UNK A 41 -51.28 -48.04 14.45
C UNK A 41 -50.44 -46.89 14.96
N UNK A 42 -49.96 -46.98 16.19
CA UNK A 42 -49.21 -45.87 16.74
C UNK A 42 -47.93 -45.66 15.98
N UNK A 43 -47.54 -44.41 15.83
CA UNK A 43 -46.29 -44.15 15.18
C UNK A 43 -45.21 -44.14 16.25
N UNK A 44 -44.08 -44.69 15.90
CA UNK A 44 -42.94 -44.72 16.77
C UNK A 44 -42.30 -43.38 16.88
N UNK A 45 -41.76 -43.09 18.05
CA UNK A 45 -40.98 -41.88 18.17
C UNK A 45 -39.72 -42.02 17.36
N UNK A 46 -39.35 -40.94 16.69
CA UNK A 46 -38.12 -40.89 15.93
C UNK A 46 -36.92 -40.58 16.80
N UNK A 47 -35.77 -41.04 16.35
CA UNK A 47 -34.49 -40.73 16.94
C UNK A 47 -33.48 -40.85 15.83
N UNK A 48 -32.45 -40.02 15.84
CA UNK A 48 -31.44 -40.16 14.81
C UNK A 48 -30.08 -39.69 15.25
N UNK A 49 -29.11 -40.27 14.58
CA UNK A 49 -27.69 -40.03 14.72
C UNK A 49 -27.27 -38.82 13.94
N UNK A 50 -26.14 -38.30 14.35
CA UNK A 50 -25.45 -37.22 13.68
C UNK A 50 -24.36 -37.89 12.88
N UNK A 51 -23.82 -37.22 11.89
CA UNK A 51 -22.73 -37.84 11.16
C UNK A 51 -21.59 -38.26 12.09
N UNK A 52 -21.36 -37.50 13.17
CA UNK A 52 -20.29 -37.83 14.10
C UNK A 52 -20.79 -38.15 15.52
N UNK A 53 -22.05 -38.60 15.68
CA UNK A 53 -22.49 -38.90 17.06
C UNK A 53 -23.66 -39.88 17.15
N UNK A 54 -23.70 -40.61 18.26
CA UNK A 54 -24.78 -41.55 18.56
C UNK A 54 -26.11 -40.84 18.71
N UNK A 55 -27.16 -41.51 18.24
CA UNK A 55 -28.52 -41.02 18.38
C UNK A 55 -28.94 -40.97 19.83
N UNK A 56 -29.70 -39.96 20.22
CA UNK A 56 -30.24 -39.95 21.55
C UNK A 56 -31.30 -41.03 21.60
N UNK A 57 -31.44 -41.72 22.70
CA UNK A 57 -32.50 -42.69 22.75
C UNK A 57 -33.85 -42.02 22.87
N UNK A 58 -34.85 -42.56 22.18
CA UNK A 58 -36.20 -42.07 22.37
C UNK A 58 -36.77 -42.76 23.60
N UNK A 59 -37.66 -42.07 24.32
CA UNK A 59 -38.39 -42.66 25.45
C UNK A 59 -37.51 -43.31 26.52
N UNK A 60 -36.36 -42.71 26.81
CA UNK A 60 -35.42 -43.22 27.83
C UNK A 60 -34.98 -44.67 27.57
N UNK A 61 -35.01 -45.07 26.30
CA UNK A 61 -34.60 -46.38 25.82
C UNK A 61 -33.10 -46.47 25.76
N UNK A 62 -32.58 -47.65 25.50
CA UNK A 62 -31.15 -47.75 25.31
C UNK A 62 -30.82 -47.01 24.01
N UNK A 63 -29.67 -46.33 23.94
CA UNK A 63 -29.33 -45.58 22.73
C UNK A 63 -28.76 -46.42 21.60
N UNK A 64 -29.00 -45.94 20.39
CA UNK A 64 -28.39 -46.51 19.22
C UNK A 64 -26.97 -46.00 19.06
N UNK A 65 -26.12 -46.84 18.46
CA UNK A 65 -24.67 -46.55 18.37
C UNK A 65 -24.36 -45.95 16.99
N UNK A 66 -23.37 -45.07 16.93
CA UNK A 66 -23.01 -44.40 15.65
C UNK A 66 -21.68 -44.96 15.13
N UNK A 67 -21.29 -46.17 15.57
CA UNK A 67 -19.97 -46.70 15.18
C UNK A 67 -19.88 -46.72 13.65
N UNK A 68 -18.76 -46.22 13.11
CA UNK A 68 -18.63 -46.11 11.63
C UNK A 68 -17.71 -47.19 11.06
N UNK A 69 -17.31 -48.17 11.88
CA UNK A 69 -16.32 -49.18 11.40
C UNK A 69 -16.85 -50.01 10.23
N UNK A 70 -18.10 -50.48 10.29
CA UNK A 70 -18.61 -51.38 9.23
C UNK A 70 -19.84 -50.83 8.51
N UNK A 71 -20.13 -49.53 8.63
CA UNK A 71 -21.37 -48.98 8.03
C UNK A 71 -22.57 -49.73 8.65
N UNK A 72 -22.51 -49.90 9.97
CA UNK A 72 -23.39 -50.75 10.75
C UNK A 72 -23.60 -50.15 12.10
N UNK A 73 -24.40 -49.12 12.12
CA UNK A 73 -24.67 -48.36 13.32
C UNK A 73 -25.70 -49.10 14.14
N UNK A 74 -25.25 -50.20 14.75
CA UNK A 74 -26.07 -51.14 15.53
C UNK A 74 -26.62 -50.41 16.75
N UNK A 75 -27.76 -50.87 17.24
CA UNK A 75 -28.37 -50.18 18.37
C UNK A 75 -28.59 -51.04 19.58
N UNK A 76 -28.49 -50.45 20.75
CA UNK A 76 -28.83 -51.16 21.96
C UNK A 76 -30.34 -51.22 22.06
N UNK A 77 -30.86 -52.19 22.76
CA UNK A 77 -32.31 -52.25 22.93
C UNK A 77 -32.67 -51.97 24.37
N UNK A 78 -33.82 -51.36 24.59
CA UNK A 78 -34.25 -51.18 25.96
C UNK A 78 -34.52 -52.54 26.57
N UNK A 79 -34.16 -52.71 27.84
CA UNK A 79 -34.46 -53.95 28.55
C UNK A 79 -35.88 -53.86 29.11
N UNK A 80 -36.81 -53.84 28.19
CA UNK A 80 -38.23 -53.73 28.47
C UNK A 80 -38.80 -55.11 28.68
N UNK A 81 -39.74 -55.29 29.60
CA UNK A 81 -40.33 -56.63 29.81
C UNK A 81 -41.41 -56.88 28.79
N UNK A 82 -40.96 -57.00 27.54
CA UNK A 82 -41.77 -57.12 26.34
C UNK A 82 -42.69 -55.93 26.21
N UNK A 83 -42.32 -54.83 26.87
CA UNK A 83 -43.08 -53.59 26.85
C UNK A 83 -42.69 -52.76 25.65
N UNK A 84 -41.68 -53.26 24.95
CA UNK A 84 -41.12 -52.67 23.75
C UNK A 84 -41.21 -53.72 22.67
N UNK A 85 -42.16 -54.62 22.82
CA UNK A 85 -42.29 -55.72 21.87
C UNK A 85 -43.06 -55.29 20.65
N UNK A 86 -42.40 -54.53 19.80
CA UNK A 86 -43.04 -54.01 18.61
C UNK A 86 -42.08 -53.89 17.45
N UNK A 87 -42.63 -53.93 16.25
CA UNK A 87 -41.82 -53.89 15.03
C UNK A 87 -41.38 -52.51 14.62
N UNK A 88 -40.55 -51.91 15.46
CA UNK A 88 -39.95 -50.62 15.21
C UNK A 88 -39.00 -50.74 14.03
N UNK A 89 -38.95 -49.71 13.20
CA UNK A 89 -38.07 -49.66 12.05
C UNK A 89 -36.67 -49.20 12.32
N UNK A 90 -35.76 -49.68 11.49
CA UNK A 90 -34.39 -49.21 11.44
C UNK A 90 -34.23 -48.51 10.10
N UNK A 91 -33.35 -47.51 10.00
CA UNK A 91 -33.28 -46.85 8.71
C UNK A 91 -31.93 -46.32 8.24
N UNK A 92 -31.78 -46.34 6.91
CA UNK A 92 -30.76 -45.53 6.17
C UNK A 92 -31.35 -44.17 5.79
N UNK A 93 -30.57 -43.30 5.13
CA UNK A 93 -31.07 -41.94 4.84
C UNK A 93 -30.29 -41.23 3.72
N UNK A 94 -30.72 -40.02 3.34
CA UNK A 94 -30.07 -39.25 2.25
C UNK A 94 -28.88 -38.43 2.76
N UNK A 95 -29.03 -37.69 3.86
CA UNK A 95 -28.04 -36.69 4.34
C UNK A 95 -28.06 -35.43 3.46
N UNK A 96 -29.13 -35.21 2.68
CA UNK A 96 -29.25 -33.99 1.86
C UNK A 96 -30.47 -33.18 2.32
N UNK A 97 -31.52 -33.90 2.74
CA UNK A 97 -32.72 -33.30 3.36
C UNK A 97 -33.08 -34.01 4.66
N UNK A 98 -32.22 -34.91 5.14
CA UNK A 98 -32.51 -35.70 6.36
C UNK A 98 -33.73 -36.60 6.12
N UNK A 99 -34.17 -36.70 4.86
CA UNK A 99 -35.08 -37.78 4.40
C UNK A 99 -34.45 -39.16 4.68
N UNK A 100 -35.27 -40.19 4.92
CA UNK A 100 -34.75 -41.49 5.41
C UNK A 100 -35.39 -42.65 4.64
N UNK A 101 -35.00 -43.88 4.97
CA UNK A 101 -35.64 -45.10 4.42
C UNK A 101 -35.72 -46.18 5.50
N UNK A 102 -36.94 -46.46 5.99
CA UNK A 102 -37.16 -47.18 7.23
C UNK A 102 -37.99 -48.42 7.06
N UNK A 103 -37.49 -49.54 7.60
CA UNK A 103 -38.04 -50.88 7.32
C UNK A 103 -38.13 -51.69 8.61
N UNK A 104 -38.93 -52.76 8.64
CA UNK A 104 -39.32 -53.44 9.91
C UNK A 104 -38.08 -54.05 10.57
N UNK A 105 -37.59 -53.46 11.66
CA UNK A 105 -36.33 -53.95 12.28
C UNK A 105 -36.51 -54.42 13.74
N UNK A 106 -37.74 -54.67 14.22
CA UNK A 106 -37.90 -55.03 15.64
C UNK A 106 -39.09 -55.97 15.85
N UNK A 107 -39.31 -56.45 17.08
CA UNK A 107 -40.55 -57.16 17.38
C UNK A 107 -40.77 -57.14 18.88
N UNK B 1 -44.11 -32.34 19.97
CA UNK B 1 -44.81 -32.26 18.70
C UNK B 1 -45.71 -33.50 18.56
N UNK B 2 -46.90 -33.32 17.98
CA UNK B 2 -47.89 -34.38 17.75
C UNK B 2 -48.77 -34.06 16.57
N UNK B 3 -49.32 -35.10 15.95
CA UNK B 3 -50.26 -34.92 14.86
C UNK B 3 -51.21 -36.11 14.78
N UNK B 4 -52.36 -35.92 14.17
CA UNK B 4 -53.27 -37.06 13.98
C UNK B 4 -54.16 -36.85 12.78
N UNK B 5 -54.34 -37.89 11.96
CA UNK B 5 -55.15 -37.68 10.76
C UNK B 5 -56.44 -38.40 10.65
N UNK B 6 -57.36 -37.70 10.01
CA UNK B 6 -58.59 -38.26 9.56
C UNK B 6 -58.24 -39.06 8.35
N UNK B 7 -58.84 -40.22 8.20
CA UNK B 7 -58.56 -41.03 7.03
C UNK B 7 -59.24 -40.47 5.82
N UNK B 8 -58.62 -40.71 4.67
CA UNK B 8 -59.22 -40.40 3.41
C UNK B 8 -60.44 -41.29 3.32
N UNK B 9 -61.51 -40.87 2.66
CA UNK B 9 -62.66 -41.74 2.66
C UNK B 9 -62.34 -43.16 2.23
N UNK B 10 -62.79 -44.09 3.07
CA UNK B 10 -62.58 -45.50 2.84
C UNK B 10 -63.35 -45.93 1.63
N UNK B 11 -62.78 -46.90 0.90
CA UNK B 11 -63.56 -47.81 0.03
C UNK B 11 -64.18 -47.02 -1.13
N UNK B 12 -64.17 -45.69 -1.05
CA UNK B 12 -64.68 -44.88 -2.18
C UNK B 12 -63.77 -45.13 -3.39
N UNK B 13 -64.32 -45.13 -4.59
CA UNK B 13 -63.48 -45.51 -5.76
C UNK B 13 -62.64 -44.31 -6.19
N UNK B 14 -61.33 -44.36 -5.92
CA UNK B 14 -60.40 -43.28 -6.34
C UNK B 14 -60.83 -41.92 -5.82
N UNK B 15 -60.85 -40.91 -6.69
CA UNK B 15 -61.23 -39.52 -6.32
C UNK B 15 -60.06 -38.83 -5.60
N UNK B 16 -58.91 -39.52 -5.50
CA UNK B 16 -57.72 -38.94 -4.84
C UNK B 16 -58.10 -38.48 -3.44
N UNK B 17 -58.94 -39.26 -2.73
CA UNK B 17 -59.40 -38.85 -1.38
C UNK B 17 -58.21 -38.51 -0.50
N UNK B 18 -58.23 -37.36 0.17
CA UNK B 18 -57.14 -37.00 1.06
C UNK B 18 -57.39 -37.19 2.52
N UNK B 19 -56.32 -37.57 3.20
CA UNK B 19 -56.27 -37.69 4.65
C UNK B 19 -55.75 -36.38 5.17
N UNK B 20 -56.10 -36.02 6.40
CA UNK B 20 -55.50 -34.78 6.90
C UNK B 20 -55.20 -34.83 8.36
N UNK B 21 -53.99 -34.37 8.71
CA UNK B 21 -53.54 -34.44 10.09
C UNK B 21 -53.45 -33.16 10.80
N UNK B 22 -54.19 -33.08 11.88
CA UNK B 22 -54.12 -31.90 12.68
C UNK B 22 -52.75 -31.91 13.24
N UNK B 23 -52.13 -30.77 13.43
CA UNK B 23 -50.80 -30.81 14.02
C UNK B 23 -50.62 -29.71 15.06
N UNK B 24 -49.88 -30.08 16.10
CA UNK B 24 -49.58 -29.24 17.26
C UNK B 24 -48.22 -28.55 17.26
N UNK B 25 -47.44 -28.63 16.18
CA UNK B 25 -46.11 -28.02 16.28
C UNK B 25 -45.47 -27.58 14.98
N UNK B 26 -44.54 -26.64 15.15
CA UNK B 26 -43.68 -26.12 14.08
C UNK B 26 -42.84 -27.24 13.50
N UNK B 27 -42.49 -28.22 14.34
CA UNK B 27 -41.83 -29.45 13.84
C UNK B 27 -42.76 -30.13 12.83
N UNK B 28 -43.95 -30.55 13.29
CA UNK B 28 -44.93 -31.23 12.40
C UNK B 28 -45.37 -30.27 11.29
N UNK B 29 -45.63 -29.00 11.64
CA UNK B 29 -46.09 -28.01 10.65
C UNK B 29 -45.00 -27.79 9.60
N UNK B 30 -43.73 -27.72 10.03
CA UNK B 30 -42.65 -27.40 9.07
C UNK B 30 -42.52 -28.48 7.99
N UNK B 31 -42.55 -29.75 8.39
CA UNK B 31 -42.37 -30.85 7.40
C UNK B 31 -43.42 -31.94 7.64
N UNK B 32 -44.69 -31.64 7.38
CA UNK B 32 -45.75 -32.67 7.52
C UNK B 32 -45.82 -33.49 6.24
N UNK B 33 -44.73 -34.15 5.86
CA UNK B 33 -44.76 -35.04 4.67
C UNK B 33 -45.60 -36.26 5.04
N UNK B 34 -46.53 -36.64 4.15
CA UNK B 34 -47.40 -37.83 4.36
C UNK B 34 -46.53 -39.04 4.73
N UNK B 35 -47.03 -39.89 5.64
CA UNK B 35 -46.24 -41.06 6.10
C UNK B 35 -46.00 -42.04 4.94
N UNK B 36 -44.85 -42.71 4.93
CA UNK B 36 -44.51 -43.68 3.87
C UNK B 36 -45.50 -44.86 3.94
N UNK B 37 -45.89 -45.40 2.77
CA UNK B 37 -47.03 -46.34 2.71
C UNK B 37 -46.53 -47.78 2.83
N UNK B 38 -45.67 -48.05 3.82
CA UNK B 38 -45.11 -49.42 3.98
C UNK B 38 -46.23 -50.39 4.32
N UNK B 39 -46.23 -51.57 3.68
CA UNK B 39 -47.27 -52.59 3.93
C UNK B 39 -46.67 -54.00 3.82
N UNK B 40 -47.24 -54.97 4.54
CA UNK B 40 -46.76 -56.38 4.45
C UNK B 40 -45.26 -56.45 4.76
N UNK B 41 -44.80 -55.68 5.77
CA UNK B 41 -43.37 -55.70 6.16
C UNK B 41 -42.48 -55.36 4.96
N UNK B 42 -42.92 -54.42 4.11
CA UNK B 42 -42.14 -54.05 2.90
C UNK B 42 -41.83 -52.55 2.91
N UNK B 43 -40.58 -52.18 2.60
CA UNK B 43 -40.17 -50.75 2.58
C UNK B 43 -40.96 -49.99 1.51
N UNK B 44 -41.36 -48.75 1.81
CA UNK B 44 -42.13 -47.94 0.84
C UNK B 44 -41.43 -46.59 0.62
N UNK B 45 -41.67 -45.99 -0.56
CA UNK B 45 -41.15 -44.64 -0.89
C UNK B 45 -41.83 -43.55 -0.04
N UNK B 46 -41.17 -42.40 0.14
CA UNK B 46 -41.75 -41.28 0.90
C UNK B 46 -41.73 -40.00 0.05
N UNK B 47 -42.77 -39.17 0.14
CA UNK B 47 -42.84 -37.96 -0.71
C UNK B 47 -41.61 -37.10 -0.43
N UNK B 48 -40.97 -36.59 -1.48
CA UNK B 48 -39.63 -35.96 -1.39
C UNK B 48 -39.69 -34.68 -0.56
N UNK B 49 -38.90 -34.59 0.52
CA UNK B 49 -38.82 -33.34 1.33
C UNK B 49 -40.23 -32.91 1.76
N UNK B 50 -40.57 -31.63 1.57
CA UNK B 50 -41.94 -31.15 1.87
C UNK B 50 -42.46 -30.34 0.67
N UNK B 51 -43.73 -30.53 0.29
CA UNK B 51 -44.29 -29.83 -0.90
C UNK B 51 -43.48 -30.20 -2.14
N UNK B 52 -42.96 -31.43 -2.18
CA UNK B 52 -42.15 -31.88 -3.34
C UNK B 52 -42.54 -33.33 -3.67
N UNK B 53 -42.28 -33.78 -4.90
CA UNK B 53 -42.73 -35.13 -5.29
C UNK B 53 -41.55 -36.11 -5.34
N UNK B 54 -41.70 -37.26 -4.67
CA UNK B 54 -40.65 -38.29 -4.72
C UNK B 54 -40.80 -39.07 -6.03
N UNK B 55 -39.82 -39.92 -6.34
CA UNK B 55 -39.84 -40.67 -7.63
C UNK B 55 -41.07 -41.60 -7.66
N UNK B 56 -41.40 -42.22 -6.52
CA UNK B 56 -42.59 -43.10 -6.46
C UNK B 56 -43.53 -42.63 -5.33
N UNK B 57 -43.93 -41.35 -5.34
CA UNK B 57 -44.95 -40.83 -4.41
C UNK B 57 -45.75 -39.68 -5.06
N UNK B 58 -47.07 -39.69 -4.86
CA UNK B 58 -47.94 -38.57 -5.33
C UNK B 58 -47.56 -37.28 -4.60
N UNK B 59 -47.57 -36.15 -5.32
CA UNK B 59 -47.17 -34.85 -4.72
C UNK B 59 -48.17 -34.46 -3.63
N UNK B 60 -47.67 -34.02 -2.47
CA UNK B 60 -48.57 -33.53 -1.40
C UNK B 60 -48.08 -32.17 -0.87
N UNK B 61 -48.96 -31.16 -0.91
CA UNK B 61 -48.56 -29.81 -0.45
C UNK B 61 -48.37 -29.82 1.07
N UNK B 62 -47.23 -29.31 1.56
CA UNK B 62 -47.03 -29.21 3.01
C UNK B 62 -47.94 -28.10 3.55
N UNK B 63 -48.56 -28.31 4.70
CA UNK B 63 -49.53 -27.30 5.21
C UNK B 63 -48.94 -26.59 6.42
N UNK B 64 -48.83 -25.26 6.36
CA UNK B 64 -48.37 -24.49 7.54
C UNK B 64 -49.56 -24.42 8.49
N UNK B 65 -50.74 -24.74 7.97
CA UNK B 65 -51.97 -24.93 8.78
C UNK B 65 -51.84 -26.25 9.54
N UNK B 66 -52.42 -26.34 10.73
CA UNK B 66 -52.20 -27.55 11.56
C UNK B 66 -52.63 -28.78 10.78
N UNK B 67 -53.76 -28.72 10.07
CA UNK B 67 -54.20 -29.85 9.23
C UNK B 67 -53.36 -29.91 7.95
N UNK B 68 -52.31 -30.75 7.96
CA UNK B 68 -51.60 -31.09 6.73
C UNK B 68 -52.45 -32.07 5.96
N UNK B 69 -52.34 -32.14 4.63
CA UNK B 69 -53.18 -33.18 3.99
C UNK B 69 -52.54 -33.82 2.80
N UNK B 70 -52.93 -35.05 2.52
CA UNK B 70 -52.36 -35.74 1.39
C UNK B 70 -53.37 -36.55 0.63
N UNK B 71 -53.43 -36.27 -0.68
CA UNK B 71 -54.35 -36.92 -1.58
C UNK B 71 -53.78 -38.21 -2.12
N UNK B 72 -54.62 -39.25 -2.14
CA UNK B 72 -54.23 -40.59 -2.65
C UNK B 72 -54.62 -40.72 -4.13
N UNK B 73 -53.82 -40.15 -5.03
CA UNK B 73 -54.12 -40.19 -6.49
C UNK B 73 -54.02 -41.60 -7.09
N UNK B 74 -53.08 -42.43 -6.65
CA UNK B 74 -52.83 -43.76 -7.30
C UNK B 74 -54.03 -44.71 -7.26
N UNK B 75 -54.21 -45.57 -8.26
CA UNK B 75 -55.32 -46.55 -8.20
C UNK B 75 -54.81 -47.92 -7.73
N UNK B 76 -53.49 -48.08 -7.58
CA UNK B 76 -52.91 -49.41 -7.24
C UNK B 76 -53.33 -49.95 -5.87
N UNK B 77 -53.30 -49.13 -4.81
CA UNK B 77 -53.58 -49.68 -3.45
C UNK B 77 -53.97 -48.60 -2.45
N UNK B 78 -54.42 -49.00 -1.26
CA UNK B 78 -54.80 -48.04 -0.19
C UNK B 78 -53.69 -47.98 0.86
N UNK B 79 -53.26 -46.77 1.26
CA UNK B 79 -52.14 -46.60 2.21
C UNK B 79 -52.47 -47.15 3.61
N UNK B 80 -51.49 -47.77 4.27
CA UNK B 80 -51.69 -48.29 5.65
C UNK B 80 -50.41 -48.01 6.46
N UNK B 81 -50.51 -47.94 7.79
CA UNK B 81 -49.32 -47.59 8.63
C UNK B 81 -48.84 -46.19 8.24
N UNK B 82 -49.78 -45.37 7.78
CA UNK B 82 -49.59 -44.01 7.31
C UNK B 82 -50.68 -43.06 7.76
N UNK B 83 -50.30 -41.80 7.86
CA UNK B 83 -51.14 -40.66 8.18
C UNK B 83 -50.54 -39.46 7.48
N UNK B 84 -51.34 -38.42 7.25
CA UNK B 84 -50.81 -37.21 6.59
C UNK B 84 -50.07 -36.31 7.57
N UNK B 85 -49.02 -36.84 8.17
CA UNK B 85 -48.21 -36.11 9.14
C UNK B 85 -46.80 -36.66 9.24
N UNK B 86 -45.91 -35.75 9.58
CA UNK B 86 -44.50 -36.00 9.81
C UNK B 86 -43.89 -34.76 10.42
N UNK B 87 -42.62 -34.84 10.75
CA UNK B 87 -41.89 -33.66 11.22
C UNK B 87 -40.44 -33.85 10.84
N UNK B 88 -39.70 -32.75 10.77
CA UNK B 88 -38.28 -32.81 10.40
C UNK B 88 -37.36 -32.23 11.46
N UNK B 89 -37.77 -32.33 12.70
CA UNK B 89 -36.98 -31.87 13.83
C UNK B 89 -35.88 -32.87 14.18
N UNK B 90 -34.81 -32.38 14.83
CA UNK B 90 -33.80 -33.27 15.39
C UNK B 90 -34.42 -34.08 16.53
N UNK B 91 -35.38 -33.43 17.20
CA UNK B 91 -36.15 -33.99 18.29
C UNK B 91 -37.08 -35.01 17.70
N UNK B 92 -37.56 -35.96 18.50
CA UNK B 92 -38.46 -36.91 17.89
C UNK B 92 -39.57 -36.18 17.16
N UNK B 93 -39.81 -36.62 15.95
CA UNK B 93 -40.81 -36.10 15.03
C UNK B 93 -42.21 -36.29 15.53
N UNK B 94 -43.11 -35.39 15.15
CA UNK B 94 -44.49 -35.56 15.54
C UNK B 94 -44.95 -36.93 15.12
N UNK B 95 -45.53 -37.62 16.05
CA UNK B 95 -46.06 -38.93 15.77
C UNK B 95 -47.51 -38.77 15.41
N UNK B 96 -48.01 -39.63 14.53
CA UNK B 96 -49.41 -39.68 14.20
C UNK B 96 -49.78 -41.12 13.95
N UNK B 97 -50.86 -41.57 14.56
CA UNK B 97 -51.28 -42.94 14.33
C UNK B 97 -51.74 -43.07 12.92
N UNK B 98 -51.52 -44.21 12.32
CA UNK B 98 -51.93 -44.37 10.96
C UNK B 98 -53.41 -44.15 10.80
N UNK B 99 -53.77 -43.41 9.75
CA UNK B 99 -55.16 -43.22 9.41
C UNK B 99 -55.60 -44.45 8.65
N UNK B 100 -54.65 -44.97 7.85
CA UNK B 100 -54.83 -46.20 7.10
C UNK B 100 -56.16 -46.33 6.36
N UNK B 101 -56.52 -45.36 5.52
CA UNK B 101 -57.83 -45.49 4.88
C UNK B 101 -57.96 -46.82 4.14
N UNK B 102 -59.08 -47.48 4.38
CA UNK B 102 -59.41 -48.76 3.75
C UNK B 102 -59.78 -48.60 2.29
N LEU C 2 -48.10 8.08 -0.75
CA LEU C 2 -46.91 7.37 -1.19
C LEU C 2 -45.91 7.31 -0.05
N TRP C 3 -44.93 6.41 -0.17
CA TRP C 3 -43.87 6.07 0.81
C TRP C 3 -42.49 6.25 0.23
N VAL C 4 -41.51 6.51 1.07
CA VAL C 4 -40.14 6.67 0.56
C VAL C 4 -39.45 5.34 0.24
N THR C 5 -39.00 5.13 -0.99
CA THR C 5 -38.30 3.88 -1.31
C THR C 5 -36.89 4.11 -1.74
N VAL C 6 -36.01 3.30 -1.18
CA VAL C 6 -34.63 3.43 -1.54
C VAL C 6 -34.25 2.31 -2.47
N TYR C 7 -33.56 2.71 -3.52
CA TYR C 7 -33.08 1.83 -4.53
C TYR C 7 -31.57 1.83 -4.53
N TYR C 8 -31.00 0.66 -4.74
CA TYR C 8 -29.58 0.46 -4.86
C TYR C 8 -29.28 -0.20 -6.17
N GLY C 9 -28.41 0.42 -6.92
CA GLY C 9 -28.12 -0.04 -8.25
C GLY C 9 -28.78 0.94 -9.23
N VAL C 10 -28.96 2.16 -8.77
CA VAL C 10 -29.56 3.22 -9.56
C VAL C 10 -28.52 3.79 -10.55
N PRO C 11 -28.80 3.83 -11.86
CA PRO C 11 -27.89 4.27 -12.90
C PRO C 11 -27.75 5.79 -13.02
N VAL C 12 -27.19 6.44 -12.01
CA VAL C 12 -27.03 7.90 -12.09
C VAL C 12 -25.62 8.41 -11.89
N TRP C 13 -25.41 9.62 -12.40
CA TRP C 13 -24.14 10.31 -12.47
C TRP C 13 -23.94 11.60 -11.76
N LYS C 14 -22.70 11.81 -11.33
CA LYS C 14 -22.23 13.10 -10.86
C LYS C 14 -20.91 13.37 -11.56
N ASP C 15 -20.69 14.58 -12.04
CA ASP C 15 -19.41 14.84 -12.69
C ASP C 15 -18.32 14.65 -11.66
N ALA C 16 -17.15 14.17 -12.05
CA ALA C 16 -16.15 13.98 -11.02
C ALA C 16 -14.74 14.27 -11.43
N GLU C 17 -13.96 14.66 -10.44
CA GLU C 17 -12.55 14.89 -10.57
C GLU C 17 -11.82 13.88 -9.71
N THR C 18 -11.24 12.90 -10.37
CA THR C 18 -10.61 11.78 -9.73
C THR C 18 -9.25 11.60 -10.33
N THR C 19 -8.48 10.69 -9.77
CA THR C 19 -7.21 10.33 -10.32
C THR C 19 -7.43 9.37 -11.46
N LEU C 20 -6.40 9.16 -12.26
CA LEU C 20 -6.48 8.22 -13.37
C LEU C 20 -5.58 7.05 -13.18
N PHE C 21 -6.03 5.91 -13.68
CA PHE C 21 -5.26 4.71 -13.64
C PHE C 21 -4.59 4.48 -15.01
N CYS C 22 -3.29 4.07 -15.03
CA CYS C 22 -2.51 3.80 -16.25
C CYS C 22 -2.53 2.32 -16.63
N ALA C 23 -2.86 2.07 -17.90
CA ALA C 23 -2.86 0.74 -18.44
C ALA C 23 -2.14 0.76 -19.80
N SER C 24 -1.52 -0.35 -20.17
CA SER C 24 -0.76 -0.42 -21.41
C SER C 24 -0.77 -1.83 -22.07
N ASP C 25 0.29 -2.19 -22.85
CA ASP C 25 0.45 -3.48 -23.55
C ASP C 25 1.92 -3.69 -23.90
N HIS C 34 12.09 -0.04 -21.39
CA HIS C 34 12.62 0.08 -22.75
C HIS C 34 12.50 1.50 -23.36
N ASN C 35 11.70 2.39 -22.72
CA ASN C 35 11.41 3.74 -23.19
C ASN C 35 11.24 4.72 -22.05
N VAL C 36 11.14 5.97 -22.42
CA VAL C 36 11.07 7.06 -21.47
C VAL C 36 9.78 7.15 -20.67
N TRP C 37 8.77 6.37 -21.03
CA TRP C 37 7.53 6.41 -20.29
C TRP C 37 7.35 5.24 -19.35
N ALA C 38 8.36 4.37 -19.25
CA ALA C 38 8.27 3.22 -18.35
C ALA C 38 6.95 2.51 -18.49
N THR C 39 6.56 2.21 -19.70
CA THR C 39 5.24 1.66 -19.99
C THR C 39 5.06 0.25 -19.50
N HIS C 40 6.16 -0.43 -19.21
CA HIS C 40 6.14 -1.78 -18.72
C HIS C 40 5.59 -1.82 -17.32
N ALA C 41 5.58 -0.66 -16.68
CA ALA C 41 5.07 -0.51 -15.34
C ALA C 41 3.53 -0.39 -15.22
N CYS C 42 2.80 -0.25 -16.36
CA CYS C 42 1.34 -0.10 -16.42
C CYS C 42 0.75 -1.46 -16.78
N VAL C 43 -0.25 -1.87 -16.01
CA VAL C 43 -0.88 -3.16 -16.19
C VAL C 43 -1.44 -3.28 -17.60
N PRO C 44 -1.32 -4.42 -18.27
CA PRO C 44 -1.90 -4.67 -19.57
C PRO C 44 -3.42 -4.45 -19.60
N THR C 45 -3.90 -3.91 -20.70
CA THR C 45 -5.32 -3.66 -20.96
C THR C 45 -6.09 -4.83 -21.52
N ASP C 46 -7.41 -4.69 -21.46
CA ASP C 46 -8.38 -5.56 -22.09
C ASP C 46 -8.42 -5.19 -23.57
N PRO C 47 -8.05 -6.07 -24.53
CA PRO C 47 -8.01 -5.76 -25.95
C PRO C 47 -9.39 -5.45 -26.52
N ASN C 48 -10.46 -5.85 -25.83
CA ASN C 48 -11.80 -5.58 -26.32
C ASN C 48 -12.72 -5.08 -25.21
N PRO C 49 -12.54 -3.86 -24.70
CA PRO C 49 -13.30 -3.30 -23.62
C PRO C 49 -14.72 -3.19 -24.07
N GLN C 50 -15.66 -3.31 -23.17
CA GLN C 50 -17.03 -3.12 -23.58
C GLN C 50 -17.27 -1.66 -23.80
N GLU C 51 -17.99 -1.34 -24.86
CA GLU C 51 -18.44 0.01 -25.07
C GLU C 51 -19.94 -0.03 -25.00
N ILE C 52 -20.50 0.74 -24.10
CA ILE C 52 -21.92 0.68 -23.92
C ILE C 52 -22.58 1.89 -24.52
N HIS C 53 -23.37 1.71 -25.55
CA HIS C 53 -24.00 2.86 -26.16
C HIS C 53 -25.16 3.28 -25.27
N LEU C 54 -25.33 4.56 -25.02
CA LEU C 54 -26.45 4.97 -24.19
C LEU C 54 -27.48 5.66 -25.05
N GLU C 55 -28.75 5.43 -24.77
CA GLU C 55 -29.77 6.11 -25.56
C GLU C 55 -30.33 7.28 -24.76
N ASN C 56 -30.85 8.31 -25.46
CA ASN C 56 -31.56 9.46 -24.90
C ASN C 56 -30.76 10.21 -23.79
N VAL C 57 -29.44 10.38 -24.00
CA VAL C 57 -28.52 11.10 -23.12
C VAL C 57 -27.79 12.18 -23.88
N THR C 58 -27.85 13.41 -23.40
CA THR C 58 -27.06 14.47 -24.00
C THR C 58 -26.20 14.94 -22.88
N GLU C 59 -24.91 14.99 -23.12
CA GLU C 59 -23.99 15.31 -22.05
C GLU C 59 -23.03 16.42 -22.41
N GLU C 60 -22.82 17.35 -21.50
CA GLU C 60 -21.91 18.44 -21.77
C GLU C 60 -20.44 18.08 -21.53
N PHE C 61 -19.67 18.19 -22.60
CA PHE C 61 -18.25 17.91 -22.56
C PHE C 61 -17.47 19.17 -22.80
N ASN C 62 -16.76 19.63 -21.80
CA ASN C 62 -16.00 20.85 -21.95
C ASN C 62 -14.54 20.54 -21.81
N MET C 63 -13.86 20.50 -22.94
CA MET C 63 -12.47 20.10 -23.01
C MET C 63 -11.57 21.08 -22.27
N TRP C 64 -12.03 22.30 -22.10
CA TRP C 64 -11.19 23.31 -21.52
C TRP C 64 -11.21 23.20 -20.02
N LYS C 65 -12.07 22.34 -19.51
CA LYS C 65 -12.23 22.12 -18.11
C LYS C 65 -11.88 20.68 -17.78
N ASN C 66 -11.24 19.98 -18.72
CA ASN C 66 -10.94 18.58 -18.54
C ASN C 66 -9.65 18.36 -17.76
N ASN C 67 -9.76 17.92 -16.51
CA ASN C 67 -8.59 17.81 -15.64
C ASN C 67 -7.73 16.60 -15.96
N MET C 68 -8.15 15.81 -16.93
CA MET C 68 -7.35 14.67 -17.29
C MET C 68 -6.13 15.17 -18.02
N VAL C 69 -6.22 16.37 -18.57
CA VAL C 69 -5.13 16.96 -19.31
C VAL C 69 -4.02 17.24 -18.33
N GLU C 70 -4.42 17.77 -17.18
CA GLU C 70 -3.47 18.10 -16.16
C GLU C 70 -2.82 16.86 -15.63
N GLN C 71 -3.59 15.77 -15.51
CA GLN C 71 -2.96 14.57 -15.03
C GLN C 71 -1.97 14.01 -16.02
N MET C 72 -2.28 14.06 -17.32
CA MET C 72 -1.30 13.58 -18.27
C MET C 72 -0.06 14.42 -18.20
N HIS C 73 -0.23 15.72 -18.03
CA HIS C 73 0.91 16.59 -17.99
C HIS C 73 1.78 16.18 -16.84
N GLU C 74 1.19 16.01 -15.66
CA GLU C 74 2.00 15.69 -14.53
C GLU C 74 2.63 14.32 -14.61
N ASP C 75 1.91 13.33 -15.12
CA ASP C 75 2.52 12.02 -15.15
C ASP C 75 3.60 11.94 -16.18
N ILE C 76 3.41 12.59 -17.31
CA ILE C 76 4.38 12.51 -18.36
C ILE C 76 5.64 13.17 -17.86
N ILE C 77 5.52 14.30 -17.15
CA ILE C 77 6.70 14.96 -16.61
C ILE C 77 7.38 14.05 -15.64
N SER C 78 6.63 13.43 -14.74
CA SER C 78 7.29 12.59 -13.78
C SER C 78 8.02 11.45 -14.45
N LEU C 79 7.42 10.86 -15.48
CA LEU C 79 8.09 9.77 -16.16
C LEU C 79 9.34 10.25 -16.85
N TRP C 80 9.27 11.44 -17.44
CA TRP C 80 10.42 12.03 -18.10
C TRP C 80 11.57 12.17 -17.12
N ASP C 81 11.26 12.70 -15.94
CA ASP C 81 12.31 12.87 -14.97
C ASP C 81 12.80 11.52 -14.48
N GLN C 82 11.92 10.55 -14.29
CA GLN C 82 12.38 9.27 -13.78
C GLN C 82 13.32 8.63 -14.76
N SER C 83 13.08 8.85 -16.05
CA SER C 83 13.93 8.29 -17.08
C SER C 83 15.34 8.84 -16.97
N LEU C 84 15.45 10.14 -16.74
CA LEU C 84 16.74 10.80 -16.67
C LEU C 84 17.44 10.74 -15.32
N LYS C 85 16.69 10.59 -14.23
CA LYS C 85 17.30 10.55 -12.90
C LYS C 85 18.47 9.57 -12.73
N PRO C 86 18.42 8.32 -13.22
CA PRO C 86 19.51 7.36 -13.11
C PRO C 86 20.61 7.44 -14.20
N CYS C 87 20.59 8.47 -15.09
CA CYS C 87 21.52 8.59 -16.20
C CYS C 87 22.74 9.42 -15.76
N VAL C 88 23.85 9.23 -16.46
CA VAL C 88 25.10 9.91 -16.16
C VAL C 88 25.09 11.42 -16.38
N LYS C 89 25.60 12.13 -15.37
CA LYS C 89 25.70 13.57 -15.36
C LYS C 89 26.87 14.01 -16.21
N LEU C 90 26.73 15.14 -16.89
CA LEU C 90 27.80 15.68 -17.71
C LEU C 90 28.40 16.95 -17.14
N THR C 91 28.27 17.16 -15.84
CA THR C 91 28.81 18.33 -15.17
C THR C 91 30.24 18.70 -15.61
N PRO C 92 31.22 17.75 -15.75
CA PRO C 92 32.60 17.98 -16.12
C PRO C 92 32.79 18.68 -17.46
N LEU C 93 31.75 18.78 -18.29
CA LEU C 93 31.88 19.47 -19.57
C LEU C 93 31.88 21.01 -19.48
N CYS C 94 31.51 21.61 -18.32
CA CYS C 94 31.47 23.07 -18.15
C CYS C 94 32.86 23.62 -17.86
N VAL C 95 33.62 23.61 -18.93
CA VAL C 95 35.00 24.01 -19.03
C VAL C 95 35.06 25.00 -20.16
N THR C 96 36.16 25.71 -20.31
CA THR C 96 36.19 26.59 -21.46
C THR C 96 36.59 25.76 -22.67
N LEU C 97 36.19 26.19 -23.85
CA LEU C 97 36.55 25.49 -25.07
C LEU C 97 37.16 26.39 -26.09
N GLN C 98 38.03 25.81 -26.90
CA GLN C 98 38.54 26.55 -28.04
C GLN C 98 37.73 26.04 -29.22
N CYS C 99 37.11 26.95 -30.01
CA CYS C 99 36.24 26.56 -31.13
C CYS C 99 36.50 27.38 -32.38
N THR C 100 36.45 26.67 -33.50
CA THR C 100 36.48 27.25 -34.83
C THR C 100 35.33 26.59 -35.61
N ASN C 101 34.96 27.14 -36.79
CA ASN C 101 33.92 26.58 -37.66
C ASN C 101 34.44 25.34 -38.39
N VAL C 102 33.54 24.36 -38.67
CA VAL C 102 33.88 23.20 -39.52
C VAL C 102 33.64 23.62 -40.95
N THR C 103 34.69 23.79 -41.69
CA THR C 103 34.57 24.33 -43.02
C THR C 103 35.07 23.37 -44.06
N ASN C 104 35.13 22.12 -43.67
CA ASN C 104 35.68 21.08 -44.52
C ASN C 104 34.92 20.87 -45.84
N ASN C 105 33.59 21.00 -45.77
CA ASN C 105 32.68 20.76 -46.91
C ASN C 105 31.53 21.78 -46.85
N ILE C 106 31.74 22.93 -47.51
CA ILE C 106 30.74 24.02 -47.59
C ILE C 106 29.91 23.86 -48.84
N THR C 107 28.66 23.65 -48.58
CA THR C 107 27.57 23.40 -49.49
C THR C 107 26.59 24.54 -49.39
N ASP C 108 26.98 25.53 -48.61
CA ASP C 108 26.21 26.71 -48.21
C ASP C 108 25.08 26.39 -47.23
N ASP C 109 25.07 25.17 -46.70
CA ASP C 109 24.19 24.86 -45.58
C ASP C 109 24.92 25.25 -44.32
N MET C 110 26.24 25.15 -44.39
CA MET C 110 27.10 25.45 -43.27
C MET C 110 27.34 26.93 -43.10
N ARG C 111 26.31 27.60 -42.66
CA ARG C 111 26.41 29.01 -42.44
C ARG C 111 26.79 29.28 -41.00
N GLY C 112 27.95 28.75 -40.63
CA GLY C 112 28.50 28.90 -39.27
C GLY C 112 27.86 28.00 -38.20
N GLU C 113 26.99 27.09 -38.62
CA GLU C 113 26.24 26.24 -37.69
C GLU C 113 26.97 25.12 -36.95
N LEU C 114 27.91 24.46 -37.60
CA LEU C 114 28.61 23.33 -37.01
C LEU C 114 30.03 23.72 -36.64
N LYS C 115 30.37 23.57 -35.37
CA LYS C 115 31.68 23.97 -34.90
C LYS C 115 32.53 22.81 -34.39
N ASN C 116 33.86 22.95 -34.55
CA ASN C 116 34.89 22.03 -34.06
C ASN C 116 35.53 22.60 -32.79
N CYS C 117 35.20 21.99 -31.64
CA CYS C 117 35.63 22.46 -30.34
C CYS C 117 36.54 21.43 -29.70
N SER C 118 37.45 21.95 -28.88
CA SER C 118 38.37 21.12 -28.12
C SER C 118 38.47 21.57 -26.69
N PHE C 119 38.53 20.61 -25.79
CA PHE C 119 38.65 20.95 -24.39
C PHE C 119 39.36 19.88 -23.55
N ASN C 120 39.80 20.31 -22.34
CA ASN C 120 40.47 19.49 -21.31
C ASN C 120 39.44 18.94 -20.30
N MET C 121 39.28 17.60 -20.22
CA MET C 121 38.36 16.95 -19.25
C MET C 121 39.02 15.76 -18.58
N THR C 122 38.73 15.56 -17.29
CA THR C 122 39.28 14.45 -16.54
C THR C 122 38.56 13.18 -16.82
N THR C 123 39.20 12.06 -16.51
CA THR C 123 38.53 10.77 -16.64
C THR C 123 39.13 9.64 -15.86
N GLU C 124 38.25 8.76 -15.39
CA GLU C 124 38.55 7.52 -14.66
C GLU C 124 39.25 7.80 -13.34
N LEU C 125 40.48 8.29 -13.40
CA LEU C 125 41.25 8.61 -12.22
C LEU C 125 41.26 10.11 -12.06
N ARG C 126 41.36 10.58 -10.81
CA ARG C 126 41.41 12.03 -10.62
C ARG C 126 42.72 12.65 -11.08
N ASP C 127 43.70 11.82 -11.33
CA ASP C 127 45.02 12.27 -11.75
C ASP C 127 45.16 12.50 -13.24
N LYS C 128 44.15 12.14 -14.03
CA LYS C 128 44.35 12.24 -15.47
C LYS C 128 43.29 12.97 -16.27
N LYS C 129 43.79 13.66 -17.29
CA LYS C 129 42.99 14.38 -18.28
C LYS C 129 43.24 13.91 -19.69
N GLN C 130 42.25 14.16 -20.52
CA GLN C 130 42.30 13.87 -21.94
C GLN C 130 41.79 15.05 -22.72
N LYS C 131 42.27 15.21 -23.95
CA LYS C 131 41.70 16.24 -24.80
C LYS C 131 40.59 15.64 -25.60
N VAL C 132 39.49 16.34 -25.64
CA VAL C 132 38.32 15.86 -26.34
C VAL C 132 37.99 16.74 -27.49
N TYR C 133 37.84 16.11 -28.64
CA TYR C 133 37.50 16.79 -29.87
C TYR C 133 36.11 16.40 -30.24
N SER C 134 35.22 17.38 -30.33
CA SER C 134 33.83 17.08 -30.61
C SER C 134 33.15 18.19 -31.37
N LEU C 135 32.01 17.86 -31.98
CA LEU C 135 31.31 18.87 -32.71
C LEU C 135 30.05 19.36 -32.01
N PHE C 136 29.83 20.65 -32.15
CA PHE C 136 28.70 21.32 -31.56
C PHE C 136 27.90 22.15 -32.50
N TYR C 137 26.64 22.33 -32.16
CA TYR C 137 25.84 23.23 -32.95
C TYR C 137 25.79 24.59 -32.31
N ARG C 138 25.81 25.60 -33.18
CA ARG C 138 25.79 27.00 -32.82
C ARG C 138 24.70 27.36 -31.84
N LEU C 139 23.55 26.71 -31.96
CA LEU C 139 22.44 27.05 -31.11
C LEU C 139 22.76 26.92 -29.64
N ASP C 140 23.65 25.98 -29.28
CA ASP C 140 23.95 25.71 -27.90
C ASP C 140 25.31 26.23 -27.42
N VAL C 141 26.00 27.02 -28.22
CA VAL C 141 27.32 27.47 -27.81
C VAL C 141 27.43 28.97 -27.86
N VAL C 142 27.97 29.57 -26.81
CA VAL C 142 28.13 31.00 -26.80
C VAL C 142 29.56 31.40 -26.52
N GLN C 143 29.91 32.61 -26.93
CA GLN C 143 31.25 33.12 -26.72
C GLN C 143 31.46 33.57 -25.31
N ILE C 144 32.65 33.29 -24.77
CA ILE C 144 33.03 33.74 -23.43
C ILE C 144 33.34 35.24 -23.32
N LYS C 157 38.59 32.91 -29.87
CA LYS C 157 38.23 31.50 -30.05
C LYS C 157 37.71 30.81 -28.74
N GLU C 158 37.42 31.59 -27.67
CA GLU C 158 36.95 31.11 -26.36
C GLU C 158 35.44 31.08 -26.23
N TYR C 159 34.92 29.88 -26.03
CA TYR C 159 33.51 29.54 -25.95
C TYR C 159 33.13 28.69 -24.76
N ARG C 160 31.87 28.77 -24.38
CA ARG C 160 31.31 27.95 -23.31
C ARG C 160 30.00 27.37 -23.76
N LEU C 161 29.57 26.33 -23.09
CA LEU C 161 28.30 25.74 -23.45
C LEU C 161 27.18 26.55 -22.83
N ILE C 162 26.06 26.68 -23.54
CA ILE C 162 24.94 27.46 -23.03
C ILE C 162 24.35 26.90 -21.77
N ASN C 163 24.34 25.60 -21.66
CA ASN C 163 23.73 24.96 -20.51
C ASN C 163 24.41 25.24 -19.18
N CYS C 164 25.65 25.76 -19.17
CA CYS C 164 26.41 26.01 -17.96
C CYS C 164 25.83 27.24 -17.28
N ASN C 165 24.98 27.97 -18.01
CA ASN C 165 24.17 29.08 -17.44
C ASN C 165 23.32 28.55 -16.27
N THR C 166 22.63 27.43 -16.52
CA THR C 166 21.55 26.86 -15.73
C THR C 166 22.10 25.63 -15.04
N SER C 167 21.24 24.82 -14.49
CA SER C 167 21.68 23.69 -13.71
C SER C 167 22.40 22.66 -14.55
N ALA C 168 23.07 21.75 -13.87
CA ALA C 168 23.85 20.74 -14.51
C ALA C 168 23.05 19.92 -15.49
N ILE C 169 23.75 19.64 -16.56
CA ILE C 169 23.35 18.90 -17.71
C ILE C 169 23.56 17.42 -17.53
N THR C 170 22.52 16.64 -17.85
CA THR C 170 22.58 15.18 -17.73
C THR C 170 22.42 14.53 -19.09
N GLN C 171 23.22 13.52 -19.38
CA GLN C 171 23.11 12.83 -20.66
C GLN C 171 21.97 11.85 -20.61
N ALA C 172 21.13 11.85 -21.63
CA ALA C 172 20.06 10.87 -21.69
C ALA C 172 20.67 9.48 -21.91
N CYS C 173 20.06 8.43 -21.31
CA CYS C 173 20.49 7.03 -21.43
C CYS C 173 20.28 6.54 -22.89
N PRO C 174 21.34 5.98 -23.53
CA PRO C 174 21.41 5.60 -24.92
C PRO C 174 20.48 4.48 -25.37
N LYS C 175 19.96 3.71 -24.44
CA LYS C 175 19.11 2.61 -24.80
C LYS C 175 17.64 2.81 -24.46
N VAL C 176 17.27 4.01 -24.07
CA VAL C 176 15.88 4.24 -23.72
C VAL C 176 15.19 4.97 -24.87
N SER C 177 14.18 4.35 -25.48
CA SER C 177 13.57 4.98 -26.64
C SER C 177 12.61 6.13 -26.34
N PHE C 178 12.45 6.95 -27.37
CA PHE C 178 11.58 8.12 -27.35
C PHE C 178 10.38 8.04 -28.27
N GLU C 179 10.04 6.85 -28.73
CA GLU C 179 8.91 6.71 -29.63
C GLU C 179 7.61 6.65 -28.83
N PRO C 180 6.64 7.55 -29.03
CA PRO C 180 5.39 7.60 -28.31
C PRO C 180 4.65 6.27 -28.42
N ILE C 181 4.09 5.84 -27.29
CA ILE C 181 3.36 4.60 -27.13
C ILE C 181 1.96 4.94 -26.68
N PRO C 182 0.88 4.42 -27.29
CA PRO C 182 -0.45 4.74 -26.88
C PRO C 182 -0.63 4.33 -25.44
N ILE C 183 -1.17 5.21 -24.60
CA ILE C 183 -1.42 4.90 -23.20
C ILE C 183 -2.90 4.98 -22.94
N HIS C 184 -3.43 4.01 -22.22
CA HIS C 184 -4.85 3.99 -21.94
C HIS C 184 -5.11 4.51 -20.54
N TYR C 185 -6.03 5.45 -20.42
CA TYR C 185 -6.33 5.96 -19.10
C TYR C 185 -7.65 5.34 -18.68
N CYS C 186 -7.70 4.78 -17.46
CA CYS C 186 -8.85 4.05 -16.96
C CYS C 186 -9.43 4.71 -15.71
N ALA C 187 -10.73 4.69 -15.62
CA ALA C 187 -11.36 5.17 -14.42
C ALA C 187 -11.18 4.08 -13.36
N PRO C 188 -11.10 4.42 -12.08
CA PRO C 188 -11.09 3.50 -10.98
C PRO C 188 -12.47 2.92 -10.79
N ALA C 189 -12.57 1.79 -10.13
CA ALA C 189 -13.89 1.21 -9.91
C ALA C 189 -14.80 2.21 -9.21
N GLY C 190 -16.05 2.27 -9.68
CA GLY C 190 -17.06 3.19 -9.14
C GLY C 190 -17.19 4.43 -10.01
N PHE C 191 -16.28 4.53 -10.97
CA PHE C 191 -16.20 5.62 -11.91
C PHE C 191 -16.13 5.06 -13.31
N ALA C 192 -16.45 5.90 -14.28
CA ALA C 192 -16.39 5.48 -15.68
C ALA C 192 -16.03 6.64 -16.56
N ILE C 193 -15.61 6.35 -17.78
CA ILE C 193 -15.27 7.40 -18.70
C ILE C 193 -16.34 7.50 -19.78
N LEU C 194 -16.90 8.66 -19.92
CA LEU C 194 -17.90 8.86 -20.91
C LEU C 194 -17.19 9.37 -22.13
N LYS C 195 -17.67 8.97 -23.28
CA LYS C 195 -17.14 9.46 -24.54
C LYS C 195 -18.31 9.85 -25.41
N CYS C 196 -18.18 10.92 -26.24
CA CYS C 196 -19.22 11.20 -27.24
C CYS C 196 -18.69 11.02 -28.65
N LYS C 197 -19.60 10.59 -29.48
CA LYS C 197 -19.39 10.19 -30.86
C LYS C 197 -19.85 11.21 -31.84
N ASP C 198 -20.26 12.33 -31.34
CA ASP C 198 -20.78 13.32 -32.22
C ASP C 198 -19.76 13.80 -33.20
N LYS C 199 -20.16 13.80 -34.44
CA LYS C 199 -19.27 14.24 -35.47
C LYS C 199 -19.37 15.71 -35.43
N LYS C 200 -18.33 16.37 -35.87
CA LYS C 200 -18.31 17.82 -35.88
C LYS C 200 -18.54 18.35 -34.47
N PHE C 201 -17.99 17.65 -33.46
CA PHE C 201 -18.14 18.14 -32.12
C PHE C 201 -16.96 19.02 -31.75
N ASN C 202 -17.24 20.23 -31.27
CA ASN C 202 -16.20 21.28 -31.11
C ASN C 202 -15.61 21.27 -29.69
N GLY C 203 -15.97 20.29 -28.86
CA GLY C 203 -15.36 20.07 -27.55
C GLY C 203 -15.90 20.96 -26.42
N THR C 204 -16.93 21.79 -26.70
CA THR C 204 -17.43 22.62 -25.61
C THR C 204 -18.92 22.52 -25.35
N GLY C 205 -19.69 22.17 -26.38
CA GLY C 205 -21.13 22.13 -26.21
C GLY C 205 -21.62 20.76 -25.75
N PRO C 206 -22.95 20.59 -25.61
CA PRO C 206 -23.61 19.35 -25.32
C PRO C 206 -23.39 18.47 -26.53
N CYS C 207 -23.20 17.16 -26.34
CA CYS C 207 -23.08 16.18 -27.42
C CYS C 207 -24.04 14.99 -27.11
N PRO C 208 -25.10 14.77 -27.95
CA PRO C 208 -26.17 13.77 -27.85
C PRO C 208 -25.87 12.30 -28.13
N SER C 209 -24.71 11.97 -28.69
CA SER C 209 -24.46 10.56 -28.94
C SER C 209 -23.34 10.11 -28.06
N VAL C 210 -23.67 9.34 -27.03
CA VAL C 210 -22.66 8.98 -26.07
C VAL C 210 -22.61 7.52 -25.78
N SER C 211 -21.47 7.11 -25.24
CA SER C 211 -21.23 5.77 -24.80
C SER C 211 -20.31 5.75 -23.59
N THR C 212 -20.29 4.62 -22.91
CA THR C 212 -19.40 4.48 -21.77
C THR C 212 -18.36 3.41 -21.96
N VAL C 213 -17.13 3.77 -21.59
CA VAL C 213 -16.03 2.84 -21.63
C VAL C 213 -15.36 2.88 -20.26
N GLN C 214 -14.64 1.84 -19.90
CA GLN C 214 -13.90 1.96 -18.65
C GLN C 214 -12.57 2.73 -18.85
N CYS C 215 -11.91 2.50 -20.01
CA CYS C 215 -10.61 3.02 -20.41
C CYS C 215 -10.75 3.74 -21.74
N THR C 216 -9.90 4.74 -21.93
CA THR C 216 -9.84 5.48 -23.17
C THR C 216 -9.09 4.64 -24.16
N HIS C 217 -9.13 5.05 -25.42
CA HIS C 217 -8.32 4.39 -26.42
C HIS C 217 -6.93 4.81 -26.09
N GLY C 218 -5.92 4.20 -26.68
CA GLY C 218 -4.63 4.66 -26.27
C GLY C 218 -4.34 5.98 -26.94
N ILE C 219 -3.72 6.88 -26.21
CA ILE C 219 -3.29 8.15 -26.78
C ILE C 219 -1.79 8.20 -26.73
N LYS C 220 -1.15 8.38 -27.86
CA LYS C 220 0.29 8.48 -27.86
C LYS C 220 0.73 9.84 -27.32
N PRO C 221 1.75 9.92 -26.46
CA PRO C 221 2.33 11.13 -25.92
C PRO C 221 3.25 11.76 -26.94
N VAL C 222 2.67 12.19 -28.03
CA VAL C 222 3.45 12.76 -29.10
C VAL C 222 3.73 14.19 -28.70
N VAL C 223 4.98 14.59 -28.76
CA VAL C 223 5.33 15.92 -28.37
C VAL C 223 5.80 16.74 -29.53
N SER C 224 5.12 17.86 -29.72
CA SER C 224 5.42 18.79 -30.77
C SER C 224 4.84 20.15 -30.48
N THR C 225 5.31 21.13 -31.24
CA THR C 225 4.64 22.44 -31.21
C THR C 225 4.27 22.87 -32.60
N GLN C 226 3.45 23.92 -32.67
CA GLN C 226 2.89 24.56 -33.89
C GLN C 226 1.95 23.64 -34.67
N LEU C 227 2.45 22.48 -35.03
CA LEU C 227 1.74 21.46 -35.74
C LEU C 227 1.41 20.32 -34.80
N LEU C 228 0.22 19.77 -34.93
CA LEU C 228 -0.20 18.64 -34.11
C LEU C 228 0.04 17.38 -34.93
N LEU C 229 0.95 16.56 -34.44
CA LEU C 229 1.35 15.37 -35.18
C LEU C 229 0.84 14.07 -34.56
N ASN C 230 0.53 13.09 -35.41
CA ASN C 230 0.30 11.67 -35.03
C ASN C 230 -0.84 11.53 -34.01
N GLY C 231 -1.95 12.23 -34.23
CA GLY C 231 -3.17 12.12 -33.41
C GLY C 231 -4.31 11.55 -34.21
N SER C 232 -5.52 11.70 -33.69
CA SER C 232 -6.70 11.22 -34.37
C SER C 232 -7.19 12.24 -35.39
N LEU C 233 -8.02 11.79 -36.30
CA LEU C 233 -8.62 12.67 -37.29
C LEU C 233 -10.07 12.93 -37.05
N ALA C 234 -10.51 14.07 -37.53
CA ALA C 234 -11.88 14.50 -37.49
C ALA C 234 -12.66 13.60 -38.43
N GLU C 235 -13.90 13.37 -38.11
CA GLU C 235 -14.73 12.59 -38.99
C GLU C 235 -15.39 13.47 -40.00
N GLU C 236 -15.16 13.20 -41.29
CA GLU C 236 -15.73 13.91 -42.43
C GLU C 236 -15.29 15.36 -42.68
N GLU C 237 -15.37 16.20 -41.65
CA GLU C 237 -15.12 17.62 -41.79
C GLU C 237 -14.18 18.17 -40.73
N VAL C 238 -13.36 19.13 -41.12
CA VAL C 238 -12.38 19.78 -40.26
C VAL C 238 -13.04 20.50 -39.07
N ILE C 239 -12.49 20.27 -37.87
CA ILE C 239 -13.12 20.86 -36.68
C ILE C 239 -12.25 21.89 -35.99
N ILE C 240 -12.81 23.06 -35.79
CA ILE C 240 -12.07 24.11 -35.11
C ILE C 240 -12.54 24.26 -33.68
N ARG C 241 -11.64 24.02 -32.73
CA ARG C 241 -12.03 24.06 -31.33
C ARG C 241 -11.33 25.18 -30.56
N SER C 242 -12.09 25.96 -29.83
CA SER C 242 -11.50 27.02 -29.03
C SER C 242 -12.33 27.31 -27.80
N GLU C 243 -11.69 27.80 -26.74
CA GLU C 243 -12.42 28.18 -25.52
C GLU C 243 -13.31 29.43 -25.72
N ASN C 244 -12.78 30.46 -26.39
CA ASN C 244 -13.42 31.73 -26.72
C ASN C 244 -12.97 32.13 -28.13
N ILE C 245 -13.80 31.83 -29.14
CA ILE C 245 -13.51 32.02 -30.56
C ILE C 245 -13.39 33.47 -30.99
N THR C 246 -13.97 34.37 -30.22
CA THR C 246 -13.91 35.79 -30.55
C THR C 246 -12.74 36.46 -29.86
N ASN C 247 -11.98 35.70 -29.08
CA ASN C 247 -10.85 36.26 -28.37
C ASN C 247 -9.62 36.14 -29.26
N ASN C 248 -8.60 36.94 -28.98
CA ASN C 248 -7.34 36.86 -29.70
C ASN C 248 -6.21 36.46 -28.74
N ALA C 249 -6.62 35.98 -27.58
CA ALA C 249 -5.74 35.52 -26.53
C ALA C 249 -5.94 34.05 -26.19
N LYS C 250 -6.41 33.28 -27.16
CA LYS C 250 -6.64 31.85 -26.99
C LYS C 250 -6.05 31.07 -28.13
N ASN C 251 -5.61 29.85 -27.87
CA ASN C 251 -5.15 29.00 -28.95
C ASN C 251 -6.34 28.34 -29.62
N ILE C 252 -6.26 28.19 -30.92
CA ILE C 252 -7.26 27.52 -31.69
C ILE C 252 -6.73 26.17 -32.14
N LEU C 253 -7.43 25.12 -31.79
CA LEU C 253 -6.95 23.81 -32.15
C LEU C 253 -7.76 23.28 -33.31
N VAL C 254 -7.09 23.04 -34.43
CA VAL C 254 -7.80 22.61 -35.61
C VAL C 254 -7.49 21.18 -35.93
N GLN C 255 -8.52 20.35 -35.95
CA GLN C 255 -8.35 18.94 -36.25
C GLN C 255 -8.67 18.70 -37.71
N LEU C 256 -7.79 18.01 -38.39
CA LEU C 256 -7.98 17.75 -39.81
C LEU C 256 -8.78 16.49 -39.93
N ASN C 257 -9.54 16.32 -41.01
CA ASN C 257 -10.26 15.08 -41.23
C ASN C 257 -9.48 14.15 -42.15
N THR C 258 -8.31 14.61 -42.57
CA THR C 258 -7.42 13.86 -43.43
C THR C 258 -6.00 14.08 -42.95
N PRO C 259 -5.11 13.10 -43.03
CA PRO C 259 -3.71 13.24 -42.70
C PRO C 259 -2.97 13.87 -43.84
N VAL C 260 -1.87 14.53 -43.56
CA VAL C 260 -0.97 14.89 -44.67
C VAL C 260 0.40 14.34 -44.28
N GLN C 261 1.04 13.66 -45.22
CA GLN C 261 2.33 13.06 -44.93
C GLN C 261 3.50 14.03 -44.98
N ILE C 262 4.36 13.92 -43.96
CA ILE C 262 5.59 14.68 -43.86
C ILE C 262 6.84 13.76 -43.78
N ASN C 263 7.82 13.97 -44.68
CA ASN C 263 9.09 13.22 -44.75
C ASN C 263 10.25 14.09 -44.24
N CYS C 264 10.84 13.76 -43.06
CA CYS C 264 11.92 14.52 -42.40
C CYS C 264 13.22 13.72 -42.42
N THR C 265 14.31 14.41 -42.74
CA THR C 265 15.62 13.80 -42.77
C THR C 265 16.75 14.67 -42.19
N ARG C 266 17.76 14.00 -41.66
CA ARG C 266 19.01 14.66 -41.24
C ARG C 266 20.14 13.98 -42.01
N PRO C 267 20.35 14.35 -43.27
CA PRO C 267 21.16 13.64 -44.25
C PRO C 267 22.67 13.83 -44.12
N ASN C 268 23.19 13.49 -42.97
CA ASN C 268 24.61 13.58 -42.66
C ASN C 268 24.92 12.31 -41.91
N ASN C 269 25.92 11.50 -42.34
CA ASN C 269 26.21 10.24 -41.66
C ASN C 269 27.15 10.53 -40.48
N ASN C 270 26.57 10.60 -39.26
CA ASN C 270 27.28 11.00 -38.06
C ASN C 270 28.09 9.87 -37.50
N THR C 271 29.35 10.13 -37.19
CA THR C 271 30.17 9.13 -36.54
C THR C 271 30.17 9.49 -35.11
N VAL C 272 29.69 8.60 -34.29
CA VAL C 272 29.57 8.88 -32.90
C VAL C 272 30.70 8.24 -32.13
N LYS C 273 31.35 9.05 -31.36
CA LYS C 273 32.48 8.65 -30.56
C LYS C 273 32.05 8.61 -29.12
N SER C 274 32.78 7.83 -28.33
CA SER C 274 32.48 7.73 -26.92
C SER C 274 33.72 7.64 -26.10
N ILE C 275 33.75 8.39 -25.03
CA ILE C 275 34.88 8.38 -24.15
C ILE C 275 34.48 8.11 -22.73
N ARG C 276 35.38 7.54 -21.96
CA ARG C 276 35.06 7.39 -20.57
C ARG C 276 35.28 8.72 -19.94
N ILE C 277 34.43 9.05 -18.99
CA ILE C 277 34.57 10.26 -18.22
C ILE C 277 34.66 9.96 -16.72
N GLY C 278 34.37 8.73 -16.34
CA GLY C 278 34.33 8.40 -14.92
C GLY C 278 34.13 6.91 -14.66
N PRO C 279 33.72 6.53 -13.45
CA PRO C 279 33.63 5.16 -12.95
C PRO C 279 32.52 4.36 -13.58
N GLY C 280 32.75 3.97 -14.82
CA GLY C 280 31.77 3.24 -15.62
C GLY C 280 30.89 4.23 -16.37
N GLN C 281 31.37 5.46 -16.44
CA GLN C 281 30.64 6.52 -17.10
C GLN C 281 31.28 6.93 -18.40
N ALA C 282 30.46 7.26 -19.39
CA ALA C 282 30.95 7.71 -20.68
C ALA C 282 30.06 8.75 -21.32
N PHE C 283 30.68 9.57 -22.14
CA PHE C 283 30.06 10.62 -22.90
C PHE C 283 30.02 10.31 -24.37
N TYR C 284 28.86 10.52 -24.98
CA TYR C 284 28.67 10.24 -26.39
C TYR C 284 28.51 11.51 -27.16
N TYR C 285 29.22 11.61 -28.26
CA TYR C 285 29.20 12.82 -29.06
C TYR C 285 29.51 12.60 -30.52
N THR C 286 29.17 13.57 -31.35
CA THR C 286 29.50 13.43 -32.75
C THR C 286 30.93 13.83 -32.93
N GLY C 287 31.67 12.98 -33.62
CA GLY C 287 33.06 13.17 -33.94
C GLY C 287 33.16 13.60 -35.38
N ASP C 288 33.29 12.62 -36.25
CA ASP C 288 33.47 12.88 -37.65
C ASP C 288 32.14 12.90 -38.39
N ILE C 289 32.12 13.56 -39.53
CA ILE C 289 30.96 13.57 -40.39
C ILE C 289 31.32 12.89 -41.69
N ILE C 290 30.49 11.97 -42.10
CA ILE C 290 30.67 11.28 -43.34
C ILE C 290 29.77 11.94 -44.39
N GLY C 291 30.42 12.44 -45.42
CA GLY C 291 29.77 13.18 -46.50
C GLY C 291 29.91 14.67 -46.26
N ASP C 292 29.40 15.46 -47.20
CA ASP C 292 29.47 16.90 -47.15
C ASP C 292 28.46 17.45 -46.14
N ILE C 293 28.57 18.71 -45.71
CA ILE C 293 27.57 19.16 -44.74
C ILE C 293 26.22 19.44 -45.38
N ARG C 294 25.16 18.86 -44.83
CA ARG C 294 23.82 19.09 -45.38
C ARG C 294 22.87 19.64 -44.33
N GLN C 295 21.95 20.46 -44.76
CA GLN C 295 20.92 20.97 -43.87
C GLN C 295 19.78 19.97 -43.71
N ALA C 296 19.32 19.81 -42.47
CA ALA C 296 18.18 18.96 -42.16
C ALA C 296 16.95 19.62 -42.73
N HIS C 297 15.98 18.84 -43.13
CA HIS C 297 14.76 19.42 -43.69
C HIS C 297 13.56 18.45 -43.64
N CYS C 298 12.33 19.00 -43.83
CA CYS C 298 11.07 18.25 -43.91
C CYS C 298 10.28 18.60 -45.19
N ASN C 299 9.72 17.57 -45.83
CA ASN C 299 8.94 17.69 -47.04
C ASN C 299 7.48 17.29 -46.84
N VAL C 300 6.54 18.21 -47.19
CA VAL C 300 5.09 17.98 -47.11
C VAL C 300 4.49 18.25 -48.50
N SER C 301 3.53 17.43 -48.94
CA SER C 301 2.94 17.69 -50.26
C SER C 301 2.27 19.04 -50.30
N LYS C 302 2.64 19.83 -51.29
CA LYS C 302 2.14 21.18 -51.43
C LYS C 302 0.71 21.20 -51.86
N ALA C 303 0.39 20.35 -52.82
CA ALA C 303 -0.96 20.35 -53.32
C ALA C 303 -1.89 19.82 -52.26
N THR C 304 -1.42 18.83 -51.52
CA THR C 304 -2.27 18.23 -50.53
C THR C 304 -2.48 19.24 -49.46
N TRP C 305 -1.40 19.86 -49.07
CA TRP C 305 -1.42 20.85 -48.03
C TRP C 305 -2.30 22.05 -48.37
N ASN C 306 -2.23 22.59 -49.62
CA ASN C 306 -3.02 23.75 -50.04
C ASN C 306 -4.52 23.45 -50.02
N GLU C 307 -4.95 22.21 -50.39
CA GLU C 307 -6.37 21.80 -50.32
C GLU C 307 -6.78 21.69 -48.87
N THR C 308 -5.87 21.16 -48.05
CA THR C 308 -6.13 20.99 -46.64
C THR C 308 -6.34 22.36 -46.03
N LEU C 309 -5.50 23.31 -46.42
CA LEU C 309 -5.64 24.63 -45.87
C LEU C 309 -6.94 25.22 -46.35
N GLY C 310 -7.31 25.01 -47.61
CA GLY C 310 -8.55 25.57 -48.06
C GLY C 310 -9.70 25.05 -47.21
N LYS C 311 -9.66 23.77 -46.81
CA LYS C 311 -10.72 23.25 -45.95
C LYS C 311 -10.75 23.97 -44.62
N VAL C 312 -9.59 24.26 -44.08
CA VAL C 312 -9.53 24.95 -42.80
C VAL C 312 -10.16 26.33 -42.95
N VAL C 313 -9.83 26.99 -44.04
CA VAL C 313 -10.34 28.32 -44.30
C VAL C 313 -11.85 28.28 -44.45
N LYS C 314 -12.37 27.29 -45.15
CA LYS C 314 -13.81 27.17 -45.31
C LYS C 314 -14.47 27.08 -43.95
N GLN C 315 -13.83 26.39 -43.01
CA GLN C 315 -14.39 26.26 -41.68
C GLN C 315 -14.25 27.55 -40.88
N LEU C 316 -13.17 28.29 -41.05
CA LEU C 316 -13.01 29.55 -40.31
C LEU C 316 -14.12 30.51 -40.69
N ARG C 317 -14.50 30.49 -41.94
CA ARG C 317 -15.53 31.37 -42.45
C ARG C 317 -16.91 31.06 -41.85
N LYS C 318 -17.07 29.88 -41.25
CA LYS C 318 -18.36 29.52 -40.70
C LYS C 318 -18.55 30.17 -39.36
N HIS C 319 -17.47 30.72 -38.81
CA HIS C 319 -17.55 31.37 -37.53
C HIS C 319 -17.39 32.86 -37.71
N PHE C 320 -16.69 33.26 -38.77
CA PHE C 320 -16.41 34.66 -38.94
C PHE C 320 -17.11 35.37 -40.09
N GLY C 321 -17.75 34.62 -40.99
CA GLY C 321 -18.42 35.22 -42.14
C GLY C 321 -17.71 34.90 -43.44
N ASN C 322 -18.48 34.86 -44.52
CA ASN C 322 -17.92 34.59 -45.87
C ASN C 322 -17.95 35.88 -46.69
N ASN C 323 -17.73 37.00 -46.00
CA ASN C 323 -17.60 38.31 -46.58
C ASN C 323 -16.32 39.00 -46.11
N THR C 324 -15.33 38.20 -45.75
CA THR C 324 -14.05 38.67 -45.24
C THR C 324 -12.90 38.03 -46.01
N ILE C 325 -11.69 38.35 -45.60
CA ILE C 325 -10.47 37.81 -46.17
C ILE C 325 -9.61 37.20 -45.10
N ILE C 326 -9.16 35.98 -45.35
CA ILE C 326 -8.34 35.29 -44.36
C ILE C 326 -6.90 35.12 -44.79
N ARG C 327 -6.00 35.69 -44.01
CA ARG C 327 -4.59 35.68 -44.29
C ARG C 327 -3.77 34.85 -43.33
N PHE C 328 -2.75 34.19 -43.87
CA PHE C 328 -1.83 33.43 -43.07
C PHE C 328 -0.46 34.03 -43.09
N ALA C 329 0.11 34.09 -41.89
CA ALA C 329 1.43 34.68 -41.63
C ALA C 329 2.17 33.90 -40.55
N GLN C 330 3.45 34.22 -40.39
CA GLN C 330 4.28 33.60 -39.38
C GLN C 330 4.09 34.25 -38.05
N SER C 331 4.42 33.53 -36.99
CA SER C 331 4.35 34.07 -35.64
C SER C 331 5.48 35.06 -35.51
N SER C 332 5.42 35.92 -34.51
CA SER C 332 6.47 36.89 -34.35
C SER C 332 6.85 37.10 -32.91
N GLY C 333 8.13 36.90 -32.64
CA GLY C 333 8.72 37.06 -31.33
C GLY C 333 8.81 35.72 -30.62
N GLY C 334 9.75 35.60 -29.70
CA GLY C 334 9.92 34.36 -28.97
C GLY C 334 11.17 33.61 -29.37
N ASP C 335 11.45 32.58 -28.60
CA ASP C 335 12.63 31.75 -28.75
C ASP C 335 12.42 30.66 -29.77
N LEU C 336 13.42 29.83 -30.00
CA LEU C 336 13.33 28.80 -31.01
C LEU C 336 12.12 27.92 -30.79
N GLU C 337 11.85 27.61 -29.55
CA GLU C 337 10.76 26.76 -29.12
C GLU C 337 9.39 27.38 -29.34
N VAL C 338 9.35 28.66 -29.62
CA VAL C 338 8.13 29.42 -29.82
C VAL C 338 7.91 29.71 -31.30
N THR C 339 8.96 30.13 -31.99
CA THR C 339 8.81 30.55 -33.37
C THR C 339 8.96 29.44 -34.41
N THR C 340 9.57 28.31 -34.07
CA THR C 340 9.70 27.25 -35.06
C THR C 340 8.90 26.05 -34.65
N HIS C 341 8.73 25.15 -35.58
CA HIS C 341 8.08 23.89 -35.35
C HIS C 341 9.07 22.97 -34.73
N SER C 342 8.68 22.22 -33.76
CA SER C 342 9.65 21.29 -33.22
C SER C 342 9.05 19.97 -32.91
N PHE C 343 9.91 18.97 -32.98
CA PHE C 343 9.55 17.61 -32.66
C PHE C 343 10.76 16.76 -32.32
N ASN C 344 10.51 15.65 -31.69
CA ASN C 344 11.52 14.65 -31.45
C ASN C 344 11.29 13.51 -32.40
N CYS C 345 12.37 12.92 -32.95
CA CYS C 345 12.27 11.70 -33.73
C CYS C 345 13.55 10.91 -33.55
N GLY C 346 13.39 9.72 -33.00
CA GLY C 346 14.52 8.84 -32.78
C GLY C 346 15.36 9.28 -31.60
N GLY C 347 14.89 10.24 -30.83
CA GLY C 347 15.67 10.77 -29.73
C GLY C 347 16.33 12.10 -30.11
N GLU C 348 16.29 12.48 -31.39
CA GLU C 348 16.89 13.76 -31.76
C GLU C 348 15.83 14.83 -31.82
N PHE C 349 16.24 16.04 -31.51
CA PHE C 349 15.33 17.17 -31.50
C PHE C 349 15.56 18.11 -32.66
N PHE C 350 14.50 18.22 -33.43
CA PHE C 350 14.46 18.96 -34.67
C PHE C 350 13.67 20.22 -34.54
N TYR C 351 14.18 21.28 -35.14
CA TYR C 351 13.49 22.56 -35.17
C TYR C 351 13.38 22.96 -36.63
N CYS C 352 12.16 23.28 -37.12
CA CYS C 352 11.89 23.54 -38.53
C CYS C 352 11.21 24.88 -38.76
N ASN C 353 11.65 25.54 -39.80
CA ASN C 353 11.07 26.79 -40.21
C ASN C 353 9.73 26.48 -40.90
N THR C 354 8.72 27.33 -40.68
CA THR C 354 7.36 27.20 -41.23
C THR C 354 6.96 28.28 -42.21
N SER C 355 7.92 28.93 -42.86
CA SER C 355 7.58 30.02 -43.77
C SER C 355 6.70 29.55 -44.91
N GLY C 356 6.90 28.33 -45.35
CA GLY C 356 6.16 27.77 -46.48
C GLY C 356 4.76 27.37 -46.13
N LEU C 357 4.42 27.40 -44.86
CA LEU C 357 3.11 26.99 -44.45
C LEU C 357 2.18 28.16 -44.20
N PHE C 358 2.70 29.36 -43.98
CA PHE C 358 1.78 30.42 -43.62
C PHE C 358 2.14 31.67 -44.40
N ASN C 359 1.99 31.61 -45.72
CA ASN C 359 2.35 32.66 -46.67
C ASN C 359 1.29 32.75 -47.77
N SER C 360 0.03 33.06 -47.38
CA SER C 360 -1.12 33.08 -48.32
C SER C 360 -2.30 33.92 -47.87
N THR C 361 -3.11 34.33 -48.84
CA THR C 361 -4.34 35.02 -48.52
C THR C 361 -5.47 34.36 -49.27
N TRP C 362 -6.53 34.06 -48.56
CA TRP C 362 -7.69 33.42 -49.13
C TRP C 362 -8.85 34.37 -49.33
N ILE C 363 -9.18 34.57 -50.59
CA ILE C 363 -10.23 35.49 -50.96
C ILE C 363 -11.33 34.77 -51.75
N SER C 364 -12.60 34.93 -51.30
CA SER C 364 -13.82 34.36 -51.86
C SER C 364 -13.93 34.59 -53.38
N ASN C 377 4.68 16.28 -58.21
CA ASN C 377 5.85 16.58 -57.35
C ASN C 377 5.69 17.95 -56.70
N ASP C 378 4.47 18.23 -56.30
CA ASP C 378 4.13 19.48 -55.67
C ASP C 378 4.56 19.37 -54.24
N SER C 379 5.59 20.11 -53.84
CA SER C 379 6.16 19.95 -52.51
C SER C 379 6.69 21.21 -51.84
N ILE C 380 6.48 21.26 -50.54
CA ILE C 380 6.99 22.34 -49.71
C ILE C 380 8.13 21.82 -48.87
N THR C 381 9.29 22.45 -49.02
CA THR C 381 10.43 22.02 -48.21
C THR C 381 10.64 23.02 -47.10
N LEU C 382 10.69 22.52 -45.90
CA LEU C 382 10.91 23.31 -44.72
C LEU C 382 12.33 23.05 -44.21
N PRO C 383 13.20 24.06 -44.16
CA PRO C 383 14.54 23.96 -43.62
C PRO C 383 14.42 23.60 -42.16
N CYS C 384 15.34 22.78 -41.63
CA CYS C 384 15.38 22.36 -40.22
C CYS C 384 16.82 22.39 -39.69
N ARG C 385 16.92 22.41 -38.37
CA ARG C 385 18.18 22.43 -37.65
C ARG C 385 18.18 21.51 -36.44
N ILE C 386 19.38 21.20 -35.94
CA ILE C 386 19.59 20.28 -34.82
C ILE C 386 20.07 20.92 -33.54
N LYS C 387 19.41 20.59 -32.45
CA LYS C 387 19.80 21.11 -31.13
C LYS C 387 20.31 19.94 -30.28
N GLN C 388 21.28 20.19 -29.39
CA GLN C 388 21.88 19.14 -28.55
C GLN C 388 21.45 19.25 -27.10
N ILE C 389 21.26 20.48 -26.66
CA ILE C 389 20.85 20.75 -25.29
C ILE C 389 19.37 20.93 -25.28
N ILE C 390 18.74 20.09 -24.54
CA ILE C 390 17.32 20.04 -24.51
C ILE C 390 16.74 20.53 -23.23
N ASN C 391 15.78 21.41 -23.35
CA ASN C 391 15.08 21.92 -22.20
C ASN C 391 13.63 22.00 -22.54
N MET C 392 12.90 20.98 -22.16
CA MET C 392 11.50 20.89 -22.54
C MET C 392 10.57 21.18 -21.37
N TRP C 393 9.25 21.04 -21.62
CA TRP C 393 8.20 21.31 -20.65
C TRP C 393 8.08 22.76 -20.24
N GLN C 394 8.77 23.62 -20.97
CA GLN C 394 8.79 25.04 -20.71
C GLN C 394 9.24 25.29 -19.28
N ARG C 395 10.23 24.51 -18.85
CA ARG C 395 10.80 24.64 -17.52
C ARG C 395 12.18 25.22 -17.59
N ILE C 396 12.69 25.56 -16.43
CA ILE C 396 14.05 26.03 -16.33
C ILE C 396 14.62 25.49 -15.03
N GLY C 397 15.92 25.21 -15.03
CA GLY C 397 16.57 24.69 -13.84
C GLY C 397 16.88 23.21 -14.04
N GLN C 398 16.69 22.77 -15.27
CA GLN C 398 16.95 21.42 -15.73
C GLN C 398 17.67 21.51 -17.05
N ALA C 399 18.47 20.51 -17.38
CA ALA C 399 19.06 20.47 -18.69
C ALA C 399 19.37 19.03 -19.07
N MET C 400 19.10 18.67 -20.32
CA MET C 400 19.39 17.33 -20.79
C MET C 400 20.21 17.35 -22.08
N TYR C 401 21.12 16.42 -22.19
CA TYR C 401 21.89 16.30 -23.40
C TYR C 401 21.47 15.11 -24.20
N ALA C 402 21.17 15.37 -25.44
CA ALA C 402 20.74 14.31 -26.30
C ALA C 402 21.91 13.85 -27.14
N PRO C 403 22.47 12.65 -26.92
CA PRO C 403 23.59 12.18 -27.65
C PRO C 403 23.04 11.92 -29.03
N PRO C 404 23.86 11.98 -30.07
CA PRO C 404 23.52 11.77 -31.48
C PRO C 404 23.25 10.36 -31.93
N ILE C 405 22.51 10.27 -33.02
CA ILE C 405 22.28 9.05 -33.76
C ILE C 405 23.42 8.76 -34.72
N GLN C 406 23.90 7.53 -34.67
CA GLN C 406 24.94 7.08 -35.59
C GLN C 406 24.33 6.91 -36.95
N GLY C 407 24.96 7.48 -37.97
CA GLY C 407 24.43 7.37 -39.31
C GLY C 407 23.39 8.44 -39.58
N VAL C 408 22.40 8.10 -40.40
CA VAL C 408 21.40 9.06 -40.86
C VAL C 408 20.02 8.70 -40.41
N ILE C 409 19.34 9.66 -39.83
CA ILE C 409 17.97 9.46 -39.43
C ILE C 409 17.00 9.92 -40.49
N ARG C 410 16.07 9.01 -40.77
CA ARG C 410 14.97 9.25 -41.67
C ARG C 410 13.76 9.15 -40.75
N CYS C 411 12.72 9.98 -40.96
CA CYS C 411 11.53 10.01 -40.11
C CYS C 411 10.27 10.35 -40.91
N VAL C 412 9.20 9.62 -40.67
CA VAL C 412 7.95 9.93 -41.35
C VAL C 412 6.86 10.22 -40.34
N SER C 413 6.16 11.33 -40.52
CA SER C 413 5.09 11.71 -39.60
C SER C 413 3.82 12.17 -40.32
N ASN C 414 2.65 12.08 -39.62
CA ASN C 414 1.37 12.60 -40.09
C ASN C 414 1.00 13.88 -39.37
N ILE C 415 0.52 14.88 -40.13
CA ILE C 415 -0.05 16.10 -39.55
C ILE C 415 -1.51 15.77 -39.42
N THR C 416 -2.00 15.90 -38.20
CA THR C 416 -3.37 15.58 -37.88
C THR C 416 -4.14 16.82 -37.43
N GLY C 417 -3.42 17.91 -37.17
CA GLY C 417 -4.04 19.15 -36.74
C GLY C 417 -3.04 20.29 -36.66
N LEU C 418 -3.56 21.48 -36.43
CA LEU C 418 -2.77 22.71 -36.37
C LEU C 418 -3.05 23.54 -35.13
N ILE C 419 -2.07 24.31 -34.66
CA ILE C 419 -2.35 25.27 -33.59
C ILE C 419 -2.34 26.67 -34.17
N LEU C 420 -3.49 27.33 -34.12
CA LEU C 420 -3.66 28.67 -34.68
C LEU C 420 -3.81 29.77 -33.65
N THR C 421 -3.33 30.94 -34.03
CA THR C 421 -3.46 32.16 -33.26
C THR C 421 -4.19 33.21 -34.08
N ARG C 422 -5.23 33.79 -33.53
CA ARG C 422 -5.98 34.82 -34.24
C ARG C 422 -5.40 36.17 -33.85
N ASP C 423 -5.33 37.10 -34.79
CA ASP C 423 -4.85 38.44 -34.45
C ASP C 423 -5.99 39.28 -33.83
N GLY C 424 -5.69 40.54 -33.43
CA GLY C 424 -6.62 41.48 -32.83
C GLY C 424 -7.26 42.37 -33.90
N SER C 429 -9.88 45.58 -38.79
CA SER C 429 -11.03 46.29 -39.32
C SER C 429 -12.00 45.28 -40.00
N THR C 430 -11.77 44.96 -41.29
CA THR C 430 -12.59 44.08 -42.14
C THR C 430 -11.98 42.73 -42.50
N THR C 431 -10.66 42.56 -42.35
CA THR C 431 -9.99 41.32 -42.72
C THR C 431 -9.14 40.87 -41.56
N GLU C 432 -8.67 39.63 -41.59
CA GLU C 432 -7.83 39.17 -40.48
C GLU C 432 -6.74 38.20 -40.85
N THR C 433 -5.76 38.12 -39.97
CA THR C 433 -4.62 37.23 -40.10
C THR C 433 -4.55 36.22 -38.96
N PHE C 434 -4.15 35.01 -39.32
CA PHE C 434 -3.87 33.93 -38.40
C PHE C 434 -2.40 33.55 -38.49
N ARG C 435 -1.85 33.15 -37.36
CA ARG C 435 -0.45 32.78 -37.23
C ARG C 435 -0.35 31.45 -36.49
N PRO C 436 0.73 30.67 -36.63
CA PRO C 436 0.92 29.46 -35.85
C PRO C 436 1.09 29.85 -34.40
N GLY C 437 0.57 29.04 -33.49
CA GLY C 437 0.73 29.31 -32.06
C GLY C 437 2.09 28.85 -31.57
N GLY C 438 2.56 29.47 -30.46
CA GLY C 438 3.82 29.12 -29.79
C GLY C 438 3.76 27.74 -29.17
N GLY C 439 2.58 27.38 -28.68
CA GLY C 439 2.33 26.07 -28.08
C GLY C 439 2.37 26.00 -26.56
N ASP C 440 1.67 24.99 -26.07
CA ASP C 440 1.49 24.59 -24.69
C ASP C 440 1.30 23.09 -24.76
N MET C 441 2.13 22.31 -24.13
CA MET C 441 2.01 20.86 -24.27
C MET C 441 0.66 20.32 -23.84
N ARG C 442 -0.02 21.04 -22.95
CA ARG C 442 -1.31 20.58 -22.48
C ARG C 442 -2.37 20.63 -23.57
N ASP C 443 -2.10 21.36 -24.63
CA ASP C 443 -3.02 21.47 -25.72
C ASP C 443 -3.02 20.21 -26.53
N ASN C 444 -1.90 19.48 -26.56
CA ASN C 444 -1.87 18.33 -27.42
C ASN C 444 -2.79 17.27 -26.86
N TRP C 445 -2.80 17.18 -25.55
CA TRP C 445 -3.57 16.19 -24.86
C TRP C 445 -4.99 16.61 -24.78
N ARG C 446 -5.20 17.91 -24.60
CA ARG C 446 -6.55 18.40 -24.51
C ARG C 446 -7.26 18.11 -25.79
N SER C 447 -6.56 18.27 -26.90
CA SER C 447 -7.17 18.02 -28.17
C SER C 447 -7.60 16.57 -28.29
N GLU C 448 -6.73 15.63 -27.95
CA GLU C 448 -7.11 14.24 -28.14
C GLU C 448 -8.22 13.80 -27.18
N LEU C 449 -8.22 14.40 -26.00
CA LEU C 449 -9.18 14.09 -24.97
C LEU C 449 -10.48 14.85 -25.08
N TYR C 450 -10.66 15.67 -26.11
CA TYR C 450 -11.89 16.48 -26.20
C TYR C 450 -13.15 15.61 -26.12
N LYS C 451 -13.04 14.39 -26.62
CA LYS C 451 -14.12 13.44 -26.67
C LYS C 451 -14.50 12.81 -25.33
N TYR C 452 -13.64 12.90 -24.30
CA TYR C 452 -13.87 12.19 -23.03
C TYR C 452 -14.21 13.03 -21.80
N LYS C 453 -14.98 12.43 -20.89
CA LYS C 453 -15.33 13.00 -19.59
C LYS C 453 -15.31 11.98 -18.45
N VAL C 454 -14.93 12.39 -17.24
CA VAL C 454 -14.97 11.46 -16.11
C VAL C 454 -16.20 11.65 -15.24
N VAL C 455 -16.90 10.54 -14.96
CA VAL C 455 -18.10 10.61 -14.16
C VAL C 455 -18.10 9.61 -13.00
N LYS C 456 -18.64 10.04 -11.86
CA LYS C 456 -18.82 9.19 -10.70
C LYS C 456 -20.17 8.55 -10.75
N ILE C 457 -20.22 7.28 -10.45
CA ILE C 457 -21.46 6.57 -10.43
C ILE C 457 -21.98 6.49 -9.02
N GLU C 458 -23.22 6.91 -8.84
CA GLU C 458 -23.87 6.96 -7.54
C GLU C 458 -25.03 5.99 -7.45
N PRO C 459 -24.83 4.75 -6.97
CA PRO C 459 -25.78 3.66 -6.99
C PRO C 459 -26.97 3.84 -6.08
N LEU C 460 -26.95 4.81 -5.16
CA LEU C 460 -28.12 4.96 -4.33
C LEU C 460 -28.98 6.11 -4.78
N GLY C 461 -30.28 5.93 -4.63
CA GLY C 461 -31.23 6.97 -4.91
C GLY C 461 -32.58 6.63 -4.31
N VAL C 462 -33.45 7.62 -4.28
CA VAL C 462 -34.75 7.52 -3.68
C VAL C 462 -35.86 8.00 -4.59
N ALA C 463 -37.00 7.34 -4.53
CA ALA C 463 -38.20 7.73 -5.26
C ALA C 463 -39.42 7.28 -4.42
N PRO C 464 -40.59 7.91 -4.54
CA PRO C 464 -41.81 7.52 -3.88
C PRO C 464 -42.40 6.24 -4.47
N THR C 465 -43.04 5.47 -3.62
CA THR C 465 -43.69 4.24 -4.01
C THR C 465 -45.07 4.00 -3.43
N ARG C 466 -45.65 2.91 -3.88
CA ARG C 466 -46.91 2.36 -3.38
C ARG C 466 -46.70 1.38 -2.16
N CYS C 467 -45.48 0.83 -2.02
CA CYS C 467 -45.00 -0.15 -1.04
C CYS C 467 -44.58 0.48 0.29
N LYS C 468 -45.08 -0.13 1.36
CA LYS C 468 -44.76 0.25 2.72
C LYS C 468 -44.54 -1.05 3.51
N ARG C 469 -43.76 -1.00 4.62
CA ARG C 469 -43.54 -2.16 5.50
C ARG C 469 -43.90 -1.82 6.94
N SER D 1 -29.90 -8.19 -23.70
CA SER D 1 -29.54 -7.65 -22.41
C SER D 1 -28.74 -6.34 -22.61
N LEU D 2 -28.57 -5.56 -21.52
CA LEU D 2 -27.86 -4.27 -21.46
C LEU D 2 -26.50 -4.40 -20.81
N GLY D 3 -25.59 -3.51 -21.19
CA GLY D 3 -24.30 -3.45 -20.52
C GLY D 3 -24.51 -2.66 -19.26
N PHE D 4 -23.46 -2.44 -18.50
CA PHE D 4 -23.57 -1.77 -17.22
C PHE D 4 -24.30 -0.44 -17.19
N LEU D 5 -23.95 0.54 -17.99
CA LEU D 5 -24.72 1.76 -17.90
C LEU D 5 -25.77 1.85 -18.97
N GLY D 6 -26.11 0.73 -19.60
CA GLY D 6 -27.06 0.69 -20.69
C GLY D 6 -28.46 1.11 -20.27
N ALA D 7 -28.69 1.16 -18.97
CA ALA D 7 -29.95 1.58 -18.40
C ALA D 7 -30.18 3.06 -18.65
N ALA D 8 -29.13 3.82 -18.92
CA ALA D 8 -29.33 5.24 -19.11
C ALA D 8 -30.30 5.41 -20.27
N GLY D 9 -31.25 6.31 -20.10
CA GLY D 9 -32.25 6.61 -21.10
C GLY D 9 -33.53 5.84 -20.89
N SER D 10 -33.49 4.81 -20.05
CA SER D 10 -34.69 4.04 -19.80
C SER D 10 -35.49 4.83 -18.79
N THR D 11 -36.75 4.47 -18.58
CA THR D 11 -37.54 5.19 -17.60
C THR D 11 -37.16 4.71 -16.23
N MET D 12 -37.57 5.44 -15.20
CA MET D 12 -37.25 5.00 -13.85
C MET D 12 -37.77 3.62 -13.55
N GLY D 13 -38.98 3.33 -14.06
CA GLY D 13 -39.59 2.05 -13.88
C GLY D 13 -38.78 0.98 -14.57
N ALA D 14 -38.44 1.21 -15.83
CA ALA D 14 -37.68 0.22 -16.60
C ALA D 14 -36.34 -0.07 -15.97
N ALA D 15 -35.73 0.96 -15.41
CA ALA D 15 -34.42 0.92 -14.81
C ALA D 15 -34.41 0.08 -13.55
N SER D 16 -35.56 -0.26 -12.99
CA SER D 16 -35.57 -1.04 -11.78
C SER D 16 -35.13 -2.46 -12.08
N MET D 17 -35.10 -2.82 -13.36
CA MET D 17 -34.70 -4.14 -13.76
C MET D 17 -33.22 -4.23 -14.03
N THR D 18 -32.49 -3.12 -13.84
CA THR D 18 -31.06 -3.10 -14.09
C THR D 18 -30.30 -2.89 -12.80
N LEU D 19 -30.99 -3.03 -11.67
CA LEU D 19 -30.35 -2.77 -10.40
C LEU D 19 -29.21 -3.75 -10.17
N THR D 20 -29.35 -4.99 -10.65
CA THR D 20 -28.31 -5.97 -10.43
C THR D 20 -27.05 -5.65 -11.20
N VAL D 21 -27.17 -5.14 -12.42
CA VAL D 21 -25.96 -4.86 -13.18
C VAL D 21 -25.27 -3.66 -12.59
N GLN D 22 -26.04 -2.69 -12.11
CA GLN D 22 -25.37 -1.56 -11.55
C GLN D 22 -24.64 -1.88 -10.25
N ALA D 23 -25.27 -2.69 -9.40
CA ALA D 23 -24.69 -3.01 -8.11
C ALA D 23 -23.51 -3.99 -8.20
N ARG D 24 -23.54 -4.91 -9.15
CA ARG D 24 -22.51 -5.95 -9.20
C ARG D 24 -21.22 -5.42 -9.78
N ASN D 25 -21.26 -4.21 -10.30
CA ASN D 25 -20.08 -3.61 -10.90
C ASN D 25 -19.46 -2.59 -9.96
N LEU D 26 -19.91 -2.56 -8.73
CA LEU D 26 -19.28 -1.69 -7.78
C LEU D 26 -18.04 -2.45 -7.39
N LEU D 27 -16.94 -1.76 -7.13
CA LEU D 27 -15.68 -2.46 -6.83
C LEU D 27 -15.22 -3.45 -7.93
N SER D 28 -15.52 -3.17 -9.24
CA SER D 28 -15.15 -3.99 -10.39
C SER D 28 -14.08 -3.25 -11.20
N THR D 51 9.45 2.21 -8.53
CA THR D 51 8.26 2.58 -9.27
C THR D 51 7.17 3.01 -8.24
N HIS D 52 7.31 4.24 -7.70
CA HIS D 52 6.40 4.83 -6.69
C HIS D 52 5.41 5.80 -7.29
N TRP D 53 5.48 6.02 -8.59
CA TRP D 53 4.53 6.93 -9.21
C TRP D 53 3.23 6.19 -9.46
N GLY D 54 3.29 4.87 -9.26
CA GLY D 54 2.16 3.99 -9.40
C GLY D 54 1.44 3.87 -8.06
N ILE D 55 1.90 4.61 -7.03
CA ILE D 55 1.31 4.51 -5.71
C ILE D 55 -0.14 4.96 -5.72
N LYS D 56 -0.50 5.83 -6.65
CA LYS D 56 -1.85 6.30 -6.78
C LYS D 56 -2.81 5.15 -7.06
N GLN D 57 -2.30 4.02 -7.55
CA GLN D 57 -3.12 2.89 -7.87
C GLN D 57 -3.59 2.24 -6.59
N LEU D 58 -2.76 2.31 -5.55
CA LEU D 58 -3.10 1.75 -4.27
C LEU D 58 -4.14 2.64 -3.67
N GLN D 59 -3.93 3.94 -3.79
CA GLN D 59 -4.91 4.83 -3.23
C GLN D 59 -6.24 4.69 -3.94
N ALA D 60 -6.20 4.50 -5.26
CA ALA D 60 -7.43 4.37 -6.03
C ALA D 60 -8.24 3.19 -5.61
N ARG D 61 -7.57 2.07 -5.33
CA ARG D 61 -8.29 0.89 -4.89
C ARG D 61 -8.90 1.16 -3.53
N VAL D 62 -8.17 1.88 -2.69
CA VAL D 62 -8.67 2.19 -1.38
C VAL D 62 -9.90 3.05 -1.48
N LEU D 63 -9.89 4.03 -2.37
CA LEU D 63 -11.05 4.88 -2.49
C LEU D 63 -12.24 4.10 -2.96
N ALA D 64 -12.05 3.15 -3.88
CA ALA D 64 -13.20 2.39 -4.34
C ALA D 64 -13.83 1.68 -3.15
N VAL D 65 -13.00 1.18 -2.25
CA VAL D 65 -13.49 0.54 -1.07
C VAL D 65 -14.23 1.49 -0.17
N GLU D 66 -13.69 2.67 0.06
CA GLU D 66 -14.36 3.60 0.93
C GLU D 66 -15.71 4.01 0.41
N HIS D 67 -15.84 4.17 -0.90
CA HIS D 67 -17.11 4.60 -1.41
C HIS D 67 -18.12 3.49 -1.20
N TYR D 68 -17.68 2.27 -1.44
CA TYR D 68 -18.54 1.12 -1.28
C TYR D 68 -19.03 1.00 0.15
N LEU D 69 -18.13 1.11 1.11
CA LEU D 69 -18.52 0.93 2.48
C LEU D 69 -19.45 2.00 2.95
N ARG D 70 -19.29 3.23 2.48
CA ARG D 70 -20.22 4.26 2.89
C ARG D 70 -21.63 3.92 2.45
N ASP D 71 -21.78 3.39 1.24
CA ASP D 71 -23.12 3.05 0.82
C ASP D 71 -23.66 1.92 1.66
N GLN D 72 -22.82 0.97 2.01
CA GLN D 72 -23.31 -0.13 2.78
C GLN D 72 -23.71 0.31 4.17
N GLN D 73 -22.99 1.25 4.77
CA GLN D 73 -23.39 1.68 6.08
C GLN D 73 -24.74 2.35 6.03
N LEU D 74 -25.00 3.15 5.00
CA LEU D 74 -26.29 3.82 4.96
C LEU D 74 -27.43 2.83 4.88
N LEU D 75 -27.24 1.79 4.09
CA LEU D 75 -28.27 0.80 4.00
C LEU D 75 -28.44 0.13 5.35
N GLY D 76 -27.34 -0.05 6.05
CA GLY D 76 -27.38 -0.65 7.37
C GLY D 76 -28.20 0.18 8.36
N ILE D 77 -27.91 1.47 8.45
CA ILE D 77 -28.60 2.31 9.44
C ILE D 77 -30.10 2.44 9.17
N TRP D 78 -30.51 2.30 7.92
CA TRP D 78 -31.92 2.37 7.57
C TRP D 78 -32.61 1.01 7.64
N GLY D 79 -31.85 -0.05 7.93
CA GLY D 79 -32.38 -1.41 7.95
C GLY D 79 -32.66 -2.02 6.57
N CYS D 80 -31.93 -1.58 5.52
CA CYS D 80 -32.07 -1.96 4.13
C CYS D 80 -30.84 -2.68 3.61
N SER D 81 -30.06 -3.23 4.53
CA SER D 81 -28.87 -3.96 4.14
C SER D 81 -29.19 -5.26 3.42
N GLY D 82 -28.40 -5.58 2.40
CA GLY D 82 -28.54 -6.84 1.66
C GLY D 82 -29.68 -6.85 0.66
N LYS D 83 -30.13 -5.68 0.23
CA LYS D 83 -31.25 -5.59 -0.69
C LYS D 83 -30.96 -4.62 -1.82
N LEU D 84 -31.54 -4.86 -3.00
CA LEU D 84 -31.43 -3.84 -4.03
C LEU D 84 -32.56 -2.85 -3.84
N ILE D 85 -33.71 -3.30 -3.34
CA ILE D 85 -34.80 -2.36 -3.08
C ILE D 85 -35.28 -2.54 -1.65
N CYS D 86 -35.70 -1.43 -0.99
CA CYS D 86 -36.21 -1.45 0.38
C CYS D 86 -37.31 -0.43 0.64
N CYS D 87 -38.39 -0.96 1.19
CA CYS D 87 -39.58 -0.22 1.54
C CYS D 87 -39.40 0.29 2.95
N THR D 88 -40.19 1.28 3.31
CA THR D 88 -40.08 1.94 4.60
C THR D 88 -41.35 2.13 5.39
N ASN D 89 -41.19 2.80 6.53
CA ASN D 89 -42.29 3.23 7.37
C ASN D 89 -42.36 4.77 7.42
N VAL D 90 -41.60 5.40 6.53
CA VAL D 90 -41.56 6.85 6.37
C VAL D 90 -42.34 7.26 5.10
N PRO D 91 -43.41 8.05 5.20
CA PRO D 91 -44.26 8.50 4.11
C PRO D 91 -43.53 9.50 3.25
N TRP D 92 -43.95 9.62 2.01
CA TRP D 92 -43.40 10.60 1.09
C TRP D 92 -44.04 11.98 1.28
N ASN D 93 -43.22 13.05 1.29
CA ASN D 93 -43.64 14.44 1.37
C ASN D 93 -43.67 15.08 -0.03
N SER D 94 -44.85 15.61 -0.43
CA SER D 94 -45.09 16.28 -1.72
C SER D 94 -44.30 17.58 -1.79
N SER D 95 -43.84 18.07 -0.62
CA SER D 95 -43.05 19.29 -0.57
C SER D 95 -41.66 19.03 -1.13
N TRP D 96 -41.25 17.76 -1.18
CA TRP D 96 -39.95 17.44 -1.75
C TRP D 96 -40.19 17.38 -3.22
N SER D 97 -41.25 16.66 -3.56
CA SER D 97 -41.66 16.56 -4.95
C SER D 97 -43.11 16.18 -5.09
N ASN D 98 -43.83 17.00 -5.85
CA ASN D 98 -45.22 16.77 -6.11
C ASN D 98 -45.39 16.50 -7.58
N ARG D 99 -45.53 15.25 -7.92
CA ARG D 99 -45.61 14.81 -9.29
C ARG D 99 -46.55 13.61 -9.36
N ASN D 100 -47.12 13.33 -10.52
CA ASN D 100 -47.99 12.18 -10.65
C ASN D 100 -47.17 10.92 -10.53
N LEU D 101 -47.68 9.89 -9.86
CA LEU D 101 -46.92 8.66 -9.74
C LEU D 101 -46.57 8.08 -11.11
N SER D 102 -47.50 8.20 -12.05
CA SER D 102 -47.30 7.64 -13.36
C SER D 102 -46.17 8.37 -14.06
N GLU D 103 -46.10 9.67 -13.87
CA GLU D 103 -45.07 10.46 -14.50
C GLU D 103 -43.73 10.08 -13.93
N ILE D 104 -43.69 9.86 -12.62
CA ILE D 104 -42.45 9.54 -11.98
C ILE D 104 -41.89 8.25 -12.50
N TRP D 105 -42.71 7.23 -12.61
CA TRP D 105 -42.12 5.99 -13.06
C TRP D 105 -42.02 5.80 -14.59
N ASP D 106 -42.94 6.38 -15.38
CA ASP D 106 -42.89 6.20 -16.82
C ASP D 106 -42.28 7.32 -17.66
N ASN D 107 -42.34 8.58 -17.24
CA ASN D 107 -41.82 9.63 -18.08
C ASN D 107 -40.42 10.04 -17.67
N MET D 108 -40.22 10.05 -16.36
CA MET D 108 -38.95 10.47 -15.80
C MET D 108 -37.92 9.37 -15.86
N THR D 109 -36.66 9.74 -16.03
CA THR D 109 -35.55 8.80 -15.87
C THR D 109 -34.87 9.11 -14.56
N TRP D 110 -33.95 8.27 -14.12
CA TRP D 110 -33.32 8.52 -12.83
C TRP D 110 -32.40 9.73 -12.82
N LEU D 111 -31.80 10.05 -13.96
CA LEU D 111 -30.91 11.18 -13.99
C LEU D 111 -31.69 12.47 -13.77
N GLN D 112 -32.87 12.55 -14.38
CA GLN D 112 -33.73 13.70 -14.26
C GLN D 112 -34.37 13.80 -12.91
N TRP D 113 -34.79 12.66 -12.40
CA TRP D 113 -35.46 12.58 -11.14
C TRP D 113 -34.61 13.00 -9.99
N ASP D 114 -33.37 12.53 -9.95
CA ASP D 114 -32.52 12.86 -8.84
C ASP D 114 -32.40 14.37 -8.69
N LYS D 115 -32.36 15.08 -9.79
CA LYS D 115 -32.22 16.51 -9.76
C LYS D 115 -33.38 17.20 -9.06
N GLU D 116 -34.57 16.62 -9.15
CA GLU D 116 -35.76 17.22 -8.58
C GLU D 116 -35.79 17.12 -7.08
N ILE D 117 -35.03 16.20 -6.52
CA ILE D 117 -35.09 16.02 -5.08
C ILE D 117 -33.75 16.16 -4.41
N SER D 118 -32.80 16.75 -5.09
CA SER D 118 -31.46 16.86 -4.54
C SER D 118 -31.39 17.53 -3.15
N ASN D 119 -32.14 18.63 -2.95
CA ASN D 119 -32.11 19.43 -1.72
C ASN D 119 -32.87 18.79 -0.56
N TYR D 120 -33.51 17.60 -0.74
CA TYR D 120 -34.27 16.92 0.30
C TYR D 120 -33.59 15.63 0.69
N THR D 121 -32.42 15.38 0.10
CA THR D 121 -31.76 14.12 0.35
C THR D 121 -31.41 13.91 1.80
N GLN D 122 -30.92 14.93 2.46
CA GLN D 122 -30.51 14.75 3.83
C GLN D 122 -31.71 14.67 4.75
N ILE D 123 -32.82 15.28 4.37
CA ILE D 123 -33.99 15.24 5.21
C ILE D 123 -34.46 13.81 5.23
N ILE D 124 -34.50 13.23 4.05
CA ILE D 124 -34.97 11.89 3.91
C ILE D 124 -34.08 10.94 4.65
N TYR D 125 -32.77 11.10 4.52
CA TYR D 125 -31.89 10.17 5.18
C TYR D 125 -32.04 10.24 6.69
N GLY D 126 -32.19 11.44 7.23
CA GLY D 126 -32.36 11.55 8.67
C GLY D 126 -33.63 10.86 9.12
N LEU D 127 -34.70 11.02 8.36
CA LEU D 127 -35.94 10.39 8.73
C LEU D 127 -35.86 8.89 8.66
N LEU D 128 -35.17 8.36 7.65
CA LEU D 128 -35.09 6.93 7.52
C LEU D 128 -34.33 6.32 8.67
N GLU D 129 -33.24 6.97 9.08
CA GLU D 129 -32.46 6.43 10.17
C GLU D 129 -33.21 6.49 11.47
N GLU D 130 -33.91 7.59 11.73
CA GLU D 130 -34.58 7.64 13.01
C GLU D 130 -35.69 6.62 13.04
N SER D 131 -36.37 6.42 11.91
CA SER D 131 -37.43 5.47 11.90
C SER D 131 -36.87 4.11 12.25
N GLN D 132 -35.72 3.76 11.67
CA GLN D 132 -35.16 2.46 11.95
C GLN D 132 -34.74 2.35 13.40
N ASN D 133 -34.24 3.43 13.97
CA ASN D 133 -33.79 3.42 15.35
C ASN D 133 -34.95 3.08 16.27
N GLN D 134 -36.11 3.67 16.00
CA GLN D 134 -37.27 3.40 16.81
C GLN D 134 -37.80 2.02 16.58
N GLN D 135 -37.73 1.55 15.34
CA GLN D 135 -38.26 0.23 15.03
C GLN D 135 -37.50 -0.84 15.75
N GLU D 136 -36.18 -0.70 15.80
CA GLU D 136 -35.42 -1.74 16.45
C GLU D 136 -35.70 -1.76 17.93
N LYS D 137 -35.86 -0.60 18.55
CA LYS D 137 -36.18 -0.62 19.96
C LYS D 137 -37.52 -1.28 20.20
N ASN D 138 -38.49 -0.98 19.34
CA ASN D 138 -39.79 -1.54 19.55
C ASN D 138 -39.74 -3.06 19.42
N GLU D 139 -38.92 -3.56 18.49
CA GLU D 139 -38.82 -4.99 18.37
C GLU D 139 -38.23 -5.58 19.62
N GLN D 140 -37.20 -4.94 20.17
CA GLN D 140 -36.60 -5.52 21.35
C GLN D 140 -37.59 -5.63 22.47
N ASP D 141 -38.44 -4.62 22.64
CA ASP D 141 -39.40 -4.70 23.72
C ASP D 141 -40.40 -5.80 23.48
N LEU D 142 -40.84 -5.97 22.24
CA LEU D 142 -41.81 -7.00 21.96
C LEU D 142 -41.24 -8.39 22.17
N LEU D 143 -39.99 -8.54 21.80
CA LEU D 143 -39.33 -9.82 21.92
C LEU D 143 -39.15 -10.14 23.39
N ALA D 144 -38.81 -9.14 24.19
CA ALA D 144 -38.66 -9.34 25.62
C ALA D 144 -39.97 -9.75 26.25
N LEU D 145 -41.07 -9.17 25.79
CA LEU D 145 -42.38 -9.54 26.33
C LEU D 145 -42.80 -10.98 25.96
N ASP D 146 -42.51 -11.42 24.70
CA ASP D 146 -42.81 -12.74 24.13
C ASP D 146 -42.35 -12.74 22.67
N LEU E 2 -33.74 -31.37 -8.20
CA LEU E 2 -33.14 -30.68 -7.07
C LEU E 2 -33.01 -29.17 -7.37
N TRP E 3 -32.54 -28.40 -6.37
CA TRP E 3 -32.35 -26.94 -6.30
C TRP E 3 -30.90 -26.57 -6.12
N VAL E 4 -30.53 -25.34 -6.45
CA VAL E 4 -29.15 -24.94 -6.17
C VAL E 4 -29.08 -24.14 -4.90
N THR E 5 -28.11 -24.49 -4.07
CA THR E 5 -27.87 -23.79 -2.81
C THR E 5 -26.44 -23.33 -2.74
N VAL E 6 -26.17 -22.36 -1.88
CA VAL E 6 -24.81 -21.86 -1.79
C VAL E 6 -24.24 -21.94 -0.41
N TYR E 7 -22.91 -21.97 -0.39
CA TYR E 7 -22.15 -22.05 0.83
C TYR E 7 -21.02 -21.05 0.87
N TYR E 8 -20.74 -20.54 2.06
CA TYR E 8 -19.57 -19.70 2.27
C TYR E 8 -18.71 -20.26 3.39
N GLY E 9 -17.40 -20.32 3.16
CA GLY E 9 -16.45 -20.80 4.17
C GLY E 9 -16.03 -22.24 3.88
N VAL E 10 -16.22 -22.66 2.63
CA VAL E 10 -15.90 -24.00 2.17
C VAL E 10 -14.37 -24.20 2.06
N PRO E 11 -13.79 -25.27 2.64
CA PRO E 11 -12.38 -25.59 2.68
C PRO E 11 -11.76 -26.15 1.40
N VAL E 12 -11.73 -25.29 0.40
CA VAL E 12 -11.12 -25.57 -0.89
C VAL E 12 -10.19 -24.43 -1.28
N TRP E 13 -9.30 -24.66 -2.24
CA TRP E 13 -8.32 -23.65 -2.64
C TRP E 13 -7.84 -23.79 -4.08
N LYS E 14 -7.15 -22.74 -4.52
CA LYS E 14 -6.52 -22.64 -5.84
C LYS E 14 -5.13 -22.07 -5.79
N ASP E 15 -4.28 -22.50 -6.70
CA ASP E 15 -2.93 -21.94 -6.72
C ASP E 15 -2.99 -20.46 -6.95
N ALA E 16 -2.15 -19.71 -6.25
CA ALA E 16 -2.17 -18.28 -6.47
C ALA E 16 -0.85 -17.66 -6.16
N GLU E 17 -0.55 -16.54 -6.80
CA GLU E 17 0.68 -15.86 -6.52
C GLU E 17 0.43 -14.44 -6.06
N THR E 18 0.92 -14.18 -4.87
CA THR E 18 0.82 -12.89 -4.21
C THR E 18 2.13 -12.62 -3.54
N THR E 19 2.20 -11.52 -2.81
CA THR E 19 3.42 -11.13 -2.11
C THR E 19 3.51 -11.78 -0.75
N LEU E 20 4.70 -11.77 -0.16
CA LEU E 20 4.88 -12.30 1.17
C LEU E 20 5.16 -11.22 2.17
N PHE E 21 4.64 -11.38 3.37
CA PHE E 21 4.87 -10.44 4.44
C PHE E 21 5.91 -10.98 5.42
N CYS E 22 6.98 -10.19 5.73
CA CYS E 22 8.09 -10.59 6.61
C CYS E 22 7.75 -10.47 8.08
N ALA E 23 8.40 -11.32 8.87
CA ALA E 23 8.38 -11.26 10.32
C ALA E 23 9.77 -11.66 10.80
N SER E 24 10.32 -10.98 11.80
CA SER E 24 11.72 -11.24 12.15
C SER E 24 12.20 -11.76 13.53
N ASP E 25 11.39 -11.66 14.59
CA ASP E 25 11.77 -12.04 15.97
C ASP E 25 10.53 -12.23 16.83
N HIS E 34 21.83 -1.91 13.39
CA HIS E 34 22.06 -3.15 14.13
C HIS E 34 22.23 -4.39 13.21
N ASN E 35 21.59 -4.38 12.02
CA ASN E 35 21.55 -5.47 11.05
C ASN E 35 21.41 -4.85 9.68
N VAL E 36 21.45 -5.66 8.62
CA VAL E 36 21.34 -5.10 7.28
C VAL E 36 20.10 -5.54 6.55
N TRP E 37 19.14 -6.12 7.26
CA TRP E 37 17.93 -6.60 6.59
C TRP E 37 16.71 -5.82 7.02
N ALA E 38 16.94 -4.71 7.69
CA ALA E 38 15.85 -3.92 8.24
C ALA E 38 14.96 -4.85 9.02
N THR E 39 15.54 -5.68 9.88
CA THR E 39 14.71 -6.65 10.58
C THR E 39 13.78 -5.97 11.54
N HIS E 40 14.20 -4.82 12.03
CA HIS E 40 13.42 -4.02 12.94
C HIS E 40 12.25 -3.34 12.27
N ALA E 41 12.23 -3.36 10.94
CA ALA E 41 11.13 -2.81 10.18
C ALA E 41 9.99 -3.85 9.92
N CYS E 42 10.18 -5.15 10.31
CA CYS E 42 9.23 -6.24 10.12
C CYS E 42 8.44 -6.45 11.40
N VAL E 43 7.27 -7.03 11.23
CA VAL E 43 6.44 -7.36 12.36
C VAL E 43 7.17 -8.43 13.18
N PRO E 44 7.00 -8.47 14.50
CA PRO E 44 7.45 -9.56 15.33
C PRO E 44 6.76 -10.83 14.87
N THR E 45 7.42 -11.95 15.04
CA THR E 45 6.88 -13.23 14.64
C THR E 45 5.89 -13.73 15.64
N ASP E 46 5.11 -14.72 15.22
CA ASP E 46 4.19 -15.38 16.11
C ASP E 46 5.00 -16.35 16.95
N PRO E 47 5.12 -16.19 18.27
CA PRO E 47 5.88 -17.09 19.12
C PRO E 47 5.21 -18.45 19.24
N ASN E 48 3.92 -18.54 18.90
CA ASN E 48 3.19 -19.78 19.02
C ASN E 48 2.29 -20.06 17.82
N PRO E 49 2.86 -20.28 16.62
CA PRO E 49 2.17 -20.49 15.38
C PRO E 49 1.55 -21.87 15.36
N GLN E 50 0.59 -22.09 14.50
CA GLN E 50 0.01 -23.40 14.34
C GLN E 50 0.11 -23.88 12.92
N GLU E 51 0.09 -25.19 12.76
CA GLU E 51 0.03 -25.80 11.45
C GLU E 51 -0.93 -26.93 11.56
N ILE E 52 -1.56 -27.26 10.47
CA ILE E 52 -2.44 -28.41 10.49
C ILE E 52 -2.08 -29.45 9.49
N HIS E 53 -2.26 -30.69 9.86
CA HIS E 53 -2.05 -31.74 8.91
C HIS E 53 -3.21 -31.64 7.95
N LEU E 54 -2.96 -31.73 6.66
CA LEU E 54 -4.08 -31.66 5.77
C LEU E 54 -4.50 -33.10 5.49
N GLU E 55 -5.65 -33.48 5.97
CA GLU E 55 -6.05 -34.87 5.88
C GLU E 55 -6.56 -35.30 4.49
N ASN E 56 -5.94 -36.38 3.97
CA ASN E 56 -6.42 -37.06 2.75
C ASN E 56 -6.23 -36.16 1.52
N VAL E 57 -5.10 -35.45 1.45
CA VAL E 57 -4.75 -34.60 0.31
C VAL E 57 -3.34 -34.79 -0.19
N THR E 58 -3.23 -35.03 -1.47
CA THR E 58 -1.94 -35.09 -2.10
C THR E 58 -1.93 -33.91 -3.03
N GLU E 59 -0.96 -33.03 -2.87
CA GLU E 59 -0.95 -31.84 -3.70
C GLU E 59 0.35 -31.83 -4.49
N GLU E 60 0.56 -30.85 -5.35
CA GLU E 60 1.83 -30.82 -6.05
C GLU E 60 2.62 -29.57 -5.80
N PHE E 61 3.92 -29.77 -5.70
CA PHE E 61 4.88 -28.70 -5.50
C PHE E 61 5.88 -28.67 -6.62
N ASN E 62 6.38 -27.49 -6.95
CA ASN E 62 7.44 -27.37 -7.93
C ASN E 62 8.31 -26.21 -7.56
N MET E 63 9.44 -26.54 -6.98
CA MET E 63 10.36 -25.58 -6.43
C MET E 63 11.02 -24.71 -7.50
N TRP E 64 10.97 -25.15 -8.73
CA TRP E 64 11.60 -24.40 -9.79
C TRP E 64 10.65 -23.39 -10.40
N LYS E 65 9.40 -23.42 -9.96
CA LYS E 65 8.38 -22.52 -10.49
C LYS E 65 7.80 -21.67 -9.37
N ASN E 66 8.44 -21.73 -8.22
CA ASN E 66 7.97 -21.09 -7.01
C ASN E 66 8.30 -19.59 -6.90
N ASN E 67 7.25 -18.76 -6.95
CA ASN E 67 7.42 -17.31 -6.94
C ASN E 67 7.96 -16.84 -5.60
N MET E 68 7.88 -17.67 -4.57
CA MET E 68 8.39 -17.27 -3.27
C MET E 68 9.88 -17.12 -3.36
N VAL E 69 10.51 -17.93 -4.22
CA VAL E 69 11.93 -17.93 -4.39
C VAL E 69 12.29 -16.68 -5.10
N GLU E 70 11.51 -16.38 -6.12
CA GLU E 70 11.78 -15.21 -6.92
C GLU E 70 11.69 -13.98 -6.07
N GLN E 71 10.68 -13.94 -5.20
CA GLN E 71 10.49 -12.80 -4.36
C GLN E 71 11.54 -12.64 -3.30
N MET E 72 11.96 -13.72 -2.65
CA MET E 72 12.95 -13.50 -1.63
C MET E 72 14.24 -13.05 -2.25
N HIS E 73 14.53 -13.56 -3.43
CA HIS E 73 15.72 -13.16 -4.12
C HIS E 73 15.63 -11.68 -4.47
N GLU E 74 14.55 -11.25 -5.08
CA GLU E 74 14.45 -9.87 -5.45
C GLU E 74 14.44 -8.94 -4.25
N ASP E 75 13.81 -9.36 -3.18
CA ASP E 75 13.71 -8.51 -2.03
C ASP E 75 15.05 -8.31 -1.38
N ILE E 76 15.89 -9.33 -1.34
CA ILE E 76 17.21 -9.11 -0.78
C ILE E 76 18.02 -8.17 -1.64
N ILE E 77 17.81 -8.20 -2.95
CA ILE E 77 18.64 -7.31 -3.74
C ILE E 77 18.24 -5.88 -3.37
N SER E 78 16.94 -5.62 -3.29
CA SER E 78 16.45 -4.28 -2.99
C SER E 78 16.84 -3.83 -1.61
N LEU E 79 16.78 -4.74 -0.68
CA LEU E 79 17.08 -4.45 0.69
C LEU E 79 18.53 -4.13 0.87
N TRP E 80 19.38 -4.88 0.21
CA TRP E 80 20.80 -4.66 0.26
C TRP E 80 21.10 -3.23 -0.11
N ASP E 81 20.54 -2.77 -1.22
CA ASP E 81 20.81 -1.41 -1.65
C ASP E 81 20.26 -0.41 -0.68
N GLN E 82 19.11 -0.66 -0.07
CA GLN E 82 18.63 0.32 0.87
C GLN E 82 19.54 0.43 2.08
N SER E 83 20.08 -0.70 2.52
CA SER E 83 20.95 -0.75 3.67
C SER E 83 22.32 -0.13 3.40
N LEU E 84 22.83 -0.32 2.18
CA LEU E 84 24.14 0.20 1.80
C LEU E 84 24.16 1.62 1.29
N LYS E 85 23.14 2.03 0.58
CA LYS E 85 23.12 3.34 -0.01
C LYS E 85 23.52 4.53 0.88
N PRO E 86 22.98 4.74 2.11
CA PRO E 86 23.18 5.93 2.90
C PRO E 86 24.50 6.10 3.67
N CYS E 87 25.64 6.07 2.95
CA CYS E 87 26.99 6.30 3.49
C CYS E 87 28.01 6.68 2.39
N VAL E 88 29.21 7.06 2.84
CA VAL E 88 30.32 7.61 2.05
C VAL E 88 30.87 6.72 0.94
N LYS E 89 31.20 7.36 -0.18
CA LYS E 89 31.72 6.72 -1.36
C LYS E 89 33.26 6.78 -1.40
N LEU E 90 33.85 5.96 -2.27
CA LEU E 90 35.30 5.92 -2.44
C LEU E 90 35.69 6.63 -3.72
N THR E 91 34.80 7.42 -4.26
CA THR E 91 35.06 8.15 -5.47
C THR E 91 36.41 8.89 -5.46
N PRO E 92 36.75 9.72 -4.45
CA PRO E 92 37.98 10.47 -4.40
C PRO E 92 39.21 9.59 -4.24
N LEU E 93 39.00 8.29 -4.03
CA LEU E 93 40.10 7.33 -3.74
C LEU E 93 40.60 6.68 -5.05
N CYS E 94 39.89 6.91 -6.15
CA CYS E 94 40.21 6.31 -7.43
C CYS E 94 41.30 7.14 -8.11
N VAL E 95 42.51 6.85 -7.67
CA VAL E 95 43.73 7.54 -8.06
C VAL E 95 44.80 6.56 -8.45
N THR E 96 45.85 7.07 -9.07
CA THR E 96 46.97 6.21 -9.36
C THR E 96 47.66 5.85 -8.07
N LEU E 97 47.96 4.59 -7.93
CA LEU E 97 48.65 4.09 -6.78
C LEU E 97 50.09 3.82 -7.16
N GLN E 98 51.02 4.20 -6.29
CA GLN E 98 52.45 3.94 -6.51
C GLN E 98 52.80 2.76 -5.62
N CYS E 99 52.93 1.54 -6.20
CA CYS E 99 52.97 0.29 -5.43
C CYS E 99 54.29 -0.47 -5.51
N THR E 100 54.57 -1.13 -4.38
CA THR E 100 55.63 -2.10 -4.18
C THR E 100 54.98 -3.29 -3.44
N ASN E 101 55.66 -4.47 -3.37
CA ASN E 101 55.19 -5.65 -2.63
C ASN E 101 55.53 -5.49 -1.13
N VAL E 102 54.71 -6.12 -0.24
CA VAL E 102 55.05 -6.21 1.19
C VAL E 102 55.82 -7.49 1.36
N THR E 103 57.09 -7.35 1.70
CA THR E 103 57.99 -8.47 1.81
C THR E 103 58.54 -8.61 3.21
N ASN E 104 57.99 -7.84 4.13
CA ASN E 104 58.55 -7.77 5.48
C ASN E 104 58.47 -9.03 6.37
N ASN E 105 57.32 -9.75 6.36
CA ASN E 105 57.06 -10.90 7.22
C ASN E 105 56.29 -12.00 6.47
N ILE E 106 56.97 -12.66 5.52
CA ILE E 106 56.41 -13.59 4.53
C ILE E 106 56.77 -15.05 4.74
N THR E 107 55.75 -15.90 4.57
CA THR E 107 55.76 -17.38 4.70
C THR E 107 56.01 -18.06 3.37
N ASP E 108 56.16 -17.23 2.36
CA ASP E 108 56.35 -17.50 0.94
C ASP E 108 55.13 -18.03 0.23
N ASP E 109 54.00 -18.12 0.92
CA ASP E 109 52.77 -18.51 0.27
C ASP E 109 51.97 -17.26 -0.03
N MET E 110 52.47 -16.17 0.51
CA MET E 110 51.87 -14.84 0.46
C MET E 110 52.59 -13.93 -0.50
N ARG E 111 53.43 -14.49 -1.36
CA ARG E 111 54.18 -13.62 -2.24
C ARG E 111 53.29 -12.96 -3.26
N GLY E 112 53.36 -11.64 -3.26
CA GLY E 112 52.62 -10.78 -4.16
C GLY E 112 51.19 -10.56 -3.69
N GLU E 113 50.80 -11.15 -2.56
CA GLU E 113 49.44 -11.04 -2.10
C GLU E 113 49.12 -9.74 -1.45
N LEU E 114 50.09 -9.19 -0.74
CA LEU E 114 49.82 -7.97 -0.02
C LEU E 114 50.73 -6.91 -0.63
N LYS E 115 50.13 -5.79 -0.99
CA LYS E 115 50.87 -4.70 -1.62
C LYS E 115 50.84 -3.47 -0.74
N ASN E 116 51.87 -2.62 -0.86
CA ASN E 116 52.05 -1.35 -0.16
C ASN E 116 52.07 -0.21 -1.19
N CYS E 117 51.05 0.69 -1.18
CA CYS E 117 50.93 1.74 -2.19
C CYS E 117 50.72 3.11 -1.57
N SER E 118 51.32 4.11 -2.20
CA SER E 118 51.09 5.48 -1.77
C SER E 118 50.25 6.24 -2.78
N PHE E 119 49.52 7.22 -2.28
CA PHE E 119 48.64 8.05 -3.09
C PHE E 119 48.29 9.39 -2.42
N ASN E 120 47.76 10.37 -3.21
CA ASN E 120 47.32 11.69 -2.76
C ASN E 120 45.78 11.79 -2.78
N MET E 121 45.13 11.79 -1.60
CA MET E 121 43.67 11.80 -1.43
C MET E 121 43.20 13.09 -0.76
N THR E 122 41.90 13.35 -0.76
CA THR E 122 41.31 14.59 -0.26
C THR E 122 41.21 14.70 1.23
N THR E 123 40.88 15.89 1.71
CA THR E 123 40.69 16.08 3.13
C THR E 123 39.52 17.01 3.40
N GLU E 124 39.35 17.43 4.66
CA GLU E 124 38.20 18.27 5.01
C GLU E 124 38.21 19.59 4.23
N LEU E 125 39.38 20.13 4.00
CA LEU E 125 39.49 21.35 3.23
C LEU E 125 39.90 20.92 1.85
N ARG E 126 39.11 21.31 0.87
CA ARG E 126 39.34 20.82 -0.48
C ARG E 126 40.65 21.28 -1.11
N ASP E 127 41.20 22.40 -0.65
CA ASP E 127 42.46 22.88 -1.17
C ASP E 127 43.66 22.08 -0.66
N LYS E 128 43.46 21.25 0.36
CA LYS E 128 44.55 20.50 0.92
C LYS E 128 44.47 19.05 0.45
N LYS E 129 45.62 18.38 0.35
CA LYS E 129 45.65 16.98 -0.02
C LYS E 129 46.48 16.20 0.97
N GLN E 130 46.20 14.92 1.11
CA GLN E 130 46.92 14.06 2.03
C GLN E 130 47.69 12.97 1.33
N LYS E 131 48.99 12.95 1.54
CA LYS E 131 49.77 11.87 0.97
C LYS E 131 49.75 10.79 2.01
N VAL E 132 49.11 9.70 1.67
CA VAL E 132 48.90 8.61 2.57
C VAL E 132 49.28 7.30 1.90
N TYR E 133 49.35 6.25 2.68
CA TYR E 133 49.61 4.95 2.09
C TYR E 133 48.74 3.90 2.74
N SER E 134 48.54 2.81 2.01
CA SER E 134 47.76 1.71 2.55
C SER E 134 48.14 0.40 1.94
N LEU E 135 47.45 -0.63 2.39
CA LEU E 135 47.73 -1.97 1.91
C LEU E 135 46.57 -2.55 1.13
N PHE E 136 46.92 -3.35 0.15
CA PHE E 136 45.99 -3.95 -0.78
C PHE E 136 46.17 -5.45 -0.87
N TYR E 137 45.14 -6.17 -1.28
CA TYR E 137 45.20 -7.65 -1.34
C TYR E 137 45.42 -8.27 -2.71
N ARG E 138 45.89 -7.50 -3.69
CA ARG E 138 46.14 -7.96 -5.07
C ARG E 138 44.91 -8.20 -5.90
N LEU E 139 43.95 -8.92 -5.37
CA LEU E 139 42.78 -9.26 -6.16
C LEU E 139 42.01 -8.05 -6.62
N ASP E 140 42.03 -6.96 -5.86
CA ASP E 140 41.27 -5.78 -6.21
C ASP E 140 42.07 -4.70 -6.95
N VAL E 141 43.34 -4.96 -7.27
CA VAL E 141 44.18 -3.94 -7.89
C VAL E 141 44.81 -4.41 -9.19
N VAL E 142 44.75 -3.56 -10.19
CA VAL E 142 45.28 -3.87 -11.51
C VAL E 142 46.34 -2.89 -11.97
N GLN E 143 47.41 -3.41 -12.56
CA GLN E 143 48.47 -2.55 -13.04
C GLN E 143 47.99 -1.75 -14.22
N ILE E 144 48.34 -0.47 -14.23
CA ILE E 144 48.01 0.41 -15.33
C ILE E 144 48.83 0.12 -16.60
N ASN E 145 50.16 -0.08 -16.45
CA ASN E 145 51.12 -0.39 -17.52
C ASN E 145 50.90 -1.82 -18.00
N LYS E 157 54.55 -0.53 -11.55
CA LYS E 157 54.76 0.63 -10.67
C LYS E 157 53.44 1.36 -10.40
N GLU E 158 52.73 1.77 -11.48
CA GLU E 158 51.44 2.48 -11.44
C GLU E 158 50.27 1.52 -11.53
N TYR E 159 49.42 1.59 -10.52
CA TYR E 159 48.25 0.72 -10.37
C TYR E 159 46.99 1.50 -10.12
N ARG E 160 45.86 0.88 -10.41
CA ARG E 160 44.57 1.48 -10.13
C ARG E 160 43.67 0.44 -9.51
N LEU E 161 42.60 0.89 -8.91
CA LEU E 161 41.66 -0.07 -8.39
C LEU E 161 40.97 -0.67 -9.58
N ILE E 162 40.64 -1.94 -9.50
CA ILE E 162 39.98 -2.58 -10.63
C ILE E 162 38.69 -1.94 -11.05
N ASN E 163 37.92 -1.45 -10.12
CA ASN E 163 36.66 -0.89 -10.53
C ASN E 163 36.68 0.58 -10.98
N CYS E 164 37.85 1.25 -11.09
CA CYS E 164 37.96 2.65 -11.52
C CYS E 164 37.40 2.91 -12.92
N ASN E 165 37.42 1.93 -13.79
CA ASN E 165 36.85 2.11 -15.11
C ASN E 165 35.45 1.45 -15.25
N THR E 166 34.89 0.87 -14.15
CA THR E 166 33.65 0.07 -14.17
C THR E 166 32.53 0.58 -13.29
N SER E 167 32.83 0.93 -12.05
CA SER E 167 31.76 1.29 -11.13
C SER E 167 32.18 2.19 -9.99
N ALA E 168 31.20 2.87 -9.39
CA ALA E 168 31.46 3.63 -8.18
C ALA E 168 31.52 2.64 -7.05
N ILE E 169 32.40 2.86 -6.09
CA ILE E 169 32.47 1.93 -4.98
C ILE E 169 31.97 2.63 -3.73
N THR E 170 31.01 2.02 -3.06
CA THR E 170 30.48 2.59 -1.81
C THR E 170 31.26 1.98 -0.65
N GLN E 171 31.62 2.76 0.35
CA GLN E 171 32.27 2.15 1.51
C GLN E 171 31.19 1.51 2.29
N ALA E 172 31.37 0.28 2.70
CA ALA E 172 30.28 -0.30 3.46
C ALA E 172 30.08 0.55 4.69
N CYS E 173 28.82 0.70 5.11
CA CYS E 173 28.42 1.46 6.27
C CYS E 173 29.04 0.70 7.49
N PRO E 174 29.77 1.39 8.37
CA PRO E 174 30.56 0.82 9.46
C PRO E 174 29.88 0.11 10.62
N LYS E 175 28.60 0.35 10.87
CA LYS E 175 27.97 -0.31 12.01
C LYS E 175 26.86 -1.20 11.56
N VAL E 176 27.28 -2.25 10.89
CA VAL E 176 26.40 -3.20 10.28
C VAL E 176 26.80 -4.60 10.64
N SER E 177 25.89 -5.53 10.38
CA SER E 177 26.16 -6.93 10.56
C SER E 177 25.61 -7.70 9.41
N PHE E 178 26.45 -8.55 8.86
CA PHE E 178 26.05 -9.34 7.73
C PHE E 178 25.78 -10.78 8.10
N GLU E 179 25.67 -11.05 9.40
CA GLU E 179 25.37 -12.42 9.83
C GLU E 179 23.88 -12.68 9.61
N PRO E 180 23.48 -13.63 8.78
CA PRO E 180 22.11 -13.88 8.40
C PRO E 180 21.18 -14.10 9.59
N ILE E 181 20.02 -13.44 9.52
CA ILE E 181 18.93 -13.51 10.50
C ILE E 181 17.75 -14.14 9.80
N PRO E 182 17.18 -15.25 10.27
CA PRO E 182 16.11 -15.92 9.58
C PRO E 182 14.89 -15.07 9.53
N ILE E 183 14.29 -14.97 8.37
CA ILE E 183 13.08 -14.20 8.24
C ILE E 183 11.94 -15.11 7.90
N HIS E 184 10.87 -14.97 8.65
CA HIS E 184 9.67 -15.75 8.53
C HIS E 184 8.76 -15.04 7.57
N TYR E 185 7.98 -15.78 6.80
CA TYR E 185 7.02 -15.13 5.94
C TYR E 185 5.59 -15.60 6.16
N CYS E 186 4.65 -14.64 6.04
CA CYS E 186 3.21 -14.82 6.23
C CYS E 186 2.44 -14.52 4.96
N ALA E 187 1.39 -15.30 4.76
CA ALA E 187 0.47 -15.06 3.70
C ALA E 187 -0.45 -13.92 4.16
N PRO E 188 -1.02 -13.13 3.26
CA PRO E 188 -2.04 -12.18 3.55
C PRO E 188 -3.29 -12.97 3.89
N ALA E 189 -4.17 -12.42 4.69
CA ALA E 189 -5.38 -13.16 4.98
C ALA E 189 -6.10 -13.43 3.67
N GLY E 190 -6.67 -14.63 3.56
CA GLY E 190 -7.37 -15.06 2.35
C GLY E 190 -6.49 -16.02 1.55
N PHE E 191 -5.23 -16.08 1.95
CA PHE E 191 -4.19 -16.92 1.39
C PHE E 191 -3.57 -17.79 2.45
N ALA E 192 -2.90 -18.84 2.03
CA ALA E 192 -2.22 -19.71 2.97
C ALA E 192 -0.97 -20.32 2.36
N ILE E 193 -0.04 -20.71 3.23
CA ILE E 193 1.19 -21.32 2.80
C ILE E 193 1.12 -22.81 3.03
N LEU E 194 1.30 -23.55 1.96
CA LEU E 194 1.26 -24.97 2.09
C LEU E 194 2.69 -25.45 2.16
N LYS E 195 2.96 -26.32 3.10
CA LYS E 195 4.27 -26.89 3.28
C LYS E 195 4.24 -28.39 2.98
N CYS E 196 5.31 -28.91 2.33
CA CYS E 196 5.50 -30.34 2.09
C CYS E 196 6.30 -30.91 3.26
N LYS E 197 5.68 -31.83 3.99
CA LYS E 197 6.28 -32.45 5.16
C LYS E 197 6.58 -33.92 4.87
N ASP E 198 6.46 -34.29 3.62
CA ASP E 198 6.69 -35.65 3.19
C ASP E 198 8.19 -35.87 3.10
N LYS E 199 8.71 -36.77 3.91
CA LYS E 199 10.14 -36.99 3.92
C LYS E 199 10.55 -37.56 2.59
N LYS E 200 11.76 -37.21 2.17
CA LYS E 200 12.33 -37.64 0.90
C LYS E 200 11.52 -37.17 -0.30
N PHE E 201 11.04 -35.93 -0.23
CA PHE E 201 10.37 -35.35 -1.37
C PHE E 201 11.42 -34.66 -2.22
N ASN E 202 11.54 -35.08 -3.49
CA ASN E 202 12.57 -34.67 -4.47
C ASN E 202 12.16 -33.51 -5.40
N GLY E 203 11.00 -32.86 -5.16
CA GLY E 203 10.49 -31.74 -5.96
C GLY E 203 9.65 -32.20 -7.15
N THR E 204 9.17 -31.21 -7.90
CA THR E 204 8.35 -31.39 -9.10
C THR E 204 7.38 -32.55 -9.04
N GLY E 205 6.32 -32.43 -8.24
CA GLY E 205 5.36 -33.50 -8.19
C GLY E 205 4.59 -33.63 -6.89
N PRO E 206 3.79 -34.70 -6.79
CA PRO E 206 2.92 -35.04 -5.68
C PRO E 206 3.62 -35.17 -4.34
N CYS E 207 3.00 -34.62 -3.30
CA CYS E 207 3.43 -34.62 -1.91
C CYS E 207 2.18 -35.01 -1.08
N PRO E 208 2.06 -36.29 -0.67
CA PRO E 208 0.94 -36.89 0.04
C PRO E 208 0.84 -36.48 1.49
N SER E 209 1.87 -35.83 2.01
CA SER E 209 1.85 -35.43 3.39
C SER E 209 2.28 -34.01 3.45
N VAL E 210 1.29 -33.15 3.63
CA VAL E 210 1.46 -31.72 3.64
C VAL E 210 0.75 -31.12 4.85
N SER E 211 1.12 -29.90 5.19
CA SER E 211 0.45 -29.17 6.26
C SER E 211 0.31 -27.71 5.89
N THR E 212 -0.64 -27.04 6.53
CA THR E 212 -0.88 -25.64 6.18
C THR E 212 -0.63 -24.68 7.32
N VAL E 213 0.04 -23.57 6.99
CA VAL E 213 0.30 -22.52 7.95
C VAL E 213 -0.06 -21.13 7.42
N GLN E 214 -0.29 -20.20 8.33
CA GLN E 214 -0.43 -18.80 7.91
C GLN E 214 0.94 -18.14 7.71
N CYS E 215 1.92 -18.52 8.58
CA CYS E 215 3.29 -18.04 8.64
C CYS E 215 4.19 -19.25 8.71
N THR E 216 5.26 -19.19 7.95
CA THR E 216 6.23 -20.26 7.90
C THR E 216 7.48 -20.01 8.72
N HIS E 217 8.38 -21.00 8.69
CA HIS E 217 9.66 -21.03 9.37
C HIS E 217 10.57 -20.04 8.72
N GLY E 218 11.40 -19.36 9.48
CA GLY E 218 12.28 -18.42 8.87
C GLY E 218 13.45 -19.04 8.16
N ILE E 219 13.91 -18.36 7.13
CA ILE E 219 15.07 -18.78 6.37
C ILE E 219 16.15 -17.74 6.41
N LYS E 220 17.36 -18.16 6.77
CA LYS E 220 18.48 -17.25 6.78
C LYS E 220 18.94 -16.92 5.38
N PRO E 221 19.18 -15.65 5.06
CA PRO E 221 19.67 -15.19 3.78
C PRO E 221 21.15 -15.46 3.62
N VAL E 222 21.51 -16.72 3.53
CA VAL E 222 22.91 -17.07 3.41
C VAL E 222 23.35 -16.94 1.98
N VAL E 223 24.41 -16.19 1.77
CA VAL E 223 24.94 -16.00 0.44
C VAL E 223 26.28 -16.63 0.31
N SER E 224 26.33 -17.72 -0.43
CA SER E 224 27.54 -18.47 -0.65
C SER E 224 27.39 -19.28 -1.89
N THR E 225 28.50 -19.76 -2.41
CA THR E 225 28.37 -20.72 -3.49
C THR E 225 29.37 -21.84 -3.43
N GLN E 226 28.89 -22.95 -3.99
CA GLN E 226 29.44 -24.29 -4.16
C GLN E 226 29.53 -25.08 -2.85
N LEU E 227 29.10 -24.46 -1.76
CA LEU E 227 28.88 -25.06 -0.46
C LEU E 227 27.78 -24.24 0.20
N LEU E 228 26.72 -24.92 0.62
CA LEU E 228 25.58 -24.29 1.27
C LEU E 228 25.75 -24.42 2.74
N LEU E 229 25.81 -23.29 3.40
CA LEU E 229 26.07 -23.27 4.82
C LEU E 229 24.85 -22.85 5.65
N ASN E 230 24.72 -23.43 6.86
CA ASN E 230 23.74 -23.13 7.91
C ASN E 230 22.28 -23.17 7.43
N GLY E 231 21.93 -24.14 6.56
CA GLY E 231 20.59 -24.35 6.02
C GLY E 231 19.98 -25.55 6.72
N SER E 232 19.02 -26.16 6.07
CA SER E 232 18.37 -27.31 6.65
C SER E 232 19.05 -28.59 6.26
N LEU E 233 18.78 -29.63 7.02
CA LEU E 233 19.28 -30.97 6.78
C LEU E 233 18.16 -31.90 6.41
N ALA E 234 18.50 -32.90 5.64
CA ALA E 234 17.59 -33.94 5.26
C ALA E 234 17.22 -34.66 6.54
N GLU E 235 15.99 -35.14 6.65
CA GLU E 235 15.57 -35.79 7.88
C GLU E 235 16.29 -37.10 8.16
N GLU E 236 16.51 -37.85 7.10
CA GLU E 236 17.12 -39.16 7.23
C GLU E 236 18.30 -39.43 6.32
N GLU E 237 18.18 -39.04 5.05
CA GLU E 237 19.13 -39.43 4.03
C GLU E 237 19.36 -38.35 3.01
N VAL E 238 20.50 -38.39 2.37
CA VAL E 238 20.86 -37.42 1.37
C VAL E 238 19.91 -37.52 0.21
N ILE E 239 19.41 -36.37 -0.21
CA ILE E 239 18.49 -36.32 -1.33
C ILE E 239 18.95 -35.34 -2.40
N ILE E 240 18.77 -35.73 -3.64
CA ILE E 240 19.17 -34.90 -4.75
C ILE E 240 17.95 -34.35 -5.46
N ARG E 241 17.91 -33.04 -5.65
CA ARG E 241 16.79 -32.43 -6.35
C ARG E 241 17.28 -31.70 -7.57
N SER E 242 16.72 -31.99 -8.71
CA SER E 242 17.18 -31.32 -9.92
C SER E 242 16.04 -31.18 -10.87
N GLU E 243 15.89 -30.01 -11.47
CA GLU E 243 14.79 -29.79 -12.39
C GLU E 243 14.73 -30.87 -13.50
N ASN E 244 15.91 -31.27 -14.04
CA ASN E 244 16.10 -32.32 -15.04
C ASN E 244 17.49 -32.94 -14.81
N ILE E 245 17.53 -34.13 -14.18
CA ILE E 245 18.75 -34.83 -13.75
C ILE E 245 19.62 -35.30 -14.95
N THR E 246 19.04 -35.34 -16.16
CA THR E 246 19.78 -35.77 -17.33
C THR E 246 20.09 -34.60 -18.23
N ASN E 247 19.77 -33.41 -17.79
CA ASN E 247 20.04 -32.23 -18.58
C ASN E 247 21.44 -31.76 -18.22
N ASN E 248 22.32 -31.78 -19.19
CA ASN E 248 23.73 -31.48 -18.94
C ASN E 248 23.95 -29.98 -18.71
N ALA E 249 22.90 -29.20 -18.92
CA ALA E 249 22.91 -27.77 -18.69
C ALA E 249 22.38 -27.40 -17.31
N LYS E 250 21.96 -28.38 -16.50
CA LYS E 250 21.40 -28.11 -15.18
C LYS E 250 22.31 -28.45 -14.01
N ASN E 251 22.01 -27.85 -12.87
CA ASN E 251 22.72 -28.18 -11.66
C ASN E 251 21.87 -29.17 -10.90
N ILE E 252 22.39 -29.65 -9.78
CA ILE E 252 21.65 -30.49 -8.88
C ILE E 252 21.80 -29.88 -7.48
N LEU E 253 20.76 -30.00 -6.70
CA LEU E 253 20.78 -29.50 -5.34
C LEU E 253 20.92 -30.65 -4.38
N VAL E 254 21.95 -30.60 -3.56
CA VAL E 254 22.20 -31.70 -2.65
C VAL E 254 21.86 -31.33 -1.23
N GLN E 255 20.90 -32.03 -0.65
CA GLN E 255 20.54 -31.77 0.73
C GLN E 255 21.09 -32.89 1.59
N LEU E 256 21.98 -32.55 2.49
CA LEU E 256 22.64 -33.55 3.29
C LEU E 256 21.90 -33.82 4.58
N ASN E 257 21.98 -35.05 5.07
CA ASN E 257 21.38 -35.35 6.38
C ASN E 257 22.33 -35.03 7.52
N THR E 258 23.61 -35.06 7.21
CA THR E 258 24.68 -34.82 8.17
C THR E 258 25.38 -33.51 7.89
N PRO E 259 25.41 -32.55 8.82
CA PRO E 259 26.07 -31.29 8.62
C PRO E 259 27.55 -31.56 8.65
N VAL E 260 28.32 -30.84 7.87
CA VAL E 260 29.76 -31.02 7.96
C VAL E 260 30.39 -29.83 8.64
N GLN E 261 31.13 -30.09 9.69
CA GLN E 261 31.74 -29.00 10.41
C GLN E 261 32.89 -28.42 9.63
N ILE E 262 32.86 -27.12 9.41
CA ILE E 262 33.92 -26.40 8.72
C ILE E 262 34.41 -25.19 9.57
N ASN E 263 35.75 -25.02 9.67
CA ASN E 263 36.45 -23.98 10.45
C ASN E 263 37.33 -23.11 9.53
N CYS E 264 37.00 -21.80 9.39
CA CYS E 264 37.67 -20.86 8.50
C CYS E 264 38.36 -19.73 9.27
N THR E 265 39.51 -19.31 8.76
CA THR E 265 40.25 -18.24 9.42
C THR E 265 41.04 -17.28 8.54
N ARG E 266 41.30 -16.13 9.16
CA ARG E 266 42.15 -15.03 8.71
C ARG E 266 43.19 -14.90 9.79
N PRO E 267 44.26 -15.69 9.75
CA PRO E 267 45.22 -15.86 10.82
C PRO E 267 46.24 -14.74 10.89
N ASN E 268 45.74 -13.53 11.04
CA ASN E 268 46.58 -12.34 11.10
C ASN E 268 45.99 -11.42 12.12
N ASN E 269 46.81 -10.80 13.00
CA ASN E 269 46.35 -9.81 13.96
C ASN E 269 46.42 -8.44 13.28
N ASN E 270 45.27 -7.95 12.79
CA ASN E 270 45.19 -6.76 11.96
C ASN E 270 45.06 -5.50 12.77
N THR E 271 45.52 -4.41 12.20
CA THR E 271 45.29 -3.10 12.76
C THR E 271 44.40 -2.42 11.77
N VAL E 272 43.77 -1.33 12.17
CA VAL E 272 42.98 -0.57 11.23
C VAL E 272 43.33 0.88 11.34
N LYS E 273 43.13 1.63 10.26
CA LYS E 273 43.41 3.08 10.33
C LYS E 273 42.29 3.86 9.65
N SER E 274 41.98 5.05 10.16
CA SER E 274 40.87 5.85 9.65
C SER E 274 41.32 7.26 9.33
N ILE E 275 41.16 7.66 8.08
CA ILE E 275 41.62 8.98 7.68
C ILE E 275 40.50 9.75 7.01
N ARG E 276 40.31 10.98 7.43
CA ARG E 276 39.27 11.81 6.87
C ARG E 276 39.44 12.11 5.40
N ILE E 277 38.32 11.99 4.71
CA ILE E 277 38.18 12.23 3.29
C ILE E 277 37.51 13.57 3.04
N GLY E 278 36.53 13.88 3.86
CA GLY E 278 35.72 15.06 3.64
C GLY E 278 34.99 15.54 4.90
N PRO E 279 33.89 16.29 4.77
CA PRO E 279 33.20 17.01 5.82
C PRO E 279 32.41 16.15 6.79
N GLY E 280 33.17 15.47 7.64
CA GLY E 280 32.65 14.55 8.64
C GLY E 280 32.73 13.10 8.18
N GLN E 281 33.49 12.82 7.11
CA GLN E 281 33.60 11.45 6.62
C GLN E 281 35.02 10.96 6.52
N ALA E 282 35.20 9.64 6.71
CA ALA E 282 36.51 9.00 6.67
C ALA E 282 36.44 7.63 6.05
N PHE E 283 37.59 7.22 5.55
CA PHE E 283 37.78 5.92 4.94
C PHE E 283 38.52 5.03 5.88
N TYR E 284 38.14 3.77 5.89
CA TYR E 284 38.84 2.80 6.71
C TYR E 284 39.89 2.07 5.91
N TYR E 285 41.14 2.34 6.25
CA TYR E 285 42.18 1.64 5.48
C TYR E 285 42.87 0.60 6.35
N THR E 286 43.44 -0.31 5.60
CA THR E 286 43.95 -1.64 5.91
C THR E 286 44.98 -1.66 7.04
N GLY E 287 45.61 -0.53 7.31
CA GLY E 287 46.61 -0.45 8.36
C GLY E 287 47.78 -1.37 8.05
N ASP E 288 48.15 -2.21 9.02
CA ASP E 288 49.25 -3.16 8.90
C ASP E 288 48.95 -4.41 9.74
N ILE E 289 49.86 -5.37 9.72
CA ILE E 289 49.70 -6.64 10.47
C ILE E 289 50.72 -6.83 11.58
N ILE E 290 50.19 -7.17 12.74
CA ILE E 290 50.94 -7.49 13.93
C ILE E 290 51.29 -8.95 13.85
N GLY E 291 52.56 -9.28 14.05
CA GLY E 291 52.99 -10.66 13.92
C GLY E 291 53.25 -10.85 12.45
N ASP E 292 53.30 -12.08 11.97
CA ASP E 292 53.64 -12.24 10.58
C ASP E 292 52.42 -12.29 9.69
N ILE E 293 52.64 -12.44 8.38
CA ILE E 293 51.58 -12.42 7.40
C ILE E 293 51.27 -13.83 6.92
N ARG E 294 50.03 -14.25 7.10
CA ARG E 294 49.61 -15.59 6.75
C ARG E 294 48.35 -15.72 5.91
N GLN E 295 48.32 -16.80 5.17
CA GLN E 295 47.21 -17.17 4.33
C GLN E 295 45.96 -17.65 5.04
N ALA E 296 44.82 -17.21 4.52
CA ALA E 296 43.54 -17.66 5.00
C ALA E 296 43.37 -19.09 4.56
N HIS E 297 42.61 -19.84 5.35
CA HIS E 297 42.35 -21.23 5.03
C HIS E 297 41.10 -21.77 5.74
N CYS E 298 40.56 -22.94 5.27
CA CYS E 298 39.42 -23.66 5.88
C CYS E 298 39.66 -25.18 6.08
N ASN E 299 39.27 -25.67 7.25
CA ASN E 299 39.40 -27.07 7.61
C ASN E 299 38.04 -27.78 7.73
N VAL E 300 37.99 -29.06 7.29
CA VAL E 300 36.86 -30.00 7.46
C VAL E 300 37.42 -31.33 7.94
N SER E 301 36.60 -32.16 8.56
CA SER E 301 37.02 -33.50 8.92
C SER E 301 37.11 -34.39 7.70
N LYS E 302 38.22 -35.08 7.55
CA LYS E 302 38.44 -35.90 6.37
C LYS E 302 37.50 -37.07 6.15
N ALA E 303 37.31 -37.92 7.15
CA ALA E 303 36.41 -39.03 6.91
C ALA E 303 35.01 -38.53 6.71
N THR E 304 34.62 -37.50 7.46
CA THR E 304 33.26 -37.03 7.35
C THR E 304 33.02 -36.62 5.93
N TRP E 305 33.94 -35.86 5.35
CA TRP E 305 33.76 -35.45 3.97
C TRP E 305 33.67 -36.67 3.01
N ASN E 306 34.57 -37.70 3.17
CA ASN E 306 34.59 -38.89 2.32
C ASN E 306 33.27 -39.68 2.39
N GLU E 307 32.68 -39.82 3.61
CA GLU E 307 31.42 -40.50 3.88
C GLU E 307 30.27 -39.71 3.26
N THR E 308 30.38 -38.39 3.33
CA THR E 308 29.37 -37.51 2.76
C THR E 308 29.29 -37.76 1.28
N LEU E 309 30.44 -37.84 0.62
CA LEU E 309 30.38 -38.07 -0.79
C LEU E 309 29.91 -39.47 -1.06
N GLY E 310 30.28 -40.45 -0.25
CA GLY E 310 29.79 -41.78 -0.56
C GLY E 310 28.25 -41.77 -0.59
N LYS E 311 27.63 -41.02 0.31
CA LYS E 311 26.18 -40.93 0.33
C LYS E 311 25.64 -40.21 -0.90
N VAL E 312 26.32 -39.16 -1.36
CA VAL E 312 25.88 -38.44 -2.54
C VAL E 312 25.96 -39.32 -3.76
N VAL E 313 27.04 -40.08 -3.84
CA VAL E 313 27.26 -40.98 -4.95
C VAL E 313 26.18 -42.04 -4.98
N LYS E 314 25.83 -42.59 -3.82
CA LYS E 314 24.78 -43.58 -3.75
C LYS E 314 23.49 -43.03 -4.35
N GLN E 315 23.15 -41.78 -4.02
CA GLN E 315 21.95 -41.19 -4.58
C GLN E 315 22.08 -40.98 -6.08
N LEU E 316 23.26 -40.61 -6.54
CA LEU E 316 23.40 -40.44 -7.96
C LEU E 316 23.24 -41.78 -8.66
N ARG E 317 23.74 -42.85 -8.06
CA ARG E 317 23.59 -44.18 -8.64
C ARG E 317 22.14 -44.53 -8.79
N LYS E 318 21.32 -44.14 -7.82
CA LYS E 318 19.88 -44.34 -7.92
C LYS E 318 19.33 -43.70 -9.20
N HIS E 319 19.83 -42.50 -9.52
CA HIS E 319 19.40 -41.77 -10.72
C HIS E 319 19.95 -42.36 -12.00
N PHE E 320 21.12 -42.96 -11.93
CA PHE E 320 21.76 -43.57 -13.07
C PHE E 320 21.06 -44.88 -13.37
N GLY E 321 20.59 -45.53 -12.32
CA GLY E 321 19.89 -46.80 -12.38
C GLY E 321 20.79 -48.01 -12.18
N ASN E 322 22.03 -47.79 -11.77
CA ASN E 322 22.95 -48.89 -11.55
C ASN E 322 24.12 -48.43 -10.73
N ASN E 323 25.01 -49.35 -10.44
CA ASN E 323 26.21 -48.99 -9.71
C ASN E 323 27.28 -48.55 -10.68
N THR E 324 27.03 -47.41 -11.30
CA THR E 324 27.89 -46.87 -12.33
C THR E 324 29.08 -46.13 -11.73
N ILE E 325 30.02 -45.80 -12.59
CA ILE E 325 31.23 -45.12 -12.19
C ILE E 325 31.20 -43.65 -12.50
N ILE E 326 31.52 -42.86 -11.49
CA ILE E 326 31.58 -41.42 -11.66
C ILE E 326 32.85 -40.81 -11.10
N ARG E 327 33.14 -39.60 -11.56
CA ARG E 327 34.27 -38.80 -11.13
C ARG E 327 33.88 -37.45 -10.56
N PHE E 328 34.62 -37.00 -9.57
CA PHE E 328 34.50 -35.66 -8.99
C PHE E 328 35.73 -34.86 -9.34
N ALA E 329 35.49 -33.84 -10.13
CA ALA E 329 36.53 -32.99 -10.71
C ALA E 329 36.43 -31.53 -10.31
N GLN E 330 37.43 -30.77 -10.76
CA GLN E 330 37.59 -29.35 -10.47
C GLN E 330 36.76 -28.43 -11.33
N SER E 331 36.29 -27.34 -10.72
CA SER E 331 35.56 -26.28 -11.39
C SER E 331 36.52 -25.55 -12.33
N SER E 332 36.06 -25.10 -13.50
CA SER E 332 36.98 -24.44 -14.43
C SER E 332 36.64 -23.04 -14.92
N GLY E 333 35.53 -22.45 -14.49
CA GLY E 333 35.22 -21.13 -15.02
C GLY E 333 36.27 -20.09 -14.64
N GLY E 334 36.52 -19.12 -15.51
CA GLY E 334 37.52 -18.07 -15.25
C GLY E 334 36.99 -16.94 -14.37
N ASP E 335 36.50 -17.31 -13.20
CA ASP E 335 35.86 -16.39 -12.28
C ASP E 335 35.85 -16.89 -10.85
N LEU E 336 36.32 -16.07 -9.93
CA LEU E 336 36.34 -16.52 -8.54
C LEU E 336 34.92 -16.83 -8.09
N GLU E 337 33.96 -16.07 -8.60
CA GLU E 337 32.58 -16.21 -8.21
C GLU E 337 31.95 -17.50 -8.74
N VAL E 338 32.68 -18.19 -9.62
CA VAL E 338 32.24 -19.41 -10.24
C VAL E 338 32.97 -20.62 -9.69
N THR E 339 34.30 -20.52 -9.51
CA THR E 339 35.05 -21.69 -9.10
C THR E 339 35.44 -21.81 -7.64
N THR E 340 35.41 -20.74 -6.87
CA THR E 340 35.83 -20.83 -5.47
C THR E 340 34.64 -20.95 -4.55
N HIS E 341 34.93 -21.19 -3.29
CA HIS E 341 33.88 -21.16 -2.29
C HIS E 341 33.76 -19.74 -1.88
N SER E 342 32.59 -19.18 -2.17
CA SER E 342 32.34 -17.78 -1.86
C SER E 342 31.70 -17.74 -0.51
N PHE E 343 32.35 -17.06 0.41
CA PHE E 343 31.91 -17.02 1.78
C PHE E 343 32.16 -15.74 2.57
N ASN E 344 31.14 -15.28 3.28
CA ASN E 344 31.30 -14.10 4.14
C ASN E 344 31.56 -14.52 5.59
N CYS E 345 32.81 -14.36 6.07
CA CYS E 345 33.26 -14.74 7.40
C CYS E 345 33.22 -13.49 8.26
N GLY E 346 32.23 -13.36 9.12
CA GLY E 346 32.12 -12.08 9.77
C GLY E 346 31.80 -11.10 8.65
N GLY E 347 32.59 -10.06 8.50
CA GLY E 347 32.37 -9.06 7.45
C GLY E 347 33.38 -9.14 6.30
N GLU E 348 34.22 -10.17 6.25
CA GLU E 348 35.24 -10.24 5.20
C GLU E 348 34.98 -11.37 4.21
N PHE E 349 35.41 -11.17 2.96
CA PHE E 349 35.06 -12.12 1.94
C PHE E 349 36.14 -13.07 1.46
N PHE E 350 35.83 -14.33 1.70
CA PHE E 350 36.63 -15.48 1.38
C PHE E 350 36.29 -16.04 0.04
N TYR E 351 37.32 -16.34 -0.72
CA TYR E 351 37.29 -16.99 -2.01
C TYR E 351 38.23 -18.16 -1.94
N CYS E 352 37.73 -19.31 -1.41
CA CYS E 352 38.58 -20.45 -1.07
C CYS E 352 38.71 -21.43 -2.21
N ASN E 353 39.89 -21.98 -2.30
CA ASN E 353 40.15 -22.99 -3.32
C ASN E 353 39.66 -24.32 -2.75
N THR E 354 38.63 -24.91 -3.40
CA THR E 354 37.89 -26.12 -3.03
C THR E 354 38.41 -27.38 -3.68
N SER E 355 39.56 -27.31 -4.32
CA SER E 355 40.07 -28.44 -5.06
C SER E 355 40.30 -29.71 -4.28
N GLY E 356 40.55 -29.61 -2.97
CA GLY E 356 40.81 -30.79 -2.17
C GLY E 356 39.54 -31.52 -1.78
N LEU E 357 38.39 -30.94 -2.11
CA LEU E 357 37.11 -31.54 -1.77
C LEU E 357 36.58 -32.43 -2.90
N PHE E 358 36.94 -32.13 -4.15
CA PHE E 358 36.43 -32.88 -5.30
C PHE E 358 37.53 -33.36 -6.21
N ASN E 359 38.28 -34.39 -5.74
CA ASN E 359 39.45 -34.96 -6.39
C ASN E 359 39.46 -36.49 -6.19
N SER E 360 38.41 -37.17 -6.71
CA SER E 360 38.21 -38.64 -6.50
C SER E 360 37.25 -39.26 -7.48
N THR E 361 37.26 -40.59 -7.53
CA THR E 361 36.29 -41.32 -8.32
C THR E 361 35.64 -42.34 -7.43
N TRP E 362 34.48 -42.79 -7.85
CA TRP E 362 33.77 -43.77 -7.08
C TRP E 362 33.41 -45.01 -7.85
N ILE E 363 33.89 -46.10 -7.29
CA ILE E 363 33.75 -47.44 -7.82
C ILE E 363 33.10 -48.35 -6.77
N SER E 364 32.03 -49.10 -7.15
CA SER E 364 31.33 -50.04 -6.27
C SER E 364 32.18 -51.32 -6.09
N SER E 376 42.22 -39.39 13.80
CA SER E 376 42.98 -38.36 13.13
C SER E 376 42.04 -37.39 12.37
N ASN E 377 41.62 -37.78 11.12
CA ASN E 377 40.79 -37.03 10.16
C ASN E 377 41.41 -35.69 9.80
N ASP E 378 42.73 -35.70 9.67
CA ASP E 378 43.45 -34.50 9.35
C ASP E 378 42.82 -33.87 8.15
N SER E 379 42.52 -32.59 8.31
CA SER E 379 41.84 -31.81 7.31
C SER E 379 42.71 -31.53 6.12
N ILE E 380 42.07 -31.09 5.06
CA ILE E 380 42.72 -30.78 3.81
C ILE E 380 43.18 -29.33 3.72
N THR E 381 42.84 -28.58 4.77
CA THR E 381 43.21 -27.18 4.94
C THR E 381 43.16 -26.41 3.64
N LEU E 382 41.97 -26.17 3.13
CA LEU E 382 41.85 -25.53 1.86
C LEU E 382 42.49 -24.17 1.97
N PRO E 383 43.38 -23.76 1.06
CA PRO E 383 43.99 -22.46 1.07
C PRO E 383 42.87 -21.54 0.65
N CYS E 384 42.89 -20.28 1.08
CA CYS E 384 41.84 -19.33 0.74
C CYS E 384 42.35 -17.91 0.55
N ARG E 385 41.78 -17.24 -0.45
CA ARG E 385 42.16 -15.87 -0.76
C ARG E 385 41.15 -14.88 -0.21
N ILE E 386 41.62 -13.69 0.12
CA ILE E 386 40.76 -12.65 0.64
C ILE E 386 40.62 -11.47 -0.29
N LYS E 387 39.38 -11.10 -0.55
CA LYS E 387 39.10 -9.98 -1.45
C LYS E 387 38.42 -8.93 -0.61
N GLN E 388 38.62 -7.64 -0.91
CA GLN E 388 38.00 -6.62 -0.09
C GLN E 388 36.89 -5.88 -0.82
N ILE E 389 37.04 -5.67 -2.12
CA ILE E 389 36.00 -4.98 -2.88
C ILE E 389 35.21 -6.00 -3.66
N ILE E 390 33.92 -6.07 -3.38
CA ILE E 390 33.14 -7.10 -3.99
C ILE E 390 31.97 -6.59 -4.80
N ASN E 391 31.43 -7.49 -5.60
CA ASN E 391 30.30 -7.17 -6.45
C ASN E 391 29.17 -8.18 -6.31
N MET E 392 28.22 -7.84 -5.46
CA MET E 392 27.15 -8.75 -5.13
C MET E 392 26.32 -9.05 -6.34
N TRP E 393 25.95 -10.30 -6.46
CA TRP E 393 25.09 -10.81 -7.52
C TRP E 393 25.59 -10.60 -8.93
N GLN E 394 26.88 -10.27 -9.05
CA GLN E 394 27.52 -10.16 -10.34
C GLN E 394 26.79 -9.21 -11.26
N ARG E 395 26.27 -8.14 -10.70
CA ARG E 395 25.59 -7.12 -11.49
C ARG E 395 26.57 -6.04 -11.92
N ILE E 396 26.18 -5.20 -12.86
CA ILE E 396 27.14 -4.19 -13.34
C ILE E 396 26.84 -2.75 -12.96
N GLY E 397 27.90 -2.08 -12.51
CA GLY E 397 27.91 -0.67 -12.16
C GLY E 397 27.90 -0.42 -10.67
N GLN E 398 27.98 -1.49 -9.91
CA GLN E 398 27.98 -1.40 -8.47
C GLN E 398 29.20 -2.07 -7.89
N ALA E 399 29.61 -1.62 -6.71
CA ALA E 399 30.69 -2.24 -5.97
C ALA E 399 30.63 -1.82 -4.51
N MET E 400 31.14 -2.67 -3.62
CA MET E 400 31.22 -2.29 -2.22
C MET E 400 32.57 -2.59 -1.63
N TYR E 401 33.08 -1.67 -0.84
CA TYR E 401 34.33 -1.87 -0.13
C TYR E 401 34.10 -2.34 1.28
N ALA E 402 34.64 -3.50 1.61
CA ALA E 402 34.51 -4.02 2.95
C ALA E 402 35.62 -3.45 3.84
N PRO E 403 35.32 -2.68 4.90
CA PRO E 403 36.28 -2.11 5.79
C PRO E 403 37.00 -3.29 6.39
N PRO E 404 38.25 -3.14 6.74
CA PRO E 404 39.05 -4.16 7.38
C PRO E 404 38.61 -4.34 8.81
N ILE E 405 38.80 -5.53 9.34
CA ILE E 405 38.54 -5.79 10.74
C ILE E 405 39.85 -6.06 11.50
N GLN E 406 40.01 -5.35 12.62
CA GLN E 406 41.18 -5.45 13.49
C GLN E 406 41.13 -6.77 14.24
N GLY E 407 42.28 -7.26 14.65
CA GLY E 407 42.28 -8.52 15.37
C GLY E 407 42.38 -9.67 14.39
N VAL E 408 42.01 -10.86 14.85
CA VAL E 408 42.14 -12.11 14.10
C VAL E 408 40.75 -12.65 13.87
N ILE E 409 40.47 -13.12 12.65
CA ILE E 409 39.13 -13.62 12.41
C ILE E 409 39.05 -15.12 12.32
N ARG E 410 38.14 -15.66 13.07
CA ARG E 410 37.85 -17.07 13.03
C ARG E 410 36.34 -17.20 13.04
N CYS E 411 35.80 -18.14 12.24
CA CYS E 411 34.38 -18.44 12.16
C CYS E 411 34.21 -19.92 11.86
N VAL E 412 33.03 -20.41 12.17
CA VAL E 412 32.69 -21.78 11.91
C VAL E 412 31.35 -21.86 11.27
N SER E 413 31.09 -22.95 10.60
CA SER E 413 29.79 -23.15 10.01
C SER E 413 29.50 -24.64 9.78
N ASN E 414 28.22 -24.95 9.50
CA ASN E 414 27.73 -26.29 9.13
C ASN E 414 27.43 -26.33 7.63
N ILE E 415 28.07 -27.26 6.87
CA ILE E 415 27.77 -27.42 5.45
C ILE E 415 26.56 -28.32 5.45
N THR E 416 25.47 -27.81 4.94
CA THR E 416 24.20 -28.52 4.99
C THR E 416 23.80 -29.00 3.61
N GLY E 417 24.51 -28.51 2.61
CA GLY E 417 24.21 -28.93 1.26
C GLY E 417 25.24 -28.45 0.28
N LEU E 418 25.10 -28.93 -0.94
CA LEU E 418 26.01 -28.63 -2.01
C LEU E 418 25.27 -28.22 -3.27
N ILE E 419 25.87 -27.40 -4.10
CA ILE E 419 25.30 -27.25 -5.44
C ILE E 419 26.35 -27.78 -6.37
N LEU E 420 25.98 -28.85 -7.04
CA LEU E 420 26.87 -29.56 -7.94
C LEU E 420 26.28 -29.56 -9.32
N THR E 421 27.09 -29.77 -10.32
CA THR E 421 26.62 -29.91 -11.68
C THR E 421 27.29 -31.09 -12.35
N ARG E 422 27.05 -31.25 -13.63
CA ARG E 422 27.55 -32.39 -14.39
C ARG E 422 28.08 -31.99 -15.75
N ASP E 423 28.94 -32.84 -16.30
CA ASP E 423 29.41 -32.63 -17.65
C ASP E 423 28.46 -33.30 -18.69
N GLY E 424 28.86 -33.22 -20.00
CA GLY E 424 28.14 -33.75 -21.14
C GLY E 424 28.13 -35.28 -21.12
N SER E 429 30.34 -41.29 -23.08
CA SER E 429 31.13 -42.40 -22.56
C SER E 429 30.26 -43.16 -21.53
N THR E 430 30.91 -43.90 -20.59
CA THR E 430 30.30 -44.69 -19.53
C THR E 430 30.49 -44.07 -18.15
N THR E 431 31.45 -43.19 -18.02
CA THR E 431 31.76 -42.56 -16.73
C THR E 431 31.36 -41.11 -16.82
N GLU E 432 30.59 -40.66 -15.84
CA GLU E 432 30.14 -39.27 -15.82
C GLU E 432 30.95 -38.44 -14.85
N THR E 433 31.12 -37.15 -15.12
CA THR E 433 31.85 -36.31 -14.19
C THR E 433 30.98 -35.23 -13.59
N PHE E 434 31.07 -35.13 -12.28
CA PHE E 434 30.38 -34.17 -11.50
C PHE E 434 31.37 -33.17 -10.97
N ARG E 435 30.94 -31.94 -10.94
CA ARG E 435 31.77 -30.87 -10.47
C ARG E 435 30.97 -29.93 -9.62
N PRO E 436 31.57 -29.18 -8.72
CA PRO E 436 30.94 -28.09 -8.00
C PRO E 436 30.48 -27.02 -8.97
N GLY E 437 29.40 -26.32 -8.66
CA GLY E 437 28.99 -25.25 -9.56
C GLY E 437 27.70 -24.54 -9.14
N GLY E 438 27.27 -23.60 -9.98
CA GLY E 438 26.06 -22.80 -9.75
C GLY E 438 26.38 -21.37 -9.32
N GLY E 439 26.17 -20.40 -10.21
CA GLY E 439 26.48 -19.01 -9.92
C GLY E 439 25.26 -18.18 -9.54
N ASP E 440 24.12 -18.84 -9.39
CA ASP E 440 22.88 -18.16 -9.10
C ASP E 440 22.48 -18.29 -7.63
N MET E 441 22.60 -17.20 -6.88
CA MET E 441 22.33 -17.18 -5.43
C MET E 441 20.86 -17.47 -5.13
N ARG E 442 20.04 -17.30 -6.17
CA ARG E 442 18.63 -17.56 -6.12
C ARG E 442 18.38 -19.01 -5.76
N ASP E 443 19.33 -19.88 -6.10
CA ASP E 443 19.15 -21.28 -5.80
C ASP E 443 19.41 -21.57 -4.33
N ASN E 444 20.01 -20.64 -3.59
CA ASN E 444 20.17 -20.93 -2.18
C ASN E 444 18.79 -20.75 -1.61
N TRP E 445 18.10 -19.74 -2.14
CA TRP E 445 16.75 -19.49 -1.70
C TRP E 445 15.88 -20.64 -2.11
N ARG E 446 16.06 -21.12 -3.34
CA ARG E 446 15.25 -22.20 -3.84
C ARG E 446 15.37 -23.44 -3.02
N SER E 447 16.59 -23.75 -2.62
CA SER E 447 16.79 -24.95 -1.86
C SER E 447 16.03 -24.90 -0.56
N GLU E 448 16.12 -23.79 0.17
CA GLU E 448 15.42 -23.78 1.45
C GLU E 448 13.91 -23.73 1.27
N LEU E 449 13.47 -23.14 0.19
CA LEU E 449 12.07 -23.00 -0.12
C LEU E 449 11.49 -24.16 -0.90
N TYR E 450 12.25 -25.25 -1.08
CA TYR E 450 11.79 -26.37 -1.88
C TYR E 450 10.46 -26.96 -1.44
N LYS E 451 10.12 -26.78 -0.18
CA LYS E 451 8.92 -27.36 0.39
C LYS E 451 7.72 -26.43 0.46
N TYR E 452 7.78 -25.23 -0.10
CA TYR E 452 6.61 -24.37 0.05
C TYR E 452 5.88 -24.01 -1.22
N LYS E 453 4.57 -23.82 -1.07
CA LYS E 453 3.70 -23.36 -2.14
C LYS E 453 2.63 -22.39 -1.62
N VAL E 454 2.22 -21.42 -2.42
CA VAL E 454 1.16 -20.51 -1.97
C VAL E 454 -0.13 -20.65 -2.76
N VAL E 455 -1.22 -20.73 -2.01
CA VAL E 455 -2.54 -20.86 -2.59
C VAL E 455 -3.47 -19.81 -2.02
N LYS E 456 -4.56 -19.56 -2.71
CA LYS E 456 -5.60 -18.69 -2.22
C LYS E 456 -6.74 -19.58 -1.81
N ILE E 457 -7.48 -19.11 -0.85
CA ILE E 457 -8.61 -19.85 -0.33
C ILE E 457 -9.84 -19.47 -1.09
N GLU E 458 -10.63 -20.44 -1.47
CA GLU E 458 -11.85 -20.19 -2.23
C GLU E 458 -13.10 -20.56 -1.43
N PRO E 459 -13.58 -19.71 -0.52
CA PRO E 459 -14.65 -20.00 0.41
C PRO E 459 -16.03 -20.18 -0.21
N LEU E 460 -16.25 -19.76 -1.45
CA LEU E 460 -17.58 -19.92 -2.04
C LEU E 460 -17.74 -21.14 -2.91
N GLY E 461 -18.94 -21.71 -2.88
CA GLY E 461 -19.29 -22.81 -3.75
C GLY E 461 -20.79 -23.06 -3.78
N VAL E 462 -21.20 -23.97 -4.67
CA VAL E 462 -22.61 -24.29 -4.87
C VAL E 462 -22.83 -25.77 -4.81
N ALA E 463 -24.05 -26.19 -4.59
CA ALA E 463 -24.31 -27.62 -4.66
C ALA E 463 -25.77 -27.88 -5.01
N PRO E 464 -26.09 -29.04 -5.58
CA PRO E 464 -27.44 -29.51 -5.75
C PRO E 464 -27.97 -29.84 -4.37
N THR E 465 -29.24 -29.60 -4.14
CA THR E 465 -29.86 -29.94 -2.87
C THR E 465 -31.36 -30.18 -2.89
N ARG E 466 -31.80 -30.89 -1.86
CA ARG E 466 -33.22 -31.14 -1.61
C ARG E 466 -33.98 -29.89 -1.05
N CYS E 467 -33.23 -28.89 -0.55
CA CYS E 467 -33.65 -27.62 0.04
C CYS E 467 -33.98 -26.56 -1.02
N LYS E 468 -35.06 -25.84 -0.81
CA LYS E 468 -35.40 -24.72 -1.71
C LYS E 468 -35.73 -23.49 -0.88
N ARG E 469 -35.68 -22.28 -1.44
CA ARG E 469 -36.08 -21.10 -0.62
C ARG E 469 -37.58 -21.19 -0.27
N GLY F 3 -6.89 -24.14 13.63
CA GLY F 3 -6.98 -24.97 12.46
C GLY F 3 -8.25 -24.65 11.66
N PHE F 4 -8.31 -23.42 11.11
CA PHE F 4 -9.44 -22.87 10.33
C PHE F 4 -9.69 -23.66 9.03
N LEU F 5 -8.67 -24.35 8.57
CA LEU F 5 -8.75 -25.21 7.40
C LEU F 5 -8.58 -26.66 7.83
N GLY F 6 -8.92 -26.96 9.08
CA GLY F 6 -8.79 -28.32 9.59
C GLY F 6 -9.56 -29.26 8.67
N ALA F 7 -10.68 -28.79 8.15
CA ALA F 7 -11.38 -29.60 7.19
C ALA F 7 -10.57 -29.48 5.92
N ALA F 8 -10.14 -30.60 5.38
CA ALA F 8 -9.27 -30.62 4.20
C ALA F 8 -10.01 -30.51 2.88
N GLY F 9 -11.32 -30.44 2.95
CA GLY F 9 -12.17 -30.46 1.77
C GLY F 9 -12.79 -31.84 1.73
N SER F 10 -12.18 -32.74 2.48
CA SER F 10 -12.60 -34.10 2.63
C SER F 10 -13.80 -34.07 3.54
N THR F 11 -14.56 -35.17 3.57
CA THR F 11 -15.76 -35.28 4.44
C THR F 11 -16.50 -33.93 4.42
N MET F 12 -16.93 -33.49 3.24
CA MET F 12 -17.56 -32.15 3.13
C MET F 12 -18.82 -32.09 3.98
N GLY F 13 -19.61 -33.17 4.00
CA GLY F 13 -20.85 -33.20 4.81
C GLY F 13 -20.61 -32.63 6.19
N ALA F 14 -19.72 -33.25 6.96
CA ALA F 14 -19.39 -32.79 8.30
C ALA F 14 -18.79 -31.39 8.26
N ALA F 15 -18.03 -31.11 7.22
CA ALA F 15 -17.33 -29.85 7.06
C ALA F 15 -18.29 -28.69 6.85
N SER F 16 -19.56 -28.95 6.56
CA SER F 16 -20.47 -27.85 6.33
C SER F 16 -20.72 -27.09 7.63
N MET F 17 -20.35 -27.69 8.77
CA MET F 17 -20.53 -27.03 10.04
C MET F 17 -19.25 -26.39 10.52
N THR F 18 -18.22 -26.35 9.68
CA THR F 18 -16.97 -25.73 10.07
C THR F 18 -16.82 -24.46 9.26
N LEU F 19 -17.85 -24.11 8.52
CA LEU F 19 -17.79 -22.96 7.63
C LEU F 19 -17.57 -21.69 8.46
N THR F 20 -18.17 -21.66 9.65
CA THR F 20 -18.04 -20.54 10.56
C THR F 20 -16.61 -20.38 10.96
N VAL F 21 -15.99 -21.50 11.23
CA VAL F 21 -14.65 -21.53 11.74
C VAL F 21 -13.67 -21.05 10.69
N GLN F 22 -13.83 -21.54 9.46
CA GLN F 22 -12.94 -21.17 8.38
C GLN F 22 -12.96 -19.68 8.14
N ALA F 23 -14.12 -19.07 8.31
CA ALA F 23 -14.31 -17.65 8.09
C ALA F 23 -13.69 -16.78 9.19
N ARG F 24 -13.27 -17.38 10.30
CA ARG F 24 -12.80 -16.57 11.41
C ARG F 24 -11.52 -15.79 11.14
N ASN F 25 -10.63 -16.25 10.26
CA ASN F 25 -9.41 -15.49 10.08
C ASN F 25 -9.51 -14.62 8.83
N LEU F 26 -10.72 -14.37 8.36
CA LEU F 26 -10.82 -13.51 7.22
C LEU F 26 -10.32 -12.18 7.70
N LEU F 27 -9.54 -11.53 6.86
CA LEU F 27 -8.92 -10.24 7.18
C LEU F 27 -7.94 -10.25 8.39
N HIS F 52 11.29 -1.14 2.35
CA HIS F 52 10.31 -1.34 1.27
C HIS F 52 9.21 -2.29 1.72
N TRP F 53 9.46 -2.86 2.89
CA TRP F 53 8.57 -3.79 3.52
C TRP F 53 7.25 -3.07 3.80
N GLY F 54 7.29 -1.74 4.01
CA GLY F 54 6.09 -0.99 4.31
C GLY F 54 5.06 -1.04 3.18
N ILE F 55 5.53 -1.06 1.94
CA ILE F 55 4.61 -1.07 0.84
C ILE F 55 4.06 -2.44 0.72
N LYS F 56 4.92 -3.43 0.90
CA LYS F 56 4.44 -4.78 0.80
C LYS F 56 3.35 -5.07 1.81
N GLN F 57 3.49 -4.55 3.04
CA GLN F 57 2.44 -4.82 4.00
C GLN F 57 1.16 -4.17 3.55
N LEU F 58 1.23 -2.96 3.00
CA LEU F 58 0.00 -2.37 2.53
C LEU F 58 -0.61 -3.15 1.42
N GLN F 59 0.19 -3.69 0.51
CA GLN F 59 -0.44 -4.42 -0.56
C GLN F 59 -1.10 -5.68 -0.01
N ALA F 60 -0.44 -6.31 0.95
CA ALA F 60 -0.93 -7.53 1.52
C ALA F 60 -2.24 -7.33 2.26
N ARG F 61 -2.35 -6.23 3.00
CA ARG F 61 -3.55 -6.08 3.77
C ARG F 61 -4.69 -5.60 2.90
N VAL F 62 -4.41 -4.79 1.89
CA VAL F 62 -5.52 -4.33 1.09
C VAL F 62 -6.03 -5.47 0.25
N LEU F 63 -5.17 -6.41 -0.12
CA LEU F 63 -5.61 -7.53 -0.88
C LEU F 63 -6.58 -8.36 -0.07
N ALA F 64 -6.27 -8.57 1.22
CA ALA F 64 -7.19 -9.33 2.03
C ALA F 64 -8.54 -8.65 2.06
N VAL F 65 -8.53 -7.32 2.12
CA VAL F 65 -9.77 -6.57 2.13
C VAL F 65 -10.51 -6.70 0.83
N GLU F 66 -9.82 -6.57 -0.30
CA GLU F 66 -10.48 -6.66 -1.56
C GLU F 66 -11.17 -7.98 -1.75
N HIS F 67 -10.50 -9.06 -1.39
CA HIS F 67 -11.12 -10.35 -1.61
C HIS F 67 -12.29 -10.55 -0.69
N TYR F 68 -12.15 -10.11 0.54
CA TYR F 68 -13.24 -10.25 1.46
C TYR F 68 -14.46 -9.57 0.93
N LEU F 69 -14.30 -8.31 0.53
CA LEU F 69 -15.42 -7.54 0.08
C LEU F 69 -15.97 -8.08 -1.20
N ARG F 70 -15.11 -8.55 -2.10
CA ARG F 70 -15.56 -9.09 -3.35
C ARG F 70 -16.58 -10.19 -3.10
N ASP F 71 -16.24 -11.09 -2.20
CA ASP F 71 -17.11 -12.20 -1.93
C ASP F 71 -18.31 -11.82 -1.11
N GLN F 72 -18.17 -10.89 -0.18
CA GLN F 72 -19.33 -10.54 0.61
C GLN F 72 -20.33 -9.81 -0.26
N GLN F 73 -19.84 -9.03 -1.20
CA GLN F 73 -20.66 -8.29 -2.11
C GLN F 73 -21.47 -9.23 -2.96
N LEU F 74 -20.80 -10.26 -3.47
CA LEU F 74 -21.46 -11.21 -4.32
C LEU F 74 -22.50 -12.01 -3.58
N LEU F 75 -22.22 -12.41 -2.37
CA LEU F 75 -23.24 -13.15 -1.67
C LEU F 75 -24.42 -12.23 -1.36
N GLY F 76 -24.14 -10.99 -0.98
CA GLY F 76 -25.18 -10.04 -0.65
C GLY F 76 -26.12 -9.78 -1.82
N ILE F 77 -25.59 -9.72 -3.04
CA ILE F 77 -26.43 -9.49 -4.21
C ILE F 77 -27.35 -10.68 -4.50
N TRP F 78 -27.11 -11.82 -3.87
CA TRP F 78 -27.93 -12.99 -4.06
C TRP F 78 -28.94 -13.08 -2.94
N GLY F 79 -29.01 -12.04 -2.13
CA GLY F 79 -29.95 -11.97 -1.03
C GLY F 79 -29.55 -12.67 0.27
N CYS F 80 -28.23 -12.99 0.49
CA CYS F 80 -27.76 -13.66 1.68
C CYS F 80 -26.66 -12.82 2.32
N SER F 81 -26.73 -12.60 3.60
CA SER F 81 -25.66 -11.81 4.20
C SER F 81 -25.38 -12.27 5.60
N GLY F 82 -24.17 -12.75 5.85
CA GLY F 82 -23.77 -13.26 7.16
C GLY F 82 -24.29 -14.69 7.32
N LYS F 83 -24.91 -15.17 6.28
CA LYS F 83 -25.52 -16.46 6.23
C LYS F 83 -24.60 -17.44 5.52
N LEU F 84 -24.09 -18.42 6.25
CA LEU F 84 -23.13 -19.36 5.70
C LEU F 84 -23.74 -20.29 4.70
N ILE F 85 -24.96 -20.71 4.95
CA ILE F 85 -25.64 -21.60 4.03
C ILE F 85 -27.01 -21.02 3.73
N CYS F 86 -27.40 -20.87 2.43
CA CYS F 86 -28.73 -20.37 2.08
C CYS F 86 -29.26 -21.03 0.81
N CYS F 87 -30.56 -21.24 0.82
CA CYS F 87 -31.24 -21.89 -0.28
C CYS F 87 -31.94 -20.84 -1.10
N THR F 88 -32.08 -21.10 -2.38
CA THR F 88 -32.73 -20.14 -3.23
C THR F 88 -33.79 -20.74 -4.11
N ASN F 89 -34.33 -19.92 -4.99
CA ASN F 89 -35.43 -20.31 -5.87
C ASN F 89 -34.98 -20.73 -7.28
N VAL F 90 -33.69 -20.93 -7.44
CA VAL F 90 -33.12 -21.37 -8.69
C VAL F 90 -33.00 -22.90 -8.63
N PRO F 91 -33.55 -23.65 -9.61
CA PRO F 91 -33.50 -25.09 -9.70
C PRO F 91 -32.12 -25.54 -10.10
N TRP F 92 -31.80 -26.77 -9.85
CA TRP F 92 -30.53 -27.33 -10.29
C TRP F 92 -30.69 -27.90 -11.72
N ASN F 93 -29.71 -27.67 -12.63
CA ASN F 93 -29.69 -28.19 -14.01
C ASN F 93 -28.83 -29.47 -14.09
N SER F 94 -29.23 -30.40 -15.00
CA SER F 94 -28.55 -31.67 -15.29
C SER F 94 -27.25 -31.45 -16.06
N SER F 95 -27.17 -30.29 -16.67
CA SER F 95 -25.98 -29.93 -17.42
C SER F 95 -24.88 -29.53 -16.45
N TRP F 96 -25.25 -29.24 -15.19
CA TRP F 96 -24.30 -28.84 -14.19
C TRP F 96 -23.86 -30.12 -13.52
N SER F 97 -24.83 -30.98 -13.24
CA SER F 97 -24.52 -32.26 -12.65
C SER F 97 -25.43 -33.38 -13.04
N ASN F 98 -24.79 -34.42 -13.52
CA ASN F 98 -25.39 -35.67 -13.90
C ASN F 98 -24.75 -36.75 -13.05
N ARG F 99 -24.30 -36.32 -11.88
CA ARG F 99 -23.64 -37.18 -10.90
C ARG F 99 -24.71 -38.00 -10.21
N ASN F 100 -24.28 -38.98 -9.39
CA ASN F 100 -25.17 -39.89 -8.65
C ASN F 100 -26.09 -39.16 -7.65
N LEU F 101 -25.59 -38.00 -7.19
CA LEU F 101 -26.21 -37.17 -6.12
C LEU F 101 -26.23 -37.97 -4.81
N SER F 102 -25.63 -39.17 -4.81
CA SER F 102 -25.71 -40.04 -3.60
C SER F 102 -24.44 -40.01 -2.75
N GLU F 103 -23.39 -39.28 -3.14
CA GLU F 103 -22.12 -39.35 -2.36
C GLU F 103 -21.63 -37.95 -2.00
N ILE F 104 -22.33 -36.93 -2.49
CA ILE F 104 -21.80 -35.54 -2.55
C ILE F 104 -21.28 -35.17 -1.15
N TRP F 105 -22.07 -35.31 -0.11
CA TRP F 105 -21.52 -35.00 1.23
C TRP F 105 -20.50 -36.06 1.66
N ASP F 106 -20.92 -37.32 1.82
CA ASP F 106 -20.01 -38.36 2.39
C ASP F 106 -18.80 -38.73 1.53
N ASN F 107 -18.95 -38.97 0.21
CA ASN F 107 -17.78 -39.48 -0.58
C ASN F 107 -17.30 -38.52 -1.67
N MET F 108 -17.73 -37.26 -1.62
CA MET F 108 -17.23 -36.25 -2.60
C MET F 108 -16.52 -35.12 -1.88
N THR F 109 -15.28 -34.81 -2.28
CA THR F 109 -14.55 -33.64 -1.71
C THR F 109 -15.10 -32.35 -2.35
N TRP F 110 -15.19 -31.26 -1.57
CA TRP F 110 -15.61 -29.96 -2.18
C TRP F 110 -14.58 -29.68 -3.27
N LEU F 111 -13.31 -29.98 -2.98
CA LEU F 111 -12.24 -29.79 -3.99
C LEU F 111 -12.59 -30.58 -5.26
N GLN F 112 -12.71 -31.91 -5.18
CA GLN F 112 -12.81 -32.60 -6.44
C GLN F 112 -14.01 -32.09 -7.20
N TRP F 113 -15.10 -31.86 -6.47
CA TRP F 113 -16.33 -31.36 -7.14
C TRP F 113 -15.96 -30.07 -7.86
N ASP F 114 -15.27 -29.18 -7.15
CA ASP F 114 -14.93 -27.90 -7.75
C ASP F 114 -14.05 -28.10 -8.96
N LYS F 115 -13.15 -29.07 -8.89
CA LYS F 115 -12.32 -29.30 -10.07
C LYS F 115 -13.23 -29.61 -11.24
N GLU F 116 -14.32 -30.30 -10.95
CA GLU F 116 -15.30 -30.65 -11.93
C GLU F 116 -16.49 -29.66 -11.97
N ILE F 117 -16.21 -28.37 -11.77
CA ILE F 117 -17.19 -27.30 -11.89
C ILE F 117 -17.78 -27.16 -13.29
N SER F 118 -17.02 -27.57 -14.31
CA SER F 118 -17.44 -27.54 -15.71
C SER F 118 -17.90 -26.19 -16.21
N ASN F 119 -17.21 -25.16 -15.77
CA ASN F 119 -17.43 -23.79 -16.18
C ASN F 119 -18.85 -23.23 -16.00
N TYR F 120 -19.57 -23.61 -14.95
CA TYR F 120 -20.89 -23.03 -14.75
C TYR F 120 -20.93 -21.99 -13.68
N THR F 121 -19.78 -21.58 -13.20
CA THR F 121 -19.71 -20.62 -12.12
C THR F 121 -20.44 -19.34 -12.45
N GLN F 122 -20.17 -18.79 -13.61
CA GLN F 122 -20.74 -17.51 -13.98
C GLN F 122 -22.20 -17.65 -14.33
N ILE F 123 -22.52 -18.79 -14.90
CA ILE F 123 -23.87 -19.06 -15.30
C ILE F 123 -24.77 -19.11 -14.10
N ILE F 124 -24.32 -19.85 -13.11
CA ILE F 124 -25.11 -19.99 -11.93
C ILE F 124 -25.24 -18.68 -11.25
N TYR F 125 -24.15 -17.95 -11.13
CA TYR F 125 -24.22 -16.70 -10.43
C TYR F 125 -25.19 -15.77 -11.09
N GLY F 126 -25.20 -15.72 -12.43
CA GLY F 126 -26.13 -14.85 -13.11
C GLY F 126 -27.56 -15.24 -12.81
N LEU F 127 -27.84 -16.53 -12.76
CA LEU F 127 -29.19 -16.97 -12.48
C LEU F 127 -29.60 -16.59 -11.09
N LEU F 128 -28.66 -16.65 -10.16
CA LEU F 128 -29.00 -16.32 -8.79
C LEU F 128 -29.41 -14.87 -8.72
N GLU F 129 -28.69 -14.00 -9.44
CA GLU F 129 -29.05 -12.59 -9.44
C GLU F 129 -30.39 -12.34 -10.09
N GLU F 130 -30.68 -13.06 -11.17
CA GLU F 130 -31.94 -12.84 -11.87
C GLU F 130 -33.10 -13.24 -11.02
N SER F 131 -32.94 -14.36 -10.33
CA SER F 131 -33.99 -14.88 -9.50
C SER F 131 -34.28 -13.92 -8.39
N GLN F 132 -33.22 -13.41 -7.76
CA GLN F 132 -33.40 -12.50 -6.67
C GLN F 132 -33.99 -11.21 -7.13
N ASN F 133 -33.60 -10.74 -8.31
CA ASN F 133 -34.18 -9.51 -8.79
C ASN F 133 -35.69 -9.64 -8.85
N GLN F 134 -36.15 -10.74 -9.43
CA GLN F 134 -37.57 -10.91 -9.54
C GLN F 134 -38.22 -11.11 -8.18
N GLN F 135 -37.55 -11.82 -7.28
CA GLN F 135 -38.12 -12.06 -5.98
C GLN F 135 -38.32 -10.77 -5.21
N GLU F 136 -37.36 -9.87 -5.31
CA GLU F 136 -37.50 -8.62 -4.60
C GLU F 136 -38.64 -7.83 -5.17
N LYS F 137 -38.78 -7.85 -6.49
CA LYS F 137 -39.85 -7.14 -7.12
C LYS F 137 -41.17 -7.70 -6.68
N ASN F 138 -41.27 -9.01 -6.59
CA ASN F 138 -42.53 -9.61 -6.24
C ASN F 138 -42.94 -9.19 -4.85
N GLU F 139 -41.96 -9.14 -3.94
CA GLU F 139 -42.26 -8.76 -2.59
C GLU F 139 -42.69 -7.31 -2.52
N GLN F 140 -42.04 -6.45 -3.30
CA GLN F 140 -42.41 -5.05 -3.30
C GLN F 140 -43.82 -4.89 -3.80
N ASP F 141 -44.19 -5.63 -4.84
CA ASP F 141 -45.51 -5.51 -5.39
C ASP F 141 -46.56 -6.00 -4.41
N LEU F 142 -46.25 -7.05 -3.64
CA LEU F 142 -47.23 -7.53 -2.69
C LEU F 142 -47.47 -6.49 -1.60
N LEU F 143 -46.40 -5.87 -1.14
CA LEU F 143 -46.56 -4.85 -0.13
C LEU F 143 -47.27 -3.64 -0.70
N ALA F 144 -47.04 -3.32 -1.97
CA ALA F 144 -47.74 -2.24 -2.64
C ALA F 144 -49.23 -2.53 -2.71
N LEU F 145 -49.57 -3.81 -2.87
CA LEU F 145 -50.98 -4.20 -2.93
C LEU F 145 -51.71 -3.91 -1.60
N ASP F 146 -51.06 -4.21 -0.43
CA ASP F 146 -51.53 -3.98 0.95
C ASP F 146 -52.50 -2.77 1.10
N LEU G 2 -32.46 -13.95 31.98
CA LEU G 2 -31.76 -12.72 31.65
C LEU G 2 -30.69 -13.09 30.61
N TRP G 3 -30.55 -12.27 29.56
CA TRP G 3 -29.74 -12.63 28.36
C TRP G 3 -28.81 -11.48 27.99
N VAL G 4 -27.63 -11.81 27.45
CA VAL G 4 -26.60 -10.84 27.12
C VAL G 4 -26.80 -10.30 25.74
N THR G 5 -27.22 -9.06 25.56
CA THR G 5 -27.49 -8.65 24.19
C THR G 5 -26.46 -7.66 23.68
N VAL G 6 -26.45 -7.49 22.37
CA VAL G 6 -25.46 -6.68 21.69
C VAL G 6 -25.94 -5.33 21.28
N TYR G 7 -25.13 -4.32 21.58
CA TYR G 7 -25.40 -2.96 21.20
C TYR G 7 -24.23 -2.40 20.38
N TYR G 8 -24.51 -1.82 19.22
CA TYR G 8 -23.43 -1.28 18.41
C TYR G 8 -23.65 0.20 18.16
N GLY G 9 -22.61 0.99 18.40
CA GLY G 9 -22.65 2.44 18.27
C GLY G 9 -22.58 3.02 19.67
N VAL G 10 -22.00 2.25 20.58
CA VAL G 10 -21.87 2.62 21.96
C VAL G 10 -20.82 3.76 22.12
N PRO G 11 -21.13 4.88 22.77
CA PRO G 11 -20.27 6.05 22.94
C PRO G 11 -19.16 5.89 23.97
N VAL G 12 -18.24 4.98 23.71
CA VAL G 12 -17.10 4.73 24.58
C VAL G 12 -15.79 4.75 23.80
N TRP G 13 -14.67 4.85 24.51
CA TRP G 13 -13.36 4.90 23.88
C TRP G 13 -12.20 4.40 24.72
N LYS G 14 -11.07 4.19 24.04
CA LYS G 14 -9.81 3.80 24.66
C LYS G 14 -8.59 4.55 24.15
N ASP G 15 -7.57 4.65 24.98
CA ASP G 15 -6.34 5.30 24.55
C ASP G 15 -5.78 4.59 23.35
N ALA G 16 -5.28 5.34 22.36
CA ALA G 16 -4.72 4.65 21.22
C ALA G 16 -3.61 5.42 20.53
N GLU G 17 -2.72 4.68 19.88
CA GLU G 17 -1.64 5.29 19.12
C GLU G 17 -1.95 5.29 17.64
N THR G 18 -2.05 6.47 17.08
CA THR G 18 -2.35 6.68 15.68
C THR G 18 -1.84 8.05 15.33
N THR G 19 -1.64 8.35 14.07
CA THR G 19 -1.21 9.70 13.76
C THR G 19 -2.36 10.61 13.41
N LEU G 20 -2.04 11.89 13.24
CA LEU G 20 -3.08 12.94 13.08
C LEU G 20 -2.92 13.60 11.72
N PHE G 21 -4.04 13.83 11.02
CA PHE G 21 -4.03 14.54 9.71
C PHE G 21 -3.55 15.98 9.91
N CYS G 22 -2.67 16.48 9.04
CA CYS G 22 -2.17 17.87 9.16
C CYS G 22 -3.06 18.72 8.26
N ALA G 23 -3.64 19.78 8.81
CA ALA G 23 -4.45 20.73 8.00
C ALA G 23 -3.90 22.14 8.18
N SER G 24 -3.61 22.83 7.07
CA SER G 24 -3.02 24.19 7.17
C SER G 24 -3.90 25.21 6.44
N ASP G 25 -4.22 26.33 7.09
CA ASP G 25 -5.04 27.40 6.46
C ASP G 25 -5.14 28.59 7.41
N HIS G 34 5.92 29.23 -1.29
CA HIS G 34 5.11 29.01 -0.11
C HIS G 34 6.00 29.17 1.17
N ASN G 35 6.28 28.08 1.93
CA ASN G 35 7.08 28.06 3.17
C ASN G 35 7.67 26.68 3.39
N VAL G 36 8.43 26.54 4.47
CA VAL G 36 9.03 25.28 4.86
C VAL G 36 7.95 24.30 5.28
N TRP G 37 6.89 24.78 5.92
CA TRP G 37 5.81 23.90 6.30
C TRP G 37 4.90 23.97 5.10
N ALA G 38 5.36 23.33 4.05
CA ALA G 38 4.81 23.48 2.73
C ALA G 38 3.33 23.26 2.64
N THR G 39 2.71 24.15 1.89
CA THR G 39 1.30 24.12 1.66
C THR G 39 0.91 22.82 1.02
N HIS G 40 1.68 22.37 0.03
CA HIS G 40 1.32 21.16 -0.67
C HIS G 40 1.45 19.93 0.19
N ALA G 41 2.14 20.09 1.32
CA ALA G 41 2.33 19.00 2.30
C ALA G 41 1.11 18.92 3.23
N CYS G 42 0.42 20.04 3.44
CA CYS G 42 -0.81 20.05 4.28
C CYS G 42 -1.93 20.75 3.50
N VAL G 43 -2.46 20.09 2.47
CA VAL G 43 -3.51 20.70 1.60
C VAL G 43 -4.78 20.97 2.41
N PRO G 44 -5.19 20.10 3.35
CA PRO G 44 -6.46 20.27 4.07
C PRO G 44 -6.55 21.61 4.81
N THR G 45 -7.73 22.25 4.78
CA THR G 45 -7.91 23.56 5.45
C THR G 45 -8.67 23.35 6.76
N ASP G 46 -9.85 23.97 6.89
CA ASP G 46 -10.75 23.75 8.02
C ASP G 46 -12.14 24.41 7.88
N PRO G 47 -13.23 23.64 7.71
CA PRO G 47 -14.61 24.10 7.62
C PRO G 47 -15.08 24.76 8.92
N ASN G 48 -14.31 24.56 9.99
CA ASN G 48 -14.58 25.05 11.33
C ASN G 48 -15.85 24.52 11.97
N PRO G 49 -15.99 23.19 12.10
CA PRO G 49 -17.07 22.52 12.77
C PRO G 49 -16.82 22.80 14.24
N GLN G 50 -17.85 22.77 15.05
CA GLN G 50 -17.61 23.01 16.46
C GLN G 50 -17.60 21.72 17.23
N GLU G 51 -16.98 21.73 18.41
CA GLU G 51 -16.90 20.53 19.22
C GLU G 51 -18.15 20.29 20.04
N ILE G 52 -18.14 19.16 20.75
CA ILE G 52 -19.27 18.80 21.59
C ILE G 52 -18.90 18.64 23.05
N HIS G 53 -19.54 19.41 23.91
CA HIS G 53 -19.21 19.27 25.32
C HIS G 53 -19.75 17.97 25.86
N LEU G 54 -18.96 17.24 26.63
CA LEU G 54 -19.47 16.01 27.18
C LEU G 54 -19.88 16.22 28.63
N GLU G 55 -21.16 16.21 28.89
CA GLU G 55 -21.56 16.44 30.26
C GLU G 55 -21.27 15.17 31.04
N ASN G 56 -20.82 15.36 32.29
CA ASN G 56 -20.59 14.21 33.20
C ASN G 56 -19.56 13.25 32.59
N VAL G 57 -18.41 13.78 32.16
CA VAL G 57 -17.26 12.98 31.73
C VAL G 57 -15.99 13.55 32.31
N THR G 58 -15.27 12.72 33.03
CA THR G 58 -13.99 13.11 33.59
C THR G 58 -12.97 12.25 32.92
N GLU G 59 -11.92 12.87 32.43
CA GLU G 59 -10.92 12.14 31.69
C GLU G 59 -9.52 12.38 32.24
N GLU G 60 -8.78 11.31 32.44
CA GLU G 60 -7.43 11.44 32.95
C GLU G 60 -6.47 11.66 31.82
N PHE G 61 -5.84 12.82 31.82
CA PHE G 61 -4.92 13.15 30.75
C PHE G 61 -3.51 13.11 31.18
N ASN G 62 -2.78 12.06 30.92
CA ASN G 62 -1.42 12.17 31.38
C ASN G 62 -0.67 12.85 30.26
N MET G 63 -0.68 14.17 30.28
CA MET G 63 -0.17 14.94 29.14
C MET G 63 1.28 14.72 28.86
N TRP G 64 2.03 14.34 29.87
CA TRP G 64 3.45 14.13 29.75
C TRP G 64 3.79 12.95 28.90
N LYS G 65 2.80 12.11 28.68
CA LYS G 65 2.98 10.90 27.94
C LYS G 65 2.25 10.93 26.62
N ASN G 66 1.76 12.10 26.20
CA ASN G 66 1.02 12.08 24.94
C ASN G 66 2.01 12.04 23.79
N ASN G 67 2.02 10.90 23.10
CA ASN G 67 2.96 10.58 22.04
C ASN G 67 2.83 11.43 20.81
N MET G 68 1.76 12.19 20.72
CA MET G 68 1.60 13.02 19.55
C MET G 68 2.70 14.09 19.56
N VAL G 69 3.35 14.31 20.72
CA VAL G 69 4.45 15.25 20.75
C VAL G 69 5.61 14.69 19.96
N GLU G 70 5.78 13.37 19.96
CA GLU G 70 6.87 12.76 19.26
C GLU G 70 6.56 12.88 17.80
N GLN G 71 5.28 12.77 17.49
CA GLN G 71 4.89 12.87 16.12
C GLN G 71 5.18 14.27 15.63
N MET G 72 4.90 15.29 16.45
CA MET G 72 5.18 16.64 16.01
C MET G 72 6.65 16.84 15.81
N HIS G 73 7.43 16.25 16.66
CA HIS G 73 8.85 16.41 16.56
C HIS G 73 9.31 15.90 15.20
N GLU G 74 8.85 14.70 14.86
CA GLU G 74 9.22 14.07 13.61
C GLU G 74 8.65 14.76 12.39
N ASP G 75 7.43 15.28 12.47
CA ASP G 75 6.86 15.92 11.31
C ASP G 75 7.52 17.22 10.99
N ILE G 76 7.88 17.98 12.00
CA ILE G 76 8.48 19.25 11.69
C ILE G 76 9.84 19.01 11.10
N ILE G 77 10.63 18.08 11.65
CA ILE G 77 11.92 17.83 11.03
C ILE G 77 11.76 17.29 9.63
N SER G 78 10.75 16.46 9.38
CA SER G 78 10.58 15.97 8.05
C SER G 78 10.34 17.10 7.08
N LEU G 79 9.47 18.06 7.44
CA LEU G 79 9.18 19.19 6.58
C LEU G 79 10.41 20.05 6.40
N TRP G 80 11.16 20.23 7.46
CA TRP G 80 12.36 21.01 7.44
C TRP G 80 13.35 20.45 6.44
N ASP G 81 13.62 19.15 6.56
CA ASP G 81 14.60 18.55 5.70
C ASP G 81 14.13 18.46 4.28
N GLN G 82 12.87 18.17 4.06
CA GLN G 82 12.43 18.02 2.70
C GLN G 82 12.54 19.31 1.95
N SER G 83 12.28 20.41 2.62
CA SER G 83 12.37 21.70 1.99
C SER G 83 13.79 22.13 1.72
N LEU G 84 14.75 21.67 2.52
CA LEU G 84 16.15 22.02 2.26
C LEU G 84 16.83 21.10 1.25
N LYS G 85 16.36 19.85 1.13
CA LYS G 85 16.97 18.93 0.17
C LYS G 85 17.27 19.51 -1.21
N PRO G 86 16.35 20.19 -1.93
CA PRO G 86 16.56 20.73 -3.27
C PRO G 86 17.41 22.01 -3.42
N CYS G 87 17.88 22.61 -2.32
CA CYS G 87 18.61 23.88 -2.31
C CYS G 87 20.09 23.65 -2.66
N VAL G 88 20.76 24.73 -3.06
CA VAL G 88 22.17 24.67 -3.43
C VAL G 88 23.07 24.31 -2.26
N LYS G 89 23.97 23.37 -2.49
CA LYS G 89 24.89 22.89 -1.46
C LYS G 89 26.09 23.81 -1.39
N LEU G 90 26.67 23.91 -0.20
CA LEU G 90 27.82 24.77 0.00
C LEU G 90 29.15 24.06 0.22
N THR G 91 29.25 22.81 -0.17
CA THR G 91 30.49 22.07 0.01
C THR G 91 31.76 22.86 -0.39
N PRO G 92 31.83 23.58 -1.55
CA PRO G 92 32.99 24.30 -2.03
C PRO G 92 33.51 25.37 -1.09
N LEU G 93 32.73 25.75 -0.10
CA LEU G 93 33.15 26.77 0.86
C LEU G 93 34.19 26.31 1.88
N CYS G 94 34.41 24.99 2.05
CA CYS G 94 35.36 24.44 3.00
C CYS G 94 36.77 24.47 2.42
N VAL G 95 37.30 25.67 2.45
CA VAL G 95 38.62 26.01 1.97
C VAL G 95 39.32 26.80 3.02
N THR G 96 40.62 26.88 2.91
CA THR G 96 41.35 27.76 3.82
C THR G 96 40.93 29.20 3.52
N LEU G 97 40.56 29.94 4.55
CA LEU G 97 40.17 31.33 4.45
C LEU G 97 41.30 32.19 4.97
N GLN G 98 41.45 33.39 4.42
CA GLN G 98 42.40 34.36 4.92
C GLN G 98 41.61 35.43 5.65
N CYS G 99 41.69 35.51 7.02
CA CYS G 99 40.81 36.42 7.76
C CYS G 99 41.55 37.33 8.73
N THR G 100 41.07 38.56 8.73
CA THR G 100 41.49 39.62 9.64
C THR G 100 40.23 40.13 10.34
N ASN G 101 40.37 41.10 11.27
CA ASN G 101 39.24 41.69 12.02
C ASN G 101 38.63 42.87 11.27
N VAL G 102 37.32 43.10 11.50
CA VAL G 102 36.65 44.32 11.08
C VAL G 102 36.85 45.27 12.25
N THR G 103 37.68 46.28 12.06
CA THR G 103 38.02 47.16 13.17
C THR G 103 37.69 48.60 12.93
N ASN G 104 37.47 48.96 11.67
CA ASN G 104 37.32 50.36 11.31
C ASN G 104 36.01 51.08 11.66
N ASN G 105 34.93 50.34 11.95
CA ASN G 105 33.60 50.96 12.16
C ASN G 105 32.83 50.29 13.30
N ILE G 106 33.54 49.89 14.37
CA ILE G 106 32.97 49.22 15.56
C ILE G 106 32.63 50.20 16.67
N THR G 107 31.38 50.19 17.13
CA THR G 107 30.94 51.12 18.17
C THR G 107 31.21 50.64 19.59
N ASP G 108 32.47 50.33 19.86
CA ASP G 108 32.92 49.89 21.18
C ASP G 108 32.12 48.72 21.79
N ASP G 109 31.79 47.73 20.99
CA ASP G 109 31.06 46.56 21.47
C ASP G 109 31.47 45.30 20.72
N MET G 110 31.29 45.29 19.41
CA MET G 110 31.60 44.13 18.59
C MET G 110 33.08 44.09 18.27
N ARG G 111 33.88 43.89 19.31
CA ARG G 111 35.31 44.02 19.22
C ARG G 111 35.95 42.78 18.64
N GLY G 112 36.05 42.77 17.32
CA GLY G 112 36.57 41.62 16.60
C GLY G 112 35.48 40.58 16.44
N GLU G 113 34.23 41.04 16.54
CA GLU G 113 33.07 40.16 16.43
C GLU G 113 32.90 39.67 15.02
N LEU G 114 33.25 40.54 14.07
CA LEU G 114 33.13 40.18 12.69
C LEU G 114 34.50 40.03 12.12
N LYS G 115 34.63 39.08 11.21
CA LYS G 115 35.86 38.89 10.50
C LYS G 115 35.67 39.31 9.05
N ASN G 116 36.74 39.84 8.46
CA ASN G 116 36.85 40.21 7.05
C ASN G 116 37.73 39.16 6.36
N CYS G 117 37.09 38.24 5.60
CA CYS G 117 37.73 37.07 5.01
C CYS G 117 37.80 37.15 3.49
N SER G 118 38.91 36.63 2.97
CA SER G 118 39.17 36.51 1.55
C SER G 118 39.50 35.09 1.18
N PHE G 119 38.92 34.61 0.10
CA PHE G 119 39.18 33.24 -0.30
C PHE G 119 39.04 32.96 -1.80
N ASN G 120 39.64 31.82 -2.23
CA ASN G 120 39.61 31.31 -3.59
C ASN G 120 38.43 30.34 -3.77
N MET G 121 37.36 30.81 -4.44
CA MET G 121 36.11 30.11 -4.70
C MET G 121 36.10 29.70 -6.16
N THR G 122 35.51 28.57 -6.49
CA THR G 122 35.44 28.23 -7.90
C THR G 122 34.33 29.01 -8.51
N THR G 123 34.26 29.08 -9.82
CA THR G 123 33.09 29.71 -10.40
C THR G 123 32.38 28.72 -11.28
N GLU G 124 31.38 29.21 -11.97
CA GLU G 124 30.50 28.39 -12.78
C GLU G 124 31.25 27.50 -13.76
N LEU G 125 32.30 28.00 -14.40
CA LEU G 125 33.06 27.11 -15.25
C LEU G 125 34.19 26.61 -14.38
N ARG G 126 34.51 25.35 -14.54
CA ARG G 126 35.52 24.65 -13.75
C ARG G 126 36.91 25.24 -13.85
N ASP G 127 37.23 25.76 -15.01
CA ASP G 127 38.52 26.31 -15.32
C ASP G 127 38.73 27.70 -14.78
N LYS G 128 37.69 28.30 -14.24
CA LYS G 128 37.80 29.64 -13.75
C LYS G 128 37.56 29.69 -12.26
N LYS G 129 38.29 30.57 -11.61
CA LYS G 129 38.19 30.76 -10.19
C LYS G 129 37.83 32.21 -9.94
N GLN G 130 37.31 32.51 -8.77
CA GLN G 130 36.99 33.88 -8.40
C GLN G 130 37.45 34.18 -6.98
N LYS G 131 37.84 35.42 -6.74
CA LYS G 131 38.19 35.79 -5.38
C LYS G 131 37.01 36.42 -4.73
N VAL G 132 36.71 35.95 -3.54
CA VAL G 132 35.57 36.42 -2.84
C VAL G 132 35.93 37.02 -1.52
N TYR G 133 35.32 38.16 -1.25
CA TYR G 133 35.50 38.85 0.01
C TYR G 133 34.17 38.84 0.71
N SER G 134 34.16 38.51 1.99
CA SER G 134 32.91 38.49 2.74
C SER G 134 33.08 38.64 4.25
N LEU G 135 31.99 38.98 4.93
CA LEU G 135 32.06 39.04 6.38
C LEU G 135 31.43 37.86 7.02
N PHE G 136 32.02 37.46 8.13
CA PHE G 136 31.51 36.39 8.94
C PHE G 136 31.41 36.73 10.39
N TYR G 137 30.49 36.12 11.08
CA TYR G 137 30.48 36.28 12.51
C TYR G 137 31.61 35.41 12.98
N ARG G 138 32.32 35.82 14.02
CA ARG G 138 33.43 35.01 14.48
C ARG G 138 32.97 33.68 15.01
N LEU G 139 31.70 33.58 15.36
CA LEU G 139 31.16 32.38 15.93
C LEU G 139 31.11 31.24 14.93
N ASP G 140 31.16 31.57 13.65
CA ASP G 140 31.11 30.58 12.59
C ASP G 140 32.50 30.23 12.03
N VAL G 141 33.56 30.87 12.55
CA VAL G 141 34.87 30.67 11.95
C VAL G 141 35.91 30.20 12.96
N VAL G 142 36.61 29.14 12.63
CA VAL G 142 37.61 28.61 13.52
C VAL G 142 39.00 28.63 12.92
N GLN G 143 39.96 29.07 13.70
CA GLN G 143 41.33 29.12 13.24
C GLN G 143 41.87 27.73 13.02
N ILE G 144 42.58 27.56 11.92
CA ILE G 144 43.20 26.29 11.58
C ILE G 144 44.43 25.94 12.44
N ASN G 145 45.33 26.93 12.66
CA ASN G 145 46.58 26.79 13.40
C ASN G 145 46.33 27.22 14.85
N LYS G 157 46.80 33.77 9.79
CA LYS G 157 45.46 34.19 9.39
C LYS G 157 44.69 33.11 8.58
N GLU G 158 44.98 31.81 8.83
CA GLU G 158 44.36 30.64 8.19
C GLU G 158 43.19 30.11 9.01
N TYR G 159 42.00 30.16 8.42
CA TYR G 159 40.74 29.78 9.07
C TYR G 159 39.89 28.86 8.24
N ARG G 160 38.99 28.14 8.89
CA ARG G 160 38.02 27.32 8.21
C ARG G 160 36.66 27.52 8.85
N LEU G 161 35.61 27.11 8.18
CA LEU G 161 34.32 27.26 8.83
C LEU G 161 34.17 26.14 9.83
N ILE G 162 33.44 26.41 10.90
CA ILE G 162 33.30 25.44 11.98
C ILE G 162 32.67 24.11 11.63
N ASN G 163 31.84 24.06 10.62
CA ASN G 163 31.22 22.80 10.23
C ASN G 163 32.02 21.89 9.30
N CYS G 164 33.20 22.33 8.79
CA CYS G 164 33.95 21.63 7.74
C CYS G 164 34.54 20.31 8.19
N ASN G 165 34.59 20.08 9.48
CA ASN G 165 35.10 18.80 9.95
C ASN G 165 34.03 17.86 10.54
N THR G 166 32.72 18.29 10.59
CA THR G 166 31.64 17.49 11.18
C THR G 166 30.40 17.31 10.33
N SER G 167 30.16 18.18 9.34
CA SER G 167 28.89 18.05 8.63
C SER G 167 28.87 18.60 7.23
N ALA G 168 27.81 18.21 6.54
CA ALA G 168 27.49 18.76 5.26
C ALA G 168 26.95 20.15 5.49
N ILE G 169 26.96 20.97 4.46
CA ILE G 169 26.35 22.28 4.62
C ILE G 169 25.50 22.65 3.42
N THR G 170 24.26 23.06 3.67
CA THR G 170 23.34 23.47 2.60
C THR G 170 22.89 24.91 2.76
N GLN G 171 22.78 25.66 1.67
CA GLN G 171 22.26 27.03 1.73
C GLN G 171 20.76 26.97 1.73
N ALA G 172 20.13 27.65 2.67
CA ALA G 172 18.69 27.65 2.66
C ALA G 172 18.20 28.43 1.44
N CYS G 173 17.09 27.99 0.81
CA CYS G 173 16.48 28.65 -0.33
C CYS G 173 15.86 30.01 0.09
N PRO G 174 16.21 31.12 -0.58
CA PRO G 174 15.76 32.49 -0.34
C PRO G 174 14.25 32.68 -0.41
N LYS G 175 13.57 31.72 -1.02
CA LYS G 175 12.14 31.80 -1.18
C LYS G 175 11.36 31.25 0.00
N VAL G 176 12.04 30.70 0.98
CA VAL G 176 11.35 30.15 2.13
C VAL G 176 11.49 31.12 3.29
N SER G 177 10.36 31.61 3.80
CA SER G 177 10.38 32.61 4.87
C SER G 177 10.59 32.09 6.28
N PHE G 178 10.20 30.85 6.53
CA PHE G 178 10.29 30.23 7.84
C PHE G 178 9.45 30.92 8.91
N GLU G 179 8.45 31.70 8.49
CA GLU G 179 7.54 32.28 9.46
C GLU G 179 6.60 31.18 9.90
N PRO G 180 6.50 30.83 11.18
CA PRO G 180 5.68 29.73 11.66
C PRO G 180 4.23 29.83 11.23
N ILE G 181 3.71 28.71 10.72
CA ILE G 181 2.34 28.56 10.28
C ILE G 181 1.62 27.65 11.25
N PRO G 182 0.52 28.12 11.92
CA PRO G 182 -0.30 27.34 12.92
C PRO G 182 -0.96 26.14 12.23
N ILE G 183 -0.59 24.92 12.63
CA ILE G 183 -1.20 23.70 12.02
C ILE G 183 -2.12 23.05 13.05
N HIS G 184 -3.40 22.89 12.72
CA HIS G 184 -4.32 22.10 13.58
C HIS G 184 -4.04 20.62 13.30
N TYR G 185 -4.18 19.75 14.31
CA TYR G 185 -4.08 18.34 13.97
C TYR G 185 -5.42 17.66 14.15
N CYS G 186 -5.80 16.81 13.16
CA CYS G 186 -7.11 16.16 13.10
C CYS G 186 -7.02 14.63 13.21
N ALA G 187 -7.94 14.05 13.96
CA ALA G 187 -7.98 12.61 14.14
C ALA G 187 -8.47 11.93 12.85
N PRO G 188 -8.04 10.69 12.61
CA PRO G 188 -8.49 9.80 11.58
C PRO G 188 -9.85 9.24 11.89
N ALA G 189 -10.50 8.70 10.88
CA ALA G 189 -11.78 8.07 11.10
C ALA G 189 -11.65 6.98 12.12
N GLY G 190 -12.61 6.89 13.02
CA GLY G 190 -12.59 5.86 14.05
C GLY G 190 -11.91 6.37 15.32
N PHE G 191 -11.42 7.60 15.28
CA PHE G 191 -10.74 8.25 16.38
C PHE G 191 -11.29 9.63 16.69
N ALA G 192 -11.00 10.11 17.89
CA ALA G 192 -11.44 11.44 18.28
C ALA G 192 -10.47 12.10 19.24
N ILE G 193 -10.49 13.45 19.28
CA ILE G 193 -9.60 14.15 20.18
C ILE G 193 -10.37 14.71 21.36
N LEU G 194 -9.91 14.37 22.53
CA LEU G 194 -10.55 14.86 23.71
C LEU G 194 -9.82 16.08 24.17
N LYS G 195 -10.55 17.18 24.29
CA LYS G 195 -10.00 18.46 24.70
C LYS G 195 -10.56 18.88 26.05
N CYS G 196 -9.72 19.07 27.10
CA CYS G 196 -10.22 19.46 28.42
C CYS G 196 -9.89 20.93 28.67
N LYS G 197 -10.93 21.67 28.98
CA LYS G 197 -10.87 23.09 29.21
C LYS G 197 -10.96 23.47 30.67
N ASP G 198 -10.82 22.50 31.57
CA ASP G 198 -10.92 22.80 32.98
C ASP G 198 -9.85 23.83 33.30
N LYS G 199 -10.28 24.92 33.92
CA LYS G 199 -9.38 26.00 34.23
C LYS G 199 -8.50 25.69 35.41
N LYS G 200 -7.30 26.24 35.37
CA LYS G 200 -6.33 26.12 36.46
C LYS G 200 -6.05 24.67 36.78
N PHE G 201 -5.95 23.86 35.74
CA PHE G 201 -5.70 22.47 35.93
C PHE G 201 -4.31 22.25 35.34
N ASN G 202 -3.41 21.49 36.05
CA ASN G 202 -2.04 21.24 35.59
C ASN G 202 -1.95 20.35 34.34
N GLY G 203 -2.96 19.49 34.09
CA GLY G 203 -3.07 18.62 32.92
C GLY G 203 -2.55 17.20 33.04
N THR G 204 -2.31 16.69 34.25
CA THR G 204 -1.83 15.31 34.29
C THR G 204 -2.86 14.30 34.80
N GLY G 205 -3.91 14.79 35.46
CA GLY G 205 -4.88 13.93 36.12
C GLY G 205 -6.29 13.97 35.51
N PRO G 206 -7.32 13.58 36.32
CA PRO G 206 -8.75 13.44 36.00
C PRO G 206 -9.42 14.79 35.84
N CYS G 207 -9.26 15.37 34.63
CA CYS G 207 -9.68 16.69 34.24
C CYS G 207 -11.21 16.58 33.94
N PRO G 208 -12.08 17.27 34.69
CA PRO G 208 -13.55 17.18 34.65
C PRO G 208 -14.32 17.98 33.59
N SER G 209 -13.65 18.64 32.67
CA SER G 209 -14.40 19.44 31.71
C SER G 209 -13.90 19.23 30.29
N VAL G 210 -14.44 18.20 29.66
CA VAL G 210 -13.95 17.77 28.36
C VAL G 210 -14.99 17.78 27.28
N SER G 211 -14.58 18.27 26.14
CA SER G 211 -15.37 18.30 24.94
C SER G 211 -14.68 17.47 23.87
N THR G 212 -15.42 16.93 22.92
CA THR G 212 -14.78 16.17 21.87
C THR G 212 -14.79 16.88 20.56
N VAL G 213 -13.60 16.97 19.99
CA VAL G 213 -13.40 17.68 18.77
C VAL G 213 -12.66 16.80 17.77
N GLN G 214 -12.92 16.97 16.50
CA GLN G 214 -12.12 16.21 15.55
C GLN G 214 -10.66 16.71 15.46
N CYS G 215 -10.44 18.05 15.59
CA CYS G 215 -9.18 18.76 15.40
C CYS G 215 -8.81 19.64 16.61
N THR G 216 -7.51 19.80 16.82
CA THR G 216 -6.97 20.69 17.85
C THR G 216 -6.99 22.10 17.28
N HIS G 217 -6.67 23.09 18.09
CA HIS G 217 -6.56 24.44 17.58
C HIS G 217 -5.22 24.48 16.86
N GLY G 218 -4.88 25.59 16.21
CA GLY G 218 -3.62 25.56 15.49
C GLY G 218 -2.46 25.97 16.37
N ILE G 219 -1.36 25.25 16.24
CA ILE G 219 -0.16 25.59 16.97
C ILE G 219 0.97 25.97 16.05
N LYS G 220 1.54 27.15 16.26
CA LYS G 220 2.66 27.58 15.44
C LYS G 220 3.95 26.86 15.80
N PRO G 221 4.75 26.42 14.83
CA PRO G 221 6.03 25.77 14.98
C PRO G 221 7.13 26.75 15.29
N VAL G 222 7.04 27.32 16.46
CA VAL G 222 8.02 28.28 16.93
C VAL G 222 9.19 27.53 17.53
N VAL G 223 10.39 27.91 17.11
CA VAL G 223 11.58 27.28 17.63
C VAL G 223 12.30 28.22 18.55
N SER G 224 12.49 27.80 19.78
CA SER G 224 13.18 28.65 20.73
C SER G 224 13.76 27.89 21.91
N THR G 225 14.71 28.54 22.56
CA THR G 225 15.27 28.07 23.82
C THR G 225 15.00 29.10 24.91
N GLN G 226 15.21 28.70 26.18
CA GLN G 226 15.06 29.55 27.38
C GLN G 226 13.62 29.97 27.66
N LEU G 227 13.08 30.76 26.76
CA LEU G 227 11.73 31.27 26.86
C LEU G 227 10.83 30.63 25.85
N LEU G 228 9.56 30.63 26.17
CA LEU G 228 8.57 30.11 25.28
C LEU G 228 7.88 31.29 24.62
N LEU G 229 8.04 31.42 23.31
CA LEU G 229 7.47 32.55 22.61
C LEU G 229 6.25 32.18 21.76
N ASN G 230 5.31 33.15 21.60
CA ASN G 230 4.13 33.15 20.73
C ASN G 230 3.23 31.91 20.89
N GLY G 231 3.03 31.41 22.14
CA GLY G 231 2.18 30.26 22.44
C GLY G 231 0.87 30.66 23.08
N SER G 232 0.19 29.68 23.63
CA SER G 232 -1.07 29.91 24.32
C SER G 232 -0.82 30.50 25.69
N LEU G 233 -1.65 31.44 26.11
CA LEU G 233 -1.56 32.02 27.44
C LEU G 233 -2.47 31.32 28.40
N ALA G 234 -2.04 31.26 29.65
CA ALA G 234 -2.79 30.66 30.72
C ALA G 234 -4.03 31.46 30.99
N GLU G 235 -5.11 30.78 31.28
CA GLU G 235 -6.28 31.48 31.68
C GLU G 235 -6.14 31.83 33.14
N GLU G 236 -6.73 32.92 33.56
CA GLU G 236 -6.85 33.34 34.96
C GLU G 236 -5.57 33.72 35.71
N GLU G 237 -4.62 32.78 35.79
CA GLU G 237 -3.38 32.98 36.53
C GLU G 237 -2.21 32.24 35.95
N VAL G 238 -1.01 32.68 36.31
CA VAL G 238 0.19 32.00 35.90
C VAL G 238 0.15 30.61 36.47
N ILE G 239 0.45 29.60 35.67
CA ILE G 239 0.42 28.23 36.15
C ILE G 239 1.74 27.53 35.92
N ILE G 240 2.16 26.76 36.91
CA ILE G 240 3.38 26.00 36.77
C ILE G 240 3.02 24.53 36.64
N ARG G 241 3.53 23.93 35.59
CA ARG G 241 3.25 22.55 35.26
C ARG G 241 4.54 21.76 35.33
N SER G 242 4.45 20.52 35.75
CA SER G 242 5.63 19.66 35.71
C SER G 242 5.18 18.23 35.80
N GLU G 243 6.05 17.30 35.43
CA GLU G 243 5.72 15.89 35.58
C GLU G 243 5.90 15.41 37.04
N ASN G 244 7.02 15.82 37.68
CA ASN G 244 7.42 15.52 39.04
C ASN G 244 8.18 16.73 39.59
N ILE G 245 7.46 17.69 40.24
CA ILE G 245 8.01 18.99 40.70
C ILE G 245 9.12 18.83 41.71
N THR G 246 9.05 17.74 42.44
CA THR G 246 9.98 17.32 43.45
C THR G 246 11.38 17.13 42.89
N ASN G 247 11.49 16.56 41.71
CA ASN G 247 12.77 16.26 41.11
C ASN G 247 13.26 17.49 40.35
N ASN G 248 14.34 18.10 40.82
CA ASN G 248 14.83 19.35 40.24
C ASN G 248 15.34 19.15 38.81
N ALA G 249 15.62 17.89 38.49
CA ALA G 249 16.15 17.48 37.21
C ALA G 249 15.07 17.46 36.14
N LYS G 250 13.82 17.52 36.55
CA LYS G 250 12.74 17.52 35.59
C LYS G 250 12.54 18.97 35.21
N ASN G 251 12.33 19.26 33.94
CA ASN G 251 12.15 20.64 33.56
C ASN G 251 10.82 21.16 34.10
N ILE G 252 10.83 22.42 34.51
CA ILE G 252 9.69 23.13 35.04
C ILE G 252 9.10 24.02 33.99
N LEU G 253 7.83 23.81 33.69
CA LEU G 253 7.16 24.56 32.67
C LEU G 253 6.26 25.66 33.19
N VAL G 254 6.51 26.89 32.79
CA VAL G 254 5.71 27.96 33.30
C VAL G 254 4.93 28.65 32.20
N GLN G 255 3.62 28.70 32.38
CA GLN G 255 2.75 29.34 31.40
C GLN G 255 2.16 30.63 31.96
N LEU G 256 2.44 31.73 31.28
CA LEU G 256 1.99 33.03 31.74
C LEU G 256 0.60 33.28 31.28
N ASN G 257 -0.16 34.06 32.04
CA ASN G 257 -1.48 34.47 31.61
C ASN G 257 -1.43 35.79 30.85
N THR G 258 -0.39 36.56 31.14
CA THR G 258 -0.14 37.86 30.53
C THR G 258 1.20 37.77 29.81
N PRO G 259 1.31 38.08 28.52
CA PRO G 259 2.52 37.98 27.75
C PRO G 259 3.47 39.09 28.11
N VAL G 260 4.74 38.88 27.89
CA VAL G 260 5.69 39.97 28.05
C VAL G 260 6.20 40.35 26.68
N GLN G 261 6.08 41.62 26.35
CA GLN G 261 6.51 42.06 25.04
C GLN G 261 8.00 42.18 24.96
N ILE G 262 8.57 41.59 23.94
CA ILE G 262 9.99 41.73 23.71
C ILE G 262 10.27 42.22 22.27
N ASN G 263 11.09 43.28 22.15
CA ASN G 263 11.49 43.93 20.90
C ASN G 263 12.94 43.59 20.56
N CYS G 264 13.17 42.75 19.53
CA CYS G 264 14.49 42.26 19.12
C CYS G 264 14.90 42.84 17.78
N THR G 265 16.06 43.47 17.78
CA THR G 265 16.51 44.06 16.55
C THR G 265 17.98 43.85 16.25
N ARG G 266 18.30 44.02 14.98
CA ARG G 266 19.66 44.06 14.51
C ARG G 266 19.83 45.43 13.87
N PRO G 267 20.50 46.38 14.55
CA PRO G 267 20.67 47.76 14.14
C PRO G 267 21.53 47.94 12.91
N ASN G 268 22.29 46.93 12.58
CA ASN G 268 23.20 47.03 11.45
C ASN G 268 22.45 46.91 10.13
N ASN G 269 22.64 47.92 9.28
CA ASN G 269 22.19 47.93 7.86
C ASN G 269 23.20 47.15 7.01
N ASN G 270 22.81 45.94 6.62
CA ASN G 270 23.62 44.99 5.87
C ASN G 270 23.51 45.03 4.36
N THR G 271 24.66 44.87 3.71
CA THR G 271 24.72 44.74 2.27
C THR G 271 24.67 43.27 1.91
N VAL G 272 23.78 42.88 1.03
CA VAL G 272 23.81 41.50 0.60
C VAL G 272 24.38 41.38 -0.79
N LYS G 273 25.39 40.54 -0.90
CA LYS G 273 26.07 40.32 -2.14
C LYS G 273 25.92 38.90 -2.59
N SER G 274 26.11 38.64 -3.87
CA SER G 274 26.05 37.27 -4.32
C SER G 274 27.02 37.00 -5.42
N ILE G 275 27.37 35.73 -5.52
CA ILE G 275 28.23 35.19 -6.55
C ILE G 275 27.61 33.98 -7.14
N ARG G 276 28.08 33.57 -8.29
CA ARG G 276 27.62 32.31 -8.82
C ARG G 276 28.79 31.36 -8.69
N ILE G 277 28.57 30.24 -8.02
CA ILE G 277 29.65 29.29 -7.77
C ILE G 277 29.58 28.13 -8.72
N GLY G 278 28.39 27.57 -8.87
CA GLY G 278 28.22 26.39 -9.68
C GLY G 278 27.38 26.70 -10.89
N PRO G 279 26.93 25.68 -11.63
CA PRO G 279 26.16 25.77 -12.85
C PRO G 279 24.79 26.28 -12.55
N GLY G 280 24.62 27.58 -12.68
CA GLY G 280 23.35 28.19 -12.35
C GLY G 280 23.13 28.22 -10.83
N GLN G 281 24.19 28.07 -10.05
CA GLN G 281 24.04 28.01 -8.60
C GLN G 281 24.64 29.16 -7.83
N ALA G 282 23.76 30.04 -7.37
CA ALA G 282 24.12 31.26 -6.66
C ALA G 282 24.32 31.05 -5.17
N PHE G 283 25.18 31.89 -4.62
CA PHE G 283 25.49 31.96 -3.21
C PHE G 283 25.32 33.37 -2.66
N TYR G 284 24.68 33.47 -1.50
CA TYR G 284 24.44 34.76 -0.90
C TYR G 284 25.24 34.94 0.36
N TYR G 285 25.85 36.11 0.51
CA TYR G 285 26.69 36.42 1.66
C TYR G 285 26.73 37.89 2.07
N THR G 286 27.15 38.09 3.29
CA THR G 286 27.27 39.39 3.91
C THR G 286 28.41 40.22 3.33
N GLY G 287 28.07 41.45 2.93
CA GLY G 287 29.00 42.43 2.42
C GLY G 287 29.29 43.41 3.53
N ASP G 288 29.74 44.61 3.20
CA ASP G 288 30.06 45.57 4.24
C ASP G 288 28.79 46.10 4.92
N ILE G 289 28.90 46.51 6.17
CA ILE G 289 27.78 47.16 6.84
C ILE G 289 27.82 48.60 6.40
N ILE G 290 26.66 49.11 5.99
CA ILE G 290 26.48 50.46 5.48
C ILE G 290 26.65 51.53 6.55
N GLY G 291 26.06 51.30 7.70
CA GLY G 291 26.13 52.24 8.81
C GLY G 291 27.09 51.71 9.87
N ASP G 292 26.91 52.21 11.09
CA ASP G 292 27.77 51.85 12.21
C ASP G 292 27.66 50.40 12.58
N ILE G 293 28.74 49.79 13.00
CA ILE G 293 28.57 48.43 13.42
C ILE G 293 28.23 48.39 14.89
N ARG G 294 26.96 48.17 15.10
CA ARG G 294 26.30 48.17 16.41
C ARG G 294 25.88 46.75 16.81
N GLN G 295 25.97 46.43 18.10
CA GLN G 295 25.52 45.10 18.53
C GLN G 295 24.01 44.93 18.62
N ALA G 296 23.55 43.75 18.17
CA ALA G 296 22.15 43.32 18.23
C ALA G 296 21.72 43.15 19.68
N HIS G 297 20.47 43.43 19.94
CA HIS G 297 19.96 43.35 21.30
C HIS G 297 18.43 43.24 21.33
N CYS G 298 17.86 42.86 22.51
CA CYS G 298 16.40 42.82 22.76
C CYS G 298 16.00 43.60 24.00
N ASN G 299 14.86 44.27 23.96
CA ASN G 299 14.33 45.00 25.11
C ASN G 299 12.98 44.45 25.58
N VAL G 300 12.75 44.52 26.92
CA VAL G 300 11.44 44.27 27.57
C VAL G 300 11.18 45.44 28.50
N SER G 301 9.91 45.67 28.84
CA SER G 301 9.60 46.71 29.82
C SER G 301 10.10 46.28 31.18
N LYS G 302 10.76 47.19 31.88
CA LYS G 302 11.35 46.81 33.16
C LYS G 302 10.35 46.38 34.22
N ALA G 303 9.29 47.16 34.38
CA ALA G 303 8.34 46.82 35.41
C ALA G 303 7.60 45.57 35.05
N THR G 304 7.27 45.42 33.78
CA THR G 304 6.48 44.29 33.38
C THR G 304 7.22 43.03 33.70
N TRP G 305 8.50 42.99 33.37
CA TRP G 305 9.23 41.79 33.70
C TRP G 305 9.23 41.50 35.19
N ASN G 306 9.50 42.53 36.06
CA ASN G 306 9.58 42.35 37.51
C ASN G 306 8.26 41.86 38.11
N GLU G 307 7.10 42.38 37.63
CA GLU G 307 5.76 42.00 38.06
C GLU G 307 5.48 40.57 37.66
N THR G 308 5.87 40.24 36.44
CA THR G 308 5.65 38.94 35.91
C THR G 308 6.42 37.91 36.70
N LEU G 309 7.67 38.21 37.01
CA LEU G 309 8.43 37.23 37.73
C LEU G 309 7.86 37.05 39.12
N GLY G 310 7.44 38.12 39.77
CA GLY G 310 6.88 37.97 41.11
C GLY G 310 5.66 37.05 41.08
N LYS G 311 4.86 37.12 40.01
CA LYS G 311 3.69 36.27 39.87
C LYS G 311 4.11 34.81 39.78
N VAL G 312 5.23 34.55 39.12
CA VAL G 312 5.71 33.19 39.00
C VAL G 312 6.07 32.68 40.35
N VAL G 313 6.72 33.52 41.13
CA VAL G 313 7.15 33.11 42.43
C VAL G 313 5.94 32.80 43.29
N LYS G 314 4.92 33.62 43.18
CA LYS G 314 3.71 33.37 43.93
C LYS G 314 3.22 31.95 43.67
N GLN G 315 3.36 31.48 42.43
CA GLN G 315 2.94 30.13 42.09
C GLN G 315 3.93 29.12 42.66
N LEU G 316 5.20 29.49 42.81
CA LEU G 316 6.17 28.55 43.37
C LEU G 316 5.76 28.23 44.78
N ARG G 317 5.16 29.18 45.48
CA ARG G 317 4.71 28.96 46.85
C ARG G 317 3.59 27.93 46.97
N LYS G 318 3.07 27.44 45.85
CA LYS G 318 2.06 26.41 45.90
C LYS G 318 2.71 25.03 45.91
N HIS G 319 4.03 25.00 45.68
CA HIS G 319 4.80 23.77 45.63
C HIS G 319 5.86 23.79 46.71
N PHE G 320 6.24 24.99 47.08
CA PHE G 320 7.27 25.27 48.05
C PHE G 320 6.62 26.00 49.21
N GLY G 321 7.22 25.97 50.38
CA GLY G 321 6.57 26.68 51.49
C GLY G 321 6.66 28.19 51.31
N ASN G 322 5.88 28.95 52.12
CA ASN G 322 5.75 30.41 52.06
C ASN G 322 7.09 31.15 52.31
N ASN G 323 7.96 30.57 53.15
CA ASN G 323 9.25 31.10 53.54
C ASN G 323 10.41 30.45 52.81
N THR G 324 10.14 29.80 51.68
CA THR G 324 11.24 29.22 50.92
C THR G 324 11.91 30.38 50.22
N ILE G 325 13.22 30.43 50.25
CA ILE G 325 13.87 31.50 49.55
C ILE G 325 14.01 31.15 48.10
N ILE G 326 13.46 32.00 47.26
CA ILE G 326 13.47 31.76 45.83
C ILE G 326 14.48 32.62 45.12
N ARG G 327 15.51 31.98 44.60
CA ARG G 327 16.60 32.65 43.92
C ARG G 327 16.64 32.39 42.43
N PHE G 328 16.63 33.46 41.65
CA PHE G 328 16.72 33.32 40.20
C PHE G 328 18.08 33.69 39.75
N ALA G 329 18.62 32.87 38.88
CA ALA G 329 19.95 33.07 38.37
C ALA G 329 20.04 32.62 36.94
N GLN G 330 21.06 33.11 36.25
CA GLN G 330 21.35 32.74 34.87
C GLN G 330 21.89 31.32 34.81
N SER G 331 21.71 30.65 33.66
CA SER G 331 22.23 29.29 33.56
C SER G 331 23.70 29.21 33.89
N SER G 332 24.02 28.16 34.63
CA SER G 332 25.36 27.86 35.10
C SER G 332 26.28 27.29 34.04
N GLY G 333 25.73 26.87 32.90
CA GLY G 333 26.59 26.28 31.89
C GLY G 333 25.86 25.70 30.69
N GLY G 334 26.64 25.24 29.72
CA GLY G 334 26.12 24.68 28.48
C GLY G 334 26.62 25.52 27.32
N ASP G 335 26.34 25.09 26.10
CA ASP G 335 26.83 25.85 24.96
C ASP G 335 25.89 27.02 24.72
N LEU G 336 26.17 27.84 23.73
CA LEU G 336 25.37 29.02 23.47
C LEU G 336 23.90 28.66 23.23
N GLU G 337 23.65 27.51 22.58
CA GLU G 337 22.29 27.05 22.27
C GLU G 337 21.53 26.61 23.52
N VAL G 338 22.22 26.50 24.62
CA VAL G 338 21.67 26.08 25.87
C VAL G 338 21.48 27.24 26.80
N THR G 339 22.50 28.08 26.92
CA THR G 339 22.52 29.16 27.89
C THR G 339 21.88 30.45 27.45
N THR G 340 21.71 30.66 26.15
CA THR G 340 21.07 31.87 25.70
C THR G 340 19.78 31.56 25.04
N HIS G 341 19.02 32.62 24.81
CA HIS G 341 17.76 32.56 24.15
C HIS G 341 17.99 32.60 22.68
N SER G 342 17.87 31.43 22.09
CA SER G 342 18.13 31.16 20.71
C SER G 342 16.84 31.18 19.96
N PHE G 343 16.77 32.03 18.94
CA PHE G 343 15.56 32.13 18.14
C PHE G 343 15.79 32.67 16.74
N ASN G 344 14.84 32.39 15.88
CA ASN G 344 14.82 32.88 14.50
C ASN G 344 14.08 34.21 14.38
N CYS G 345 14.78 35.30 14.01
CA CYS G 345 14.23 36.64 13.85
C CYS G 345 14.49 37.11 12.41
N GLY G 346 13.48 36.96 11.58
CA GLY G 346 13.56 37.38 10.20
C GLY G 346 14.33 36.43 9.31
N GLY G 347 14.73 35.29 9.86
CA GLY G 347 15.56 34.33 9.16
C GLY G 347 16.97 34.24 9.77
N GLU G 348 17.38 35.22 10.58
CA GLU G 348 18.71 35.13 11.21
C GLU G 348 18.59 34.71 12.65
N PHE G 349 19.62 34.06 13.16
CA PHE G 349 19.53 33.54 14.51
C PHE G 349 20.25 34.32 15.58
N PHE G 350 19.43 34.73 16.54
CA PHE G 350 19.79 35.52 17.69
C PHE G 350 20.01 34.66 18.89
N TYR G 351 21.03 35.02 19.65
CA TYR G 351 21.44 34.36 20.89
C TYR G 351 21.57 35.37 22.02
N CYS G 352 20.46 35.63 22.73
CA CYS G 352 20.34 36.74 23.68
C CYS G 352 20.60 36.27 25.11
N ASN G 353 21.44 37.02 25.80
CA ASN G 353 21.82 36.67 27.16
C ASN G 353 20.86 37.28 28.19
N THR G 354 20.04 36.41 28.83
CA THR G 354 18.96 36.68 29.77
C THR G 354 19.41 36.86 31.21
N SER G 355 20.68 37.14 31.39
CA SER G 355 21.20 37.34 32.73
C SER G 355 20.56 38.55 33.40
N GLY G 356 20.04 39.48 32.61
CA GLY G 356 19.36 40.65 33.15
C GLY G 356 17.93 40.32 33.57
N LEU G 357 17.45 39.13 33.24
CA LEU G 357 16.10 38.75 33.59
C LEU G 357 16.09 37.85 34.82
N PHE G 358 17.14 37.07 35.00
CA PHE G 358 17.20 36.12 36.11
C PHE G 358 18.39 36.37 37.03
N ASN G 359 18.18 37.28 37.99
CA ASN G 359 19.24 37.78 38.91
C ASN G 359 18.58 38.50 40.09
N SER G 360 17.80 37.75 40.88
CA SER G 360 17.00 38.28 42.03
C SER G 360 16.58 37.25 43.07
N THR G 361 16.17 37.75 44.23
CA THR G 361 15.62 36.90 45.28
C THR G 361 14.24 37.42 45.65
N TRP G 362 13.28 36.52 45.70
CA TRP G 362 11.88 36.84 45.96
C TRP G 362 11.26 36.40 47.28
N ILE G 363 12.07 36.25 48.32
CA ILE G 363 11.55 35.85 49.62
C ILE G 363 10.50 36.80 50.26
N SER G 364 10.59 38.14 50.04
CA SER G 364 9.65 39.13 50.56
C SER G 364 9.74 40.39 49.70
N SER G 376 7.00 51.46 33.94
CA SER G 376 7.51 52.62 34.67
C SER G 376 8.56 53.42 33.86
N ASN G 377 8.33 53.54 32.52
CA ASN G 377 9.14 54.28 31.52
C ASN G 377 10.61 53.89 31.50
N ASP G 378 10.88 52.59 31.62
CA ASP G 378 12.24 52.11 31.60
C ASP G 378 12.28 50.71 31.00
N SER G 379 13.47 50.15 30.88
CA SER G 379 13.61 48.85 30.22
C SER G 379 14.83 48.05 30.60
N ILE G 380 14.77 46.79 30.23
CA ILE G 380 15.86 45.86 30.40
C ILE G 380 16.37 45.44 29.04
N THR G 381 17.66 45.64 28.79
CA THR G 381 18.24 45.28 27.51
C THR G 381 19.14 44.08 27.62
N LEU G 382 18.94 43.11 26.75
CA LEU G 382 19.81 41.96 26.73
C LEU G 382 20.64 42.07 25.46
N PRO G 383 21.94 41.83 25.51
CA PRO G 383 22.82 41.82 24.35
C PRO G 383 22.50 40.54 23.62
N CYS G 384 22.66 40.52 22.28
CA CYS G 384 22.45 39.33 21.45
C CYS G 384 23.62 39.08 20.52
N ARG G 385 23.94 37.81 20.33
CA ARG G 385 24.95 37.41 19.36
C ARG G 385 24.24 36.86 18.15
N ILE G 386 24.89 36.89 16.99
CA ILE G 386 24.29 36.36 15.78
C ILE G 386 25.12 35.25 15.17
N LYS G 387 24.47 34.18 14.73
CA LYS G 387 25.19 33.10 14.03
C LYS G 387 24.56 32.87 12.68
N GLN G 388 25.37 32.49 11.70
CA GLN G 388 24.86 32.19 10.39
C GLN G 388 24.81 30.68 10.07
N ILE G 389 25.67 29.87 10.72
CA ILE G 389 25.64 28.43 10.44
C ILE G 389 24.81 27.80 11.55
N ILE G 390 23.73 27.22 11.14
CA ILE G 390 22.74 26.73 12.04
C ILE G 390 22.65 25.23 12.12
N ASN G 391 22.70 24.71 13.32
CA ASN G 391 22.55 23.29 13.52
C ASN G 391 21.34 23.08 14.39
N MET G 392 20.20 22.94 13.76
CA MET G 392 18.95 22.90 14.48
C MET G 392 18.63 21.43 14.81
N TRP G 393 17.93 21.20 15.93
CA TRP G 393 17.57 19.85 16.43
C TRP G 393 18.72 19.03 16.98
N GLN G 394 19.81 19.68 17.32
CA GLN G 394 20.91 19.01 18.00
C GLN G 394 21.36 17.74 17.30
N ARG G 395 21.43 17.79 15.98
CA ARG G 395 21.82 16.67 15.18
C ARG G 395 23.22 16.83 14.67
N ILE G 396 23.78 15.78 14.10
CA ILE G 396 25.10 15.92 13.51
C ILE G 396 25.07 15.43 12.07
N GLY G 397 26.06 15.85 11.29
CA GLY G 397 26.24 15.41 9.91
C GLY G 397 25.54 16.31 8.90
N GLN G 398 24.71 17.21 9.40
CA GLN G 398 23.92 18.13 8.62
C GLN G 398 23.93 19.52 9.23
N ALA G 399 23.95 20.53 8.38
CA ALA G 399 23.90 21.91 8.83
C ALA G 399 23.30 22.77 7.75
N MET G 400 22.76 23.90 8.18
CA MET G 400 22.16 24.86 7.28
C MET G 400 22.81 26.23 7.35
N TYR G 401 22.94 26.86 6.21
CA TYR G 401 23.46 28.19 6.12
C TYR G 401 22.37 29.19 5.88
N ALA G 402 22.28 30.13 6.77
CA ALA G 402 21.26 31.14 6.65
C ALA G 402 21.81 32.25 5.78
N PRO G 403 21.24 32.55 4.62
CA PRO G 403 21.71 33.59 3.77
C PRO G 403 21.38 34.84 4.56
N PRO G 404 22.09 35.93 4.36
CA PRO G 404 21.95 37.20 5.04
C PRO G 404 20.71 38.00 4.69
N ILE G 405 20.29 38.84 5.62
CA ILE G 405 19.21 39.78 5.42
C ILE G 405 19.68 41.15 5.04
N GLN G 406 19.13 41.65 3.94
CA GLN G 406 19.43 42.99 3.44
C GLN G 406 18.80 44.04 4.33
N GLY G 407 19.58 45.05 4.69
CA GLY G 407 19.03 46.10 5.53
C GLY G 407 19.08 45.72 7.00
N VAL G 408 18.01 46.01 7.74
CA VAL G 408 18.00 45.81 9.19
C VAL G 408 16.93 44.83 9.61
N ILE G 409 17.04 44.32 10.83
CA ILE G 409 16.08 43.35 11.31
C ILE G 409 15.29 43.82 12.50
N ARG G 410 13.96 43.70 12.44
CA ARG G 410 13.15 44.03 13.61
C ARG G 410 12.03 42.99 13.81
N CYS G 411 11.91 42.43 15.03
CA CYS G 411 10.88 41.44 15.42
C CYS G 411 10.25 41.86 16.75
N VAL G 412 8.94 41.69 16.84
CA VAL G 412 8.27 41.89 18.11
C VAL G 412 7.58 40.60 18.46
N SER G 413 7.96 40.03 19.58
CA SER G 413 7.42 38.74 19.99
C SER G 413 6.79 38.81 21.37
N ASN G 414 5.93 37.82 21.67
CA ASN G 414 5.27 37.66 22.96
C ASN G 414 5.91 36.51 23.74
N ILE G 415 6.39 36.79 24.97
CA ILE G 415 6.90 35.77 25.87
C ILE G 415 5.65 35.24 26.52
N THR G 416 5.36 33.99 26.29
CA THR G 416 4.14 33.41 26.78
C THR G 416 4.46 32.43 27.88
N GLY G 417 5.72 32.08 27.99
CA GLY G 417 6.10 31.17 29.03
C GLY G 417 7.60 31.08 29.20
N LEU G 418 7.99 30.21 30.10
CA LEU G 418 9.34 29.96 30.49
C LEU G 418 9.63 28.49 30.70
N ILE G 419 10.74 28.02 30.19
CA ILE G 419 11.11 26.66 30.51
C ILE G 419 12.35 26.79 31.39
N LEU G 420 12.27 26.25 32.59
CA LEU G 420 13.33 26.40 33.59
C LEU G 420 13.73 25.12 34.33
N THR G 421 15.01 24.99 34.74
CA THR G 421 15.38 23.84 35.55
C THR G 421 15.72 24.31 36.98
N ARG G 422 15.76 23.38 37.93
CA ARG G 422 16.08 23.77 39.30
C ARG G 422 17.35 23.08 39.74
N ASP G 423 18.09 23.72 40.64
CA ASP G 423 19.30 23.10 41.15
C ASP G 423 18.91 22.15 42.31
N SER G 429 19.33 23.30 53.77
CA SER G 429 19.05 24.21 52.67
C SER G 429 17.63 24.79 52.80
N THR G 430 17.53 26.14 52.88
CA THR G 430 16.30 26.93 52.99
C THR G 430 16.01 27.67 51.71
N THR G 431 16.84 27.41 50.73
CA THR G 431 16.77 28.10 49.47
C THR G 431 16.63 27.14 48.31
N GLU G 432 16.08 27.65 47.23
CA GLU G 432 16.00 26.96 45.97
C GLU G 432 16.49 27.88 44.87
N THR G 433 17.27 27.33 43.94
CA THR G 433 17.76 28.14 42.83
C THR G 433 17.17 27.68 41.52
N PHE G 434 16.63 28.65 40.83
CA PHE G 434 15.96 28.48 39.58
C PHE G 434 16.78 29.11 38.46
N ARG G 435 17.13 28.31 37.46
CA ARG G 435 17.93 28.80 36.34
C ARG G 435 17.22 28.45 35.03
N PRO G 436 17.00 29.40 34.13
CA PRO G 436 16.24 29.24 32.91
C PRO G 436 16.94 28.32 31.92
N GLY G 437 16.18 27.67 31.06
CA GLY G 437 16.70 26.81 30.01
C GLY G 437 15.84 25.55 29.94
N GLY G 438 15.78 24.94 28.77
CA GLY G 438 15.00 23.73 28.55
C GLY G 438 15.80 22.74 27.75
N GLY G 439 15.11 21.75 27.18
CA GLY G 439 15.72 20.70 26.40
C GLY G 439 15.52 20.94 24.90
N ASP G 440 15.17 19.88 24.20
CA ASP G 440 15.00 19.97 22.76
C ASP G 440 13.60 20.48 22.48
N MET G 441 13.20 20.50 21.22
CA MET G 441 11.94 21.10 20.84
C MET G 441 10.71 20.41 21.39
N ARG G 442 10.87 19.20 21.91
CA ARG G 442 9.72 18.49 22.43
C ARG G 442 9.19 19.19 23.63
N ASP G 443 10.00 19.99 24.32
CA ASP G 443 9.44 20.69 25.46
C ASP G 443 8.46 21.74 24.98
N ASN G 444 8.79 22.35 23.85
CA ASN G 444 7.97 23.42 23.34
C ASN G 444 6.70 22.85 22.78
N TRP G 445 6.83 21.73 22.11
CA TRP G 445 5.66 21.16 21.52
C TRP G 445 4.76 20.61 22.56
N ARG G 446 5.35 19.99 23.56
CA ARG G 446 4.57 19.37 24.56
C ARG G 446 3.67 20.38 25.23
N SER G 447 4.19 21.56 25.58
CA SER G 447 3.32 22.47 26.29
C SER G 447 2.18 22.98 25.43
N GLU G 448 2.42 23.18 24.16
CA GLU G 448 1.35 23.72 23.34
C GLU G 448 0.25 22.70 23.09
N LEU G 449 0.62 21.41 23.10
CA LEU G 449 -0.28 20.29 22.86
C LEU G 449 -1.11 19.94 24.09
N TYR G 450 -0.92 20.66 25.17
CA TYR G 450 -1.66 20.35 26.36
C TYR G 450 -3.11 20.60 26.18
N LYS G 451 -3.85 19.85 27.00
CA LYS G 451 -5.30 19.79 27.05
C LYS G 451 -5.84 18.80 26.06
N TYR G 452 -4.98 18.16 25.26
CA TYR G 452 -5.49 17.18 24.33
C TYR G 452 -4.94 15.77 24.45
N LYS G 453 -5.81 14.78 24.18
CA LYS G 453 -5.40 13.38 24.04
C LYS G 453 -6.20 12.68 22.94
N VAL G 454 -5.63 11.63 22.37
CA VAL G 454 -6.29 10.94 21.27
C VAL G 454 -6.72 9.53 21.62
N VAL G 455 -7.99 9.24 21.38
CA VAL G 455 -8.54 7.94 21.70
C VAL G 455 -9.24 7.31 20.51
N LYS G 456 -9.39 6.00 20.56
CA LYS G 456 -10.08 5.24 19.54
C LYS G 456 -11.49 4.99 19.99
N ILE G 457 -12.40 5.07 19.04
CA ILE G 457 -13.80 4.83 19.29
C ILE G 457 -13.98 3.32 19.40
N GLU G 458 -14.68 2.88 20.44
CA GLU G 458 -14.91 1.45 20.64
C GLU G 458 -16.42 1.16 20.70
N PRO G 459 -17.13 1.13 19.55
CA PRO G 459 -18.57 1.10 19.42
C PRO G 459 -19.28 -0.19 19.79
N LEU G 460 -18.56 -1.29 19.98
CA LEU G 460 -19.25 -2.53 20.24
C LEU G 460 -19.21 -2.95 21.70
N GLY G 461 -20.36 -3.37 22.23
CA GLY G 461 -20.37 -3.88 23.58
C GLY G 461 -21.65 -4.62 23.90
N VAL G 462 -21.68 -5.22 25.08
CA VAL G 462 -22.84 -6.01 25.50
C VAL G 462 -23.35 -5.59 26.86
N ALA G 463 -24.60 -5.93 27.13
CA ALA G 463 -25.23 -5.66 28.42
C ALA G 463 -26.43 -6.60 28.59
N PRO G 464 -26.82 -6.99 29.81
CA PRO G 464 -27.95 -7.84 30.07
C PRO G 464 -29.29 -7.16 29.85
N THR G 465 -30.27 -7.95 29.42
CA THR G 465 -31.63 -7.50 29.30
C THR G 465 -32.64 -8.65 29.25
N ARG G 466 -33.89 -8.30 29.03
CA ARG G 466 -35.02 -9.24 29.02
C ARG G 466 -35.34 -9.97 27.69
N CYS G 467 -34.64 -9.64 26.58
CA CYS G 467 -34.84 -10.14 25.22
C CYS G 467 -33.97 -11.36 24.92
N LYS G 468 -34.62 -12.45 24.55
CA LYS G 468 -33.95 -13.69 24.19
C LYS G 468 -34.27 -14.11 22.74
N ARG G 469 -33.29 -14.39 21.89
CA ARG G 469 -33.67 -14.86 20.51
C ARG G 469 -34.85 -15.85 20.54
N LEU H 2 -27.54 15.38 22.41
CA LEU H 2 -27.46 15.41 20.96
C LEU H 2 -25.99 15.50 20.53
N GLY H 3 -25.69 15.03 19.30
CA GLY H 3 -24.36 15.05 18.67
C GLY H 3 -23.53 13.81 18.93
N PHE H 4 -22.37 13.77 18.30
CA PHE H 4 -21.47 12.66 18.46
C PHE H 4 -20.99 12.62 19.89
N LEU H 5 -21.13 11.47 20.52
CA LEU H 5 -20.82 11.30 21.93
C LEU H 5 -21.62 12.20 22.84
N GLY H 6 -22.77 12.70 22.38
CA GLY H 6 -23.59 13.55 23.22
C GLY H 6 -24.03 12.81 24.49
N ALA H 7 -24.23 11.51 24.39
CA ALA H 7 -24.64 10.68 25.51
C ALA H 7 -23.46 10.13 26.28
N ALA H 8 -22.24 10.45 25.92
CA ALA H 8 -21.17 9.91 26.72
C ALA H 8 -21.33 10.55 28.07
N GLY H 9 -21.25 9.77 29.13
CA GLY H 9 -21.42 10.35 30.46
C GLY H 9 -22.86 10.19 30.93
N SER H 10 -23.77 9.81 30.03
CA SER H 10 -25.15 9.61 30.38
C SER H 10 -25.34 8.16 30.64
N THR H 11 -26.55 7.78 30.95
CA THR H 11 -26.77 6.41 31.29
C THR H 11 -26.80 5.55 30.07
N MET H 12 -26.68 4.26 30.30
CA MET H 12 -26.72 3.29 29.24
C MET H 12 -28.06 3.36 28.54
N GLY H 13 -29.12 3.57 29.31
CA GLY H 13 -30.44 3.65 28.75
C GLY H 13 -30.50 4.83 27.80
N ALA H 14 -30.07 6.00 28.24
CA ALA H 14 -30.15 7.17 27.38
C ALA H 14 -29.34 7.00 26.11
N ALA H 15 -28.17 6.40 26.26
CA ALA H 15 -27.26 6.20 25.18
C ALA H 15 -27.72 5.12 24.23
N SER H 16 -28.59 4.22 24.67
CA SER H 16 -29.01 3.16 23.78
C SER H 16 -29.75 3.69 22.56
N MET H 17 -30.28 4.92 22.61
CA MET H 17 -30.98 5.42 21.44
C MET H 17 -30.14 6.40 20.64
N THR H 18 -28.85 6.53 20.96
CA THR H 18 -27.97 7.47 20.27
C THR H 18 -26.91 6.74 19.47
N LEU H 19 -27.12 5.45 19.28
CA LEU H 19 -26.19 4.56 18.61
C LEU H 19 -25.96 4.97 17.16
N THR H 20 -26.93 5.68 16.62
CA THR H 20 -26.96 6.16 15.26
C THR H 20 -25.84 7.15 15.02
N VAL H 21 -25.89 8.29 15.69
CA VAL H 21 -24.87 9.30 15.50
C VAL H 21 -23.50 8.78 15.87
N GLN H 22 -23.43 7.87 16.83
CA GLN H 22 -22.11 7.43 17.14
C GLN H 22 -21.54 6.61 15.97
N ALA H 23 -22.36 5.72 15.40
CA ALA H 23 -21.96 4.87 14.28
C ALA H 23 -21.67 5.67 13.03
N ARG H 24 -22.37 6.77 12.85
CA ARG H 24 -22.25 7.60 11.66
C ARG H 24 -20.92 8.30 11.54
N ASN H 25 -20.12 8.29 12.59
CA ASN H 25 -18.84 8.94 12.52
C ASN H 25 -17.68 7.97 12.28
N LEU H 26 -18.00 6.75 11.94
CA LEU H 26 -17.00 5.76 11.60
C LEU H 26 -16.72 5.93 10.12
N LEU H 27 -15.52 5.58 9.69
CA LEU H 27 -15.17 5.73 8.26
C LEU H 27 -15.41 7.14 7.68
N THR H 51 6.84 13.47 -1.16
CA THR H 51 5.50 13.30 -0.60
C THR H 51 5.30 11.90 0.04
N HIS H 52 6.37 11.34 0.66
CA HIS H 52 6.38 10.03 1.34
C HIS H 52 5.68 10.09 2.68
N TRP H 53 5.61 11.30 3.26
CA TRP H 53 4.80 11.53 4.48
C TRP H 53 3.33 11.22 4.18
N GLY H 54 2.96 11.27 2.90
CA GLY H 54 1.61 11.13 2.41
C GLY H 54 1.11 9.71 2.65
N ILE H 55 2.07 8.81 2.94
CA ILE H 55 1.75 7.43 3.19
C ILE H 55 0.92 7.36 4.45
N LYS H 56 1.06 8.35 5.32
CA LYS H 56 0.33 8.38 6.56
C LYS H 56 -1.16 8.48 6.35
N GLN H 57 -1.57 9.22 5.34
CA GLN H 57 -2.98 9.42 5.14
C GLN H 57 -3.52 8.18 4.50
N LEU H 58 -2.72 7.56 3.65
CA LEU H 58 -3.18 6.33 3.04
C LEU H 58 -3.37 5.29 4.13
N GLN H 59 -2.40 5.20 5.03
CA GLN H 59 -2.47 4.22 6.09
C GLN H 59 -3.63 4.50 7.01
N ALA H 60 -3.90 5.76 7.32
CA ALA H 60 -4.99 6.05 8.21
C ALA H 60 -6.31 5.62 7.61
N ARG H 61 -6.47 5.84 6.32
CA ARG H 61 -7.70 5.46 5.67
C ARG H 61 -7.87 3.95 5.68
N VAL H 62 -6.77 3.25 5.42
CA VAL H 62 -6.84 1.82 5.38
C VAL H 62 -7.18 1.25 6.74
N LEU H 63 -6.58 1.80 7.78
CA LEU H 63 -6.84 1.32 9.12
C LEU H 63 -8.28 1.55 9.50
N ALA H 64 -8.85 2.69 9.12
CA ALA H 64 -10.24 2.90 9.48
C ALA H 64 -11.09 1.80 8.89
N VAL H 65 -10.76 1.40 7.68
CA VAL H 65 -11.49 0.33 7.05
C VAL H 65 -11.28 -0.95 7.79
N GLU H 66 -10.04 -1.25 8.18
CA GLU H 66 -9.79 -2.50 8.86
C GLU H 66 -10.58 -2.60 10.16
N HIS H 67 -10.68 -1.51 10.90
CA HIS H 67 -11.39 -1.58 12.16
C HIS H 67 -12.87 -1.78 11.93
N TYR H 68 -13.40 -1.08 10.94
CA TYR H 68 -14.79 -1.18 10.60
C TYR H 68 -15.16 -2.59 10.23
N LEU H 69 -14.36 -3.19 9.36
CA LEU H 69 -14.67 -4.52 8.92
C LEU H 69 -14.53 -5.53 10.02
N ARG H 70 -13.59 -5.35 10.95
CA ARG H 70 -13.53 -6.35 12.01
C ARG H 70 -14.86 -6.37 12.76
N ASP H 71 -15.45 -5.20 13.02
CA ASP H 71 -16.72 -5.23 13.73
C ASP H 71 -17.81 -5.82 12.88
N GLN H 72 -17.82 -5.52 11.60
CA GLN H 72 -18.90 -6.04 10.79
C GLN H 72 -18.80 -7.54 10.65
N GLN H 73 -17.58 -8.05 10.54
CA GLN H 73 -17.36 -9.47 10.40
C GLN H 73 -17.81 -10.20 11.63
N LEU H 74 -17.54 -9.64 12.80
CA LEU H 74 -17.93 -10.30 14.03
C LEU H 74 -19.43 -10.33 14.19
N LEU H 75 -20.08 -9.23 13.84
CA LEU H 75 -21.52 -9.19 13.93
C LEU H 75 -22.06 -10.19 12.94
N GLY H 76 -21.39 -10.33 11.80
CA GLY H 76 -21.78 -11.29 10.80
C GLY H 76 -21.73 -12.69 11.41
N ILE H 77 -20.64 -13.03 12.09
CA ILE H 77 -20.48 -14.34 12.69
C ILE H 77 -21.56 -14.65 13.70
N TRP H 78 -21.92 -13.67 14.50
CA TRP H 78 -22.95 -13.84 15.50
C TRP H 78 -24.37 -13.75 14.96
N GLY H 79 -24.53 -13.43 13.67
CA GLY H 79 -25.87 -13.24 13.12
C GLY H 79 -26.55 -11.91 13.52
N CYS H 80 -25.76 -10.87 13.88
CA CYS H 80 -26.19 -9.56 14.37
C CYS H 80 -25.88 -8.46 13.36
N SER H 81 -25.41 -8.82 12.19
CA SER H 81 -25.05 -7.77 11.28
C SER H 81 -26.29 -7.09 10.78
N GLY H 82 -26.11 -5.83 10.40
CA GLY H 82 -27.19 -5.07 9.80
C GLY H 82 -28.07 -4.35 10.82
N LYS H 83 -27.84 -4.56 12.12
CA LYS H 83 -28.70 -3.92 13.11
C LYS H 83 -27.91 -3.20 14.19
N LEU H 84 -28.53 -2.20 14.83
CA LEU H 84 -27.88 -1.51 15.94
C LEU H 84 -27.92 -2.39 17.17
N ILE H 85 -28.99 -3.15 17.30
CA ILE H 85 -29.11 -4.03 18.46
C ILE H 85 -29.47 -5.45 17.99
N CYS H 86 -29.05 -6.46 18.77
CA CYS H 86 -29.26 -7.90 18.51
C CYS H 86 -29.47 -8.72 19.78
N CYS H 87 -30.48 -9.59 19.74
CA CYS H 87 -30.78 -10.46 20.86
C CYS H 87 -30.20 -11.86 20.63
N THR H 88 -29.75 -12.45 21.72
CA THR H 88 -29.12 -13.77 21.74
C THR H 88 -29.80 -14.74 22.65
N ASN H 89 -29.28 -15.97 22.66
CA ASN H 89 -29.75 -17.03 23.55
C ASN H 89 -28.78 -17.25 24.70
N VAL H 90 -27.69 -16.49 24.73
CA VAL H 90 -26.72 -16.62 25.79
C VAL H 90 -27.22 -15.88 27.02
N PRO H 91 -27.37 -16.55 28.17
CA PRO H 91 -27.83 -16.00 29.43
C PRO H 91 -26.76 -15.13 30.00
N TRP H 92 -27.14 -14.19 30.81
CA TRP H 92 -26.13 -13.40 31.52
C TRP H 92 -25.74 -14.17 32.78
N ASN H 93 -24.42 -14.22 33.09
CA ASN H 93 -23.86 -14.88 34.26
C ASN H 93 -23.59 -13.88 35.40
N SER H 94 -24.13 -14.18 36.61
CA SER H 94 -23.95 -13.40 37.83
C SER H 94 -22.52 -13.54 38.33
N SER H 95 -21.82 -14.57 37.82
CA SER H 95 -20.42 -14.81 38.16
C SER H 95 -19.53 -13.82 37.42
N TRP H 96 -20.06 -13.16 36.40
CA TRP H 96 -19.29 -12.19 35.67
C TRP H 96 -19.41 -10.92 36.47
N SER H 97 -20.67 -10.56 36.69
CA SER H 97 -21.02 -9.44 37.52
C SER H 97 -22.45 -9.60 37.95
N ASN H 98 -22.78 -8.96 39.04
CA ASN H 98 -24.14 -9.02 39.52
C ASN H 98 -24.63 -7.66 39.92
N ARG H 99 -25.25 -6.99 38.96
CA ARG H 99 -25.77 -5.65 39.11
C ARG H 99 -27.21 -5.69 38.61
N ASN H 100 -28.12 -5.00 39.29
CA ASN H 100 -29.52 -5.02 38.92
C ASN H 100 -29.78 -4.25 37.64
N LEU H 101 -30.82 -4.61 36.88
CA LEU H 101 -31.11 -3.81 35.68
C LEU H 101 -31.46 -2.37 36.05
N SER H 102 -32.02 -2.17 37.24
CA SER H 102 -32.39 -0.84 37.73
C SER H 102 -31.15 0.00 38.02
N GLU H 103 -30.00 -0.67 38.07
CA GLU H 103 -28.75 -0.02 38.29
C GLU H 103 -28.00 0.08 36.94
N ILE H 104 -28.12 -0.95 36.11
CA ILE H 104 -27.40 -1.01 34.84
C ILE H 104 -27.91 -0.05 33.80
N TRP H 105 -29.20 0.03 33.59
CA TRP H 105 -29.63 0.92 32.54
C TRP H 105 -29.83 2.35 33.00
N ASP H 106 -30.14 2.52 34.29
CA ASP H 106 -30.42 3.84 34.85
C ASP H 106 -29.33 4.55 35.65
N ASN H 107 -28.43 3.82 36.32
CA ASN H 107 -27.44 4.48 37.18
C ASN H 107 -26.03 4.18 36.74
N MET H 108 -25.90 3.67 35.55
CA MET H 108 -24.64 3.29 34.96
C MET H 108 -24.51 3.89 33.59
N THR H 109 -23.30 4.32 33.25
CA THR H 109 -23.01 4.86 31.94
C THR H 109 -22.30 3.80 31.14
N TRP H 110 -22.21 3.97 29.82
CA TRP H 110 -21.48 2.95 29.07
C TRP H 110 -20.00 2.99 29.33
N LEU H 111 -19.47 4.15 29.67
CA LEU H 111 -18.04 4.19 29.92
C LEU H 111 -17.69 3.36 31.13
N GLN H 112 -18.48 3.47 32.19
CA GLN H 112 -18.19 2.70 33.38
C GLN H 112 -18.51 1.23 33.19
N TRP H 113 -19.57 0.97 32.45
CA TRP H 113 -19.98 -0.39 32.21
C TRP H 113 -18.92 -1.13 31.48
N ASP H 114 -18.37 -0.48 30.46
CA ASP H 114 -17.35 -1.08 29.65
C ASP H 114 -16.17 -1.47 30.54
N LYS H 115 -15.83 -0.62 31.51
CA LYS H 115 -14.75 -0.99 32.39
C LYS H 115 -15.12 -2.22 33.21
N GLU H 116 -16.35 -2.28 33.71
CA GLU H 116 -16.73 -3.41 34.54
C GLU H 116 -16.70 -4.74 33.81
N ILE H 117 -16.99 -4.72 32.52
CA ILE H 117 -17.05 -5.97 31.82
C ILE H 117 -15.76 -6.32 31.07
N SER H 118 -14.71 -5.55 31.30
CA SER H 118 -13.49 -5.79 30.55
C SER H 118 -12.85 -7.15 30.88
N ASN H 119 -13.14 -7.70 32.05
CA ASN H 119 -12.59 -8.99 32.43
C ASN H 119 -13.19 -10.17 31.70
N TYR H 120 -14.41 -10.04 31.19
CA TYR H 120 -15.11 -11.17 30.60
C TYR H 120 -15.84 -10.95 29.29
N THR H 121 -15.71 -9.79 28.67
CA THR H 121 -16.39 -9.56 27.41
C THR H 121 -15.99 -10.59 26.37
N GLN H 122 -14.74 -10.96 26.34
CA GLN H 122 -14.23 -11.91 25.37
C GLN H 122 -14.79 -13.33 25.59
N ILE H 123 -15.28 -13.61 26.79
CA ILE H 123 -15.85 -14.90 27.10
C ILE H 123 -17.17 -14.91 26.44
N ILE H 124 -17.86 -13.80 26.61
CA ILE H 124 -19.16 -13.62 26.04
C ILE H 124 -19.07 -13.72 24.55
N TYR H 125 -18.08 -13.09 23.94
CA TYR H 125 -18.02 -13.16 22.51
C TYR H 125 -17.88 -14.60 22.05
N GLY H 126 -17.06 -15.39 22.73
CA GLY H 126 -16.95 -16.79 22.33
C GLY H 126 -18.29 -17.51 22.47
N LEU H 127 -19.02 -17.20 23.53
CA LEU H 127 -20.30 -17.85 23.76
C LEU H 127 -21.30 -17.48 22.67
N LEU H 128 -21.24 -16.23 22.21
CA LEU H 128 -22.17 -15.80 21.19
C LEU H 128 -21.91 -16.55 19.90
N GLU H 129 -20.64 -16.81 19.59
CA GLU H 129 -20.34 -17.54 18.37
C GLU H 129 -20.90 -18.95 18.48
N GLU H 130 -20.77 -19.55 19.66
CA GLU H 130 -21.26 -20.91 19.83
C GLU H 130 -22.76 -20.97 19.66
N SER H 131 -23.47 -19.98 20.19
CA SER H 131 -24.92 -20.00 20.05
C SER H 131 -25.34 -19.81 18.62
N GLN H 132 -24.65 -18.96 17.87
CA GLN H 132 -25.07 -18.81 16.50
C GLN H 132 -24.80 -20.07 15.73
N ASN H 133 -23.72 -20.78 16.05
CA ASN H 133 -23.42 -22.00 15.34
C ASN H 133 -24.49 -23.05 15.57
N GLN H 134 -25.00 -23.12 16.79
CA GLN H 134 -26.05 -24.09 17.04
C GLN H 134 -27.29 -23.71 16.25
N GLN H 135 -27.57 -22.40 16.15
CA GLN H 135 -28.75 -22.01 15.43
C GLN H 135 -28.63 -22.34 13.97
N GLU H 136 -27.45 -22.18 13.40
CA GLU H 136 -27.32 -22.47 11.99
C GLU H 136 -27.42 -23.96 11.77
N LYS H 137 -26.93 -24.77 12.70
CA LYS H 137 -27.06 -26.19 12.57
C LYS H 137 -28.52 -26.56 12.59
N ASN H 138 -29.29 -25.92 13.46
CA ASN H 138 -30.69 -26.24 13.60
C ASN H 138 -31.43 -25.85 12.33
N GLU H 139 -31.01 -24.73 11.72
CA GLU H 139 -31.65 -24.29 10.51
C GLU H 139 -31.34 -25.28 9.43
N GLN H 140 -30.11 -25.80 9.42
CA GLN H 140 -29.75 -26.74 8.39
C GLN H 140 -30.53 -28.02 8.50
N ASP H 141 -30.84 -28.49 9.71
CA ASP H 141 -31.63 -29.71 9.80
C ASP H 141 -33.00 -29.54 9.14
N LEU H 142 -33.60 -28.36 9.26
CA LEU H 142 -34.88 -28.11 8.62
C LEU H 142 -34.73 -27.88 7.12
N LEU H 143 -33.73 -27.10 6.74
CA LEU H 143 -33.52 -26.77 5.34
C LEU H 143 -33.18 -28.00 4.47
#